data_2A7Y
#
_entry.id   2A7Y
#
_cell.length_a   1.000
_cell.length_b   1.000
_cell.length_c   1.000
_cell.angle_alpha   90.00
_cell.angle_beta   90.00
_cell.angle_gamma   90.00
#
_symmetry.space_group_name_H-M   'P 1'
#
_entity_poly.entity_id   1
_entity_poly.type   'polypeptide(L)'
_entity_poly.pdbx_seq_one_letter_code
;GSHMHAKVGDYLVVKGTTTERHDQHAEIIEVRSADGSPPYVVRWLVNGHETTVYPGSDAVVVTATEHAEAEKRAAARAGH
AAT
;
_entity_poly.pdbx_strand_id   A
#
# COMPACT_ATOMS: atom_id res chain seq x y z
N MET A 4 -3.39 -7.59 10.98
CA MET A 4 -2.39 -6.89 10.14
C MET A 4 -1.53 -5.96 11.02
N HIS A 5 -0.22 -6.00 10.82
CA HIS A 5 0.69 -5.13 11.54
C HIS A 5 1.59 -4.41 10.55
N ALA A 6 1.67 -3.10 10.67
CA ALA A 6 2.39 -2.29 9.70
C ALA A 6 3.78 -1.93 10.19
N LYS A 7 4.63 -1.54 9.26
CA LYS A 7 6.00 -1.14 9.56
C LYS A 7 6.44 -0.06 8.58
N VAL A 8 7.28 0.86 9.03
CA VAL A 8 7.76 1.94 8.18
C VAL A 8 8.99 1.49 7.40
N GLY A 9 9.08 1.93 6.16
CA GLY A 9 10.17 1.52 5.30
C GLY A 9 9.78 0.31 4.49
N ASP A 10 8.53 -0.09 4.62
CA ASP A 10 8.02 -1.27 3.93
C ASP A 10 6.86 -0.87 3.06
N TYR A 11 6.39 -1.79 2.25
CA TYR A 11 5.36 -1.46 1.30
C TYR A 11 4.03 -2.12 1.67
N LEU A 12 2.96 -1.43 1.36
CA LEU A 12 1.62 -1.87 1.68
C LEU A 12 0.99 -2.51 0.45
N VAL A 13 0.27 -3.60 0.71
CA VAL A 13 -0.48 -4.33 -0.30
C VAL A 13 -1.90 -4.58 0.19
N VAL A 14 -2.84 -4.68 -0.72
CA VAL A 14 -4.21 -5.05 -0.39
C VAL A 14 -4.69 -6.10 -1.38
N LYS A 15 -5.62 -6.96 -0.94
CA LYS A 15 -6.27 -7.96 -1.80
C LYS A 15 -5.39 -9.17 -2.07
N GLY A 16 -6.03 -10.34 -2.03
CA GLY A 16 -5.41 -11.56 -2.50
C GLY A 16 -4.34 -12.13 -1.57
N THR A 17 -4.69 -12.40 -0.32
CA THR A 17 -3.74 -12.99 0.60
C THR A 17 -3.42 -14.44 0.23
N THR A 18 -4.28 -15.02 -0.61
CA THR A 18 -4.06 -16.37 -1.13
C THR A 18 -2.84 -16.39 -2.05
N THR A 19 -2.41 -15.20 -2.46
CA THR A 19 -1.27 -15.02 -3.34
C THR A 19 -1.61 -15.39 -4.78
N GLU A 20 -2.18 -14.42 -5.48
CA GLU A 20 -2.45 -14.53 -6.91
C GLU A 20 -2.43 -13.12 -7.47
N ARG A 21 -3.33 -12.28 -6.96
CA ARG A 21 -3.40 -10.90 -7.37
C ARG A 21 -3.26 -9.98 -6.15
N HIS A 22 -2.10 -9.36 -6.02
CA HIS A 22 -1.84 -8.42 -4.94
C HIS A 22 -1.92 -6.99 -5.45
N ASP A 23 -2.93 -6.26 -5.00
CA ASP A 23 -3.14 -4.89 -5.47
C ASP A 23 -2.82 -3.88 -4.38
N GLN A 24 -3.27 -2.64 -4.61
CA GLN A 24 -3.09 -1.51 -3.70
C GLN A 24 -1.71 -1.49 -3.05
N HIS A 25 -0.75 -0.90 -3.76
CA HIS A 25 0.65 -0.91 -3.34
C HIS A 25 1.15 0.50 -3.09
N ALA A 26 2.06 0.64 -2.13
CA ALA A 26 2.81 1.89 -1.91
C ALA A 26 3.82 1.73 -0.80
N GLU A 27 4.59 2.78 -0.54
CA GLU A 27 5.55 2.75 0.54
C GLU A 27 4.99 3.42 1.79
N ILE A 28 5.05 2.69 2.89
CA ILE A 28 4.63 3.22 4.17
C ILE A 28 5.81 3.91 4.84
N ILE A 29 5.81 5.23 4.79
CA ILE A 29 6.86 6.03 5.43
C ILE A 29 6.32 6.68 6.70
N GLU A 30 5.01 6.77 6.79
CA GLU A 30 4.35 7.34 7.95
C GLU A 30 3.19 6.45 8.37
N VAL A 31 3.34 5.80 9.51
CA VAL A 31 2.33 4.88 9.99
C VAL A 31 1.45 5.58 11.03
N ARG A 32 0.17 5.73 10.71
CA ARG A 32 -0.77 6.37 11.62
C ARG A 32 -1.40 5.36 12.57
N SER A 33 -0.63 4.34 12.91
CA SER A 33 -1.07 3.31 13.84
C SER A 33 0.13 2.78 14.61
N ALA A 34 -0.11 2.37 15.84
CA ALA A 34 0.95 1.79 16.65
C ALA A 34 1.09 0.31 16.36
N ASP A 35 0.08 -0.25 15.70
CA ASP A 35 0.05 -1.67 15.42
C ASP A 35 -0.25 -1.95 13.96
N GLY A 36 -1.49 -1.69 13.54
CA GLY A 36 -1.89 -1.99 12.18
C GLY A 36 -3.33 -1.67 11.90
N SER A 37 -3.62 -0.39 11.76
CA SER A 37 -4.97 0.07 11.45
C SER A 37 -4.92 1.31 10.58
N PRO A 38 -5.72 1.33 9.50
CA PRO A 38 -5.81 2.50 8.60
C PRO A 38 -6.34 3.75 9.33
N PRO A 39 -6.10 4.94 8.78
CA PRO A 39 -5.41 5.12 7.50
C PRO A 39 -3.89 5.14 7.64
N TYR A 40 -3.22 5.29 6.51
CA TYR A 40 -1.76 5.36 6.47
C TYR A 40 -1.33 6.52 5.60
N VAL A 41 -0.15 7.07 5.86
CA VAL A 41 0.41 8.07 4.97
C VAL A 41 1.41 7.36 4.09
N VAL A 42 1.12 7.40 2.81
CA VAL A 42 1.76 6.52 1.87
C VAL A 42 2.39 7.30 0.72
N ARG A 43 3.48 6.79 0.21
CA ARG A 43 4.13 7.40 -0.94
C ARG A 43 4.09 6.46 -2.13
N TRP A 44 3.70 6.99 -3.26
CA TRP A 44 3.84 6.29 -4.52
C TRP A 44 5.25 6.56 -5.04
N LEU A 45 6.15 5.62 -4.87
CA LEU A 45 7.55 5.86 -5.21
C LEU A 45 7.78 5.67 -6.69
N VAL A 46 7.42 4.48 -7.17
CA VAL A 46 7.59 4.13 -8.55
C VAL A 46 6.55 4.82 -9.41
N ASN A 47 5.62 5.48 -8.76
CA ASN A 47 4.65 6.31 -9.44
C ASN A 47 5.07 7.78 -9.37
N GLY A 48 5.11 8.32 -8.16
CA GLY A 48 5.64 9.67 -7.98
C GLY A 48 4.65 10.65 -7.35
N HIS A 49 4.33 10.44 -6.07
CA HIS A 49 3.52 11.41 -5.31
C HIS A 49 3.31 10.94 -3.88
N GLU A 50 3.03 11.88 -2.98
CA GLU A 50 2.76 11.55 -1.58
C GLU A 50 1.28 11.81 -1.27
N THR A 51 0.73 11.06 -0.32
CA THR A 51 -0.68 11.21 0.05
C THR A 51 -1.04 10.34 1.24
N THR A 52 -2.29 10.43 1.63
CA THR A 52 -2.85 9.62 2.70
C THR A 52 -4.00 8.78 2.15
N VAL A 53 -3.93 7.46 2.32
CA VAL A 53 -4.89 6.57 1.68
C VAL A 53 -5.54 5.62 2.67
N TYR A 54 -6.68 5.07 2.27
CA TYR A 54 -7.36 4.03 3.02
C TYR A 54 -7.30 2.73 2.24
N PRO A 55 -6.47 1.78 2.68
CA PRO A 55 -6.39 0.44 2.08
C PRO A 55 -7.63 -0.40 2.42
N GLY A 56 -7.65 -1.64 1.94
CA GLY A 56 -8.81 -2.48 2.16
C GLY A 56 -8.46 -3.79 2.84
N SER A 57 -9.32 -4.79 2.62
CA SER A 57 -9.13 -6.10 3.23
C SER A 57 -7.94 -6.83 2.61
N ASP A 58 -7.38 -7.78 3.35
CA ASP A 58 -6.28 -8.61 2.87
C ASP A 58 -5.02 -7.78 2.66
N ALA A 59 -4.79 -6.85 3.57
CA ALA A 59 -3.61 -5.99 3.51
C ALA A 59 -2.36 -6.73 3.96
N VAL A 60 -1.32 -6.68 3.14
CA VAL A 60 -0.07 -7.39 3.39
C VAL A 60 1.10 -6.41 3.33
N VAL A 61 2.25 -6.80 3.85
CA VAL A 61 3.44 -5.94 3.85
C VAL A 61 4.55 -6.56 2.99
N VAL A 62 4.96 -5.84 1.95
CA VAL A 62 5.98 -6.30 1.05
C VAL A 62 7.25 -5.45 1.14
N THR A 63 8.24 -5.82 0.35
CA THR A 63 9.52 -5.12 0.31
C THR A 63 9.81 -4.57 -1.09
N ALA A 64 11.03 -4.09 -1.30
CA ALA A 64 11.45 -3.36 -2.51
C ALA A 64 11.02 -4.01 -3.83
N THR A 65 11.28 -5.30 -4.01
CA THR A 65 11.05 -5.92 -5.31
C THR A 65 9.57 -6.04 -5.61
N GLU A 66 8.81 -6.36 -4.60
CA GLU A 66 7.37 -6.51 -4.72
C GLU A 66 6.74 -5.15 -5.00
N HIS A 67 7.53 -4.12 -4.73
CA HIS A 67 7.10 -2.74 -4.88
C HIS A 67 7.20 -2.21 -6.31
N ALA A 68 8.24 -2.50 -7.06
CA ALA A 68 8.49 -1.77 -8.32
C ALA A 68 7.30 -1.88 -9.27
N GLU A 69 7.17 -3.04 -9.85
CA GLU A 69 6.15 -3.32 -10.85
C GLU A 69 4.74 -3.27 -10.25
N ALA A 70 4.58 -3.98 -9.14
CA ALA A 70 3.29 -4.14 -8.53
C ALA A 70 2.76 -2.83 -7.96
N GLU A 71 3.64 -1.94 -7.49
CA GLU A 71 3.18 -0.67 -6.94
C GLU A 71 2.77 0.27 -8.03
N LYS A 72 3.43 0.21 -9.18
CA LYS A 72 2.96 1.00 -10.32
C LYS A 72 1.48 0.69 -10.60
N ARG A 73 1.21 -0.57 -10.93
CA ARG A 73 -0.16 -0.96 -11.30
C ARG A 73 -1.12 -0.83 -10.12
N ALA A 74 -0.68 -1.31 -8.97
CA ALA A 74 -1.55 -1.40 -7.81
C ALA A 74 -1.73 -0.07 -7.10
N ALA A 75 -0.88 0.91 -7.36
CA ALA A 75 -1.10 2.26 -6.84
C ALA A 75 -2.17 2.92 -7.68
N ALA A 76 -2.15 2.64 -8.97
CA ALA A 76 -3.24 3.06 -9.84
C ALA A 76 -4.56 2.45 -9.35
N ARG A 77 -4.46 1.29 -8.72
CA ARG A 77 -5.62 0.65 -8.08
C ARG A 77 -5.99 1.35 -6.75
N ALA A 78 -5.03 1.39 -5.82
CA ALA A 78 -5.22 1.97 -4.47
C ALA A 78 -5.62 3.44 -4.52
N GLY A 79 -4.70 4.27 -5.00
CA GLY A 79 -4.87 5.71 -4.92
C GLY A 79 -5.72 6.26 -6.04
N HIS A 80 -6.63 5.44 -6.56
CA HIS A 80 -7.55 5.89 -7.58
C HIS A 80 -8.72 6.59 -6.92
N ALA A 81 -8.95 6.23 -5.66
CA ALA A 81 -10.02 6.81 -4.86
C ALA A 81 -9.63 6.74 -3.39
N ALA A 82 -10.55 7.15 -2.51
CA ALA A 82 -10.34 7.12 -1.06
C ALA A 82 -9.23 8.09 -0.63
N THR A 83 -8.82 8.95 -1.53
CA THR A 83 -7.81 9.95 -1.24
C THR A 83 -8.49 11.28 -0.91
N MET A 4 -3.59 -6.03 10.56
CA MET A 4 -2.32 -5.66 9.89
C MET A 4 -1.38 -4.95 10.87
N HIS A 5 -0.11 -4.90 10.52
CA HIS A 5 0.91 -4.19 11.27
C HIS A 5 1.84 -3.48 10.29
N ALA A 6 2.26 -2.28 10.60
CA ALA A 6 2.88 -1.41 9.60
C ALA A 6 4.09 -0.67 10.17
N LYS A 7 5.11 -0.59 9.33
CA LYS A 7 6.41 -0.06 9.68
C LYS A 7 6.94 0.81 8.54
N VAL A 8 7.58 1.92 8.85
CA VAL A 8 8.16 2.78 7.83
C VAL A 8 9.32 2.06 7.09
N GLY A 9 9.53 2.38 5.80
CA GLY A 9 10.52 1.67 4.99
C GLY A 9 9.97 0.34 4.51
N ASP A 10 8.66 0.27 4.63
CA ASP A 10 7.86 -0.96 4.52
C ASP A 10 6.64 -0.64 3.74
N TYR A 11 6.18 -1.56 2.94
CA TYR A 11 5.61 -1.36 1.63
C TYR A 11 4.38 -2.25 1.58
N LEU A 12 3.29 -1.81 0.96
CA LEU A 12 1.97 -2.29 1.31
C LEU A 12 1.17 -2.58 0.05
N VAL A 13 0.43 -3.68 0.15
CA VAL A 13 -0.22 -4.38 -0.96
C VAL A 13 -1.59 -4.81 -0.52
N VAL A 14 -2.60 -4.75 -1.39
CA VAL A 14 -3.88 -5.30 -0.97
C VAL A 14 -4.49 -6.07 -2.12
N LYS A 15 -5.09 -7.21 -1.80
CA LYS A 15 -5.48 -8.15 -2.83
C LYS A 15 -6.94 -8.00 -3.23
N GLY A 16 -7.15 -7.61 -4.47
CA GLY A 16 -8.47 -7.68 -5.05
C GLY A 16 -8.82 -9.12 -5.36
N THR A 17 -9.63 -9.72 -4.49
CA THR A 17 -9.96 -11.14 -4.61
C THR A 17 -10.83 -11.42 -5.85
N THR A 18 -11.06 -10.38 -6.64
CA THR A 18 -11.74 -10.52 -7.92
C THR A 18 -10.98 -11.51 -8.80
N THR A 19 -9.74 -11.16 -9.12
CA THR A 19 -8.88 -12.02 -9.90
C THR A 19 -7.89 -12.75 -8.99
N GLU A 20 -7.96 -12.45 -7.70
CA GLU A 20 -7.13 -13.10 -6.67
C GLU A 20 -5.66 -12.72 -6.81
N ARG A 21 -5.41 -11.56 -7.38
CA ARG A 21 -4.06 -11.04 -7.55
C ARG A 21 -3.79 -9.94 -6.54
N HIS A 22 -2.57 -9.39 -6.56
CA HIS A 22 -2.23 -8.34 -5.62
C HIS A 22 -2.34 -6.96 -6.28
N ASP A 23 -3.28 -6.16 -5.80
CA ASP A 23 -3.55 -4.85 -6.36
C ASP A 23 -3.39 -3.75 -5.33
N GLN A 24 -2.19 -3.18 -5.30
CA GLN A 24 -1.84 -1.97 -4.56
C GLN A 24 -0.41 -2.05 -4.16
N HIS A 25 0.40 -1.03 -4.45
CA HIS A 25 1.55 -0.82 -3.61
C HIS A 25 1.75 0.66 -3.32
N ALA A 26 2.03 0.85 -2.07
CA ALA A 26 2.28 2.12 -1.42
C ALA A 26 3.38 1.96 -0.41
N GLU A 27 4.25 2.91 -0.19
CA GLU A 27 5.29 2.62 0.77
C GLU A 27 5.49 3.76 1.70
N ILE A 28 5.66 3.28 2.91
CA ILE A 28 5.25 3.95 4.09
C ILE A 28 6.40 4.66 4.74
N ILE A 29 6.24 5.98 4.81
CA ILE A 29 7.20 6.85 5.46
C ILE A 29 6.58 7.50 6.69
N GLU A 30 5.27 7.29 6.85
CA GLU A 30 4.55 7.78 8.01
C GLU A 30 3.56 6.71 8.47
N VAL A 31 3.57 6.44 9.76
CA VAL A 31 2.89 5.28 10.32
C VAL A 31 2.17 5.68 11.60
N ARG A 32 0.87 5.87 11.50
CA ARG A 32 0.04 6.29 12.63
C ARG A 32 -0.87 5.16 13.07
N SER A 33 -0.29 4.00 13.36
CA SER A 33 -1.08 2.83 13.67
C SER A 33 -0.57 2.12 14.92
N ALA A 34 -1.37 2.13 15.98
CA ALA A 34 -1.02 1.42 17.20
C ALA A 34 -1.42 -0.05 17.09
N ASP A 35 -2.59 -0.28 16.53
CA ASP A 35 -3.09 -1.63 16.28
C ASP A 35 -2.64 -2.10 14.91
N GLY A 36 -2.06 -1.19 14.16
CA GLY A 36 -1.69 -1.47 12.79
C GLY A 36 -2.86 -1.24 11.84
N SER A 37 -3.83 -0.48 12.31
CA SER A 37 -5.03 -0.19 11.54
C SER A 37 -4.86 1.07 10.71
N PRO A 38 -5.57 1.16 9.56
CA PRO A 38 -5.58 2.35 8.72
C PRO A 38 -6.18 3.55 9.45
N PRO A 39 -5.97 4.78 8.94
CA PRO A 39 -5.23 5.02 7.69
C PRO A 39 -3.72 4.99 7.86
N TYR A 40 -3.04 5.34 6.78
CA TYR A 40 -1.58 5.44 6.78
C TYR A 40 -1.21 6.68 5.99
N VAL A 41 0.06 7.05 6.00
CA VAL A 41 0.48 8.20 5.22
C VAL A 41 1.77 7.84 4.57
N VAL A 42 1.67 7.84 3.29
CA VAL A 42 2.48 6.99 2.48
C VAL A 42 2.93 7.77 1.26
N ARG A 43 3.72 7.14 0.45
CA ARG A 43 4.09 7.71 -0.81
C ARG A 43 4.06 6.62 -1.82
N TRP A 44 3.68 6.97 -3.02
CA TRP A 44 3.60 6.01 -4.08
C TRP A 44 4.84 6.23 -4.90
N LEU A 45 5.88 5.57 -4.43
CA LEU A 45 7.26 5.99 -4.64
C LEU A 45 7.63 6.04 -6.11
N VAL A 46 7.68 4.87 -6.73
CA VAL A 46 8.10 4.77 -8.10
C VAL A 46 7.18 5.56 -9.01
N ASN A 47 5.91 5.63 -8.64
CA ASN A 47 4.97 6.51 -9.32
C ASN A 47 5.43 7.97 -9.19
N GLY A 48 5.47 8.47 -7.96
CA GLY A 48 5.96 9.80 -7.68
C GLY A 48 4.92 10.72 -7.03
N HIS A 49 4.30 10.25 -5.95
CA HIS A 49 3.28 11.06 -5.26
C HIS A 49 3.41 10.94 -3.73
N GLU A 50 2.66 11.78 -3.00
CA GLU A 50 2.73 11.86 -1.54
C GLU A 50 1.31 11.97 -0.96
N THR A 51 0.83 10.89 -0.36
CA THR A 51 -0.58 10.75 -0.06
C THR A 51 -0.88 10.12 1.32
N THR A 52 -2.17 9.97 1.57
CA THR A 52 -2.69 9.35 2.78
C THR A 52 -3.86 8.45 2.36
N VAL A 53 -3.71 7.15 2.58
CA VAL A 53 -4.54 6.16 1.89
C VAL A 53 -5.01 5.03 2.81
N TYR A 54 -5.81 4.14 2.21
CA TYR A 54 -6.35 2.95 2.86
C TYR A 54 -6.27 1.78 1.87
N PRO A 55 -5.94 0.57 2.33
CA PRO A 55 -5.90 -0.62 1.48
C PRO A 55 -7.30 -1.18 1.19
N GLY A 56 -8.10 -1.34 2.23
CA GLY A 56 -9.46 -1.83 2.04
C GLY A 56 -9.65 -3.23 2.60
N SER A 57 -8.95 -4.19 2.01
CA SER A 57 -9.06 -5.59 2.42
C SER A 57 -8.25 -5.86 3.69
N ASP A 58 -8.08 -7.13 4.02
CA ASP A 58 -7.32 -7.54 5.20
C ASP A 58 -5.85 -7.17 5.07
N ALA A 59 -5.50 -6.59 3.92
CA ALA A 59 -4.19 -5.99 3.72
C ALA A 59 -3.08 -7.04 3.57
N VAL A 60 -1.97 -6.63 2.96
CA VAL A 60 -0.79 -7.47 2.82
C VAL A 60 0.43 -6.58 3.09
N VAL A 61 1.57 -7.21 3.34
CA VAL A 61 2.75 -6.48 3.83
C VAL A 61 3.98 -7.00 3.11
N VAL A 62 4.65 -6.08 2.44
CA VAL A 62 5.66 -6.39 1.46
C VAL A 62 6.87 -5.45 1.55
N THR A 63 7.81 -5.69 0.66
CA THR A 63 9.08 -4.98 0.63
C THR A 63 9.33 -4.35 -0.77
N ALA A 64 10.58 -3.97 -1.03
CA ALA A 64 10.98 -3.31 -2.28
C ALA A 64 10.65 -4.11 -3.55
N THR A 65 10.97 -5.39 -3.60
CA THR A 65 10.75 -6.15 -4.84
C THR A 65 9.32 -6.11 -5.29
N GLU A 66 8.44 -6.58 -4.43
CA GLU A 66 7.01 -6.61 -4.72
C GLU A 66 6.53 -5.20 -5.04
N HIS A 67 7.25 -4.23 -4.51
CA HIS A 67 6.92 -2.82 -4.67
C HIS A 67 6.85 -2.39 -6.13
N ALA A 68 7.82 -2.76 -6.93
CA ALA A 68 8.03 -2.16 -8.24
C ALA A 68 6.79 -2.29 -9.14
N GLU A 69 6.57 -3.50 -9.59
CA GLU A 69 5.49 -3.83 -10.51
C GLU A 69 4.12 -3.45 -9.96
N ALA A 70 3.84 -3.98 -8.77
CA ALA A 70 2.58 -3.76 -8.10
C ALA A 70 2.31 -2.28 -7.89
N GLU A 71 3.31 -1.52 -7.50
CA GLU A 71 3.12 -0.11 -7.25
C GLU A 71 2.56 0.55 -8.48
N LYS A 72 3.20 0.35 -9.61
CA LYS A 72 2.73 0.99 -10.83
C LYS A 72 1.27 0.60 -11.10
N ARG A 73 1.10 -0.61 -11.61
CA ARG A 73 -0.20 -1.12 -12.01
C ARG A 73 -1.19 -1.13 -10.84
N ALA A 74 -0.89 -2.00 -9.90
CA ALA A 74 -1.74 -2.28 -8.79
C ALA A 74 -2.07 -1.03 -7.95
N ALA A 75 -1.07 -0.19 -7.58
CA ALA A 75 -1.38 1.01 -6.82
C ALA A 75 -2.37 1.89 -7.55
N ALA A 76 -2.26 1.97 -8.88
CA ALA A 76 -3.22 2.75 -9.64
C ALA A 76 -4.63 2.25 -9.34
N ARG A 77 -4.76 0.94 -9.23
CA ARG A 77 -5.99 0.34 -8.67
C ARG A 77 -6.31 0.85 -7.25
N ALA A 78 -5.34 0.66 -6.33
CA ALA A 78 -5.50 1.00 -4.89
C ALA A 78 -6.20 2.33 -4.67
N GLY A 79 -5.74 3.34 -5.38
CA GLY A 79 -6.26 4.67 -5.13
C GLY A 79 -7.07 5.19 -6.29
N HIS A 80 -7.78 4.28 -6.95
CA HIS A 80 -8.65 4.64 -8.07
C HIS A 80 -9.82 5.51 -7.60
N ALA A 81 -10.16 5.38 -6.32
CA ALA A 81 -11.26 6.14 -5.74
C ALA A 81 -10.75 7.09 -4.67
N ALA A 82 -9.44 7.31 -4.65
CA ALA A 82 -8.83 8.17 -3.64
C ALA A 82 -8.00 9.27 -4.30
N THR A 83 -8.59 10.45 -4.39
CA THR A 83 -7.92 11.60 -4.97
C THR A 83 -8.34 12.88 -4.25
N MET A 4 -2.23 -8.03 13.28
CA MET A 4 -1.74 -7.36 12.06
C MET A 4 -0.51 -6.55 12.39
N HIS A 5 0.47 -6.53 11.49
CA HIS A 5 1.71 -5.84 11.74
C HIS A 5 2.18 -5.09 10.50
N ALA A 6 2.36 -3.79 10.65
CA ALA A 6 2.85 -2.95 9.56
C ALA A 6 3.85 -1.95 10.11
N LYS A 7 4.90 -1.67 9.35
CA LYS A 7 5.91 -0.71 9.79
C LYS A 7 6.35 0.18 8.64
N VAL A 8 6.96 1.30 9.01
CA VAL A 8 7.52 2.23 8.04
C VAL A 8 8.79 1.65 7.44
N GLY A 9 9.12 2.02 6.21
CA GLY A 9 10.26 1.44 5.52
C GLY A 9 9.85 0.16 4.83
N ASP A 10 8.55 0.03 4.68
CA ASP A 10 7.89 -1.18 4.15
C ASP A 10 6.81 -0.74 3.22
N TYR A 11 6.11 -1.69 2.68
CA TYR A 11 5.17 -1.42 1.62
C TYR A 11 3.90 -2.21 1.88
N LEU A 12 2.87 -1.90 1.13
CA LEU A 12 1.55 -2.40 1.44
C LEU A 12 0.85 -2.81 0.17
N VAL A 13 0.15 -3.95 0.24
CA VAL A 13 -0.68 -4.45 -0.83
C VAL A 13 -1.97 -5.00 -0.22
N VAL A 14 -2.94 -5.29 -1.06
CA VAL A 14 -4.20 -5.83 -0.61
C VAL A 14 -4.66 -6.94 -1.56
N LYS A 15 -5.25 -7.99 -0.98
CA LYS A 15 -5.65 -9.15 -1.76
C LYS A 15 -6.78 -8.81 -2.74
N GLY A 16 -7.95 -8.53 -2.19
CA GLY A 16 -9.11 -8.20 -3.02
C GLY A 16 -9.71 -9.41 -3.70
N THR A 17 -8.88 -10.17 -4.39
CA THR A 17 -9.33 -11.38 -5.06
C THR A 17 -8.67 -12.60 -4.42
N THR A 18 -9.44 -13.65 -4.19
CA THR A 18 -8.98 -14.83 -3.47
C THR A 18 -7.80 -15.53 -4.18
N THR A 19 -7.69 -15.31 -5.49
CA THR A 19 -6.59 -15.88 -6.26
C THR A 19 -5.29 -15.10 -6.02
N GLU A 20 -4.25 -15.38 -6.80
CA GLU A 20 -2.94 -14.76 -6.60
C GLU A 20 -2.90 -13.32 -7.11
N ARG A 21 -4.01 -12.62 -7.03
CA ARG A 21 -4.08 -11.23 -7.46
C ARG A 21 -3.88 -10.31 -6.27
N HIS A 22 -3.04 -9.31 -6.44
CA HIS A 22 -2.77 -8.35 -5.38
C HIS A 22 -2.69 -6.95 -5.95
N ASP A 23 -3.57 -6.07 -5.50
CA ASP A 23 -3.56 -4.69 -5.93
C ASP A 23 -3.49 -3.76 -4.73
N GLN A 24 -3.48 -2.46 -4.98
CA GLN A 24 -3.25 -1.45 -3.94
C GLN A 24 -1.82 -1.58 -3.39
N HIS A 25 -0.89 -0.76 -3.91
CA HIS A 25 0.51 -0.87 -3.48
C HIS A 25 1.16 0.50 -3.30
N ALA A 26 1.62 0.72 -2.09
CA ALA A 26 2.28 1.95 -1.64
C ALA A 26 3.46 1.60 -0.75
N GLU A 27 4.12 2.64 -0.25
CA GLU A 27 5.21 2.44 0.70
C GLU A 27 5.10 3.45 1.82
N ILE A 28 5.22 2.89 3.00
CA ILE A 28 4.90 3.56 4.22
C ILE A 28 6.10 4.30 4.79
N ILE A 29 5.99 5.63 4.83
CA ILE A 29 6.96 6.47 5.52
C ILE A 29 6.36 7.00 6.81
N GLU A 30 5.04 6.91 6.90
CA GLU A 30 4.33 7.21 8.14
C GLU A 30 3.22 6.20 8.36
N VAL A 31 2.87 6.00 9.62
CA VAL A 31 1.97 4.92 10.02
C VAL A 31 1.00 5.48 11.07
N ARG A 32 -0.21 5.82 10.63
CA ARG A 32 -1.10 6.65 11.43
C ARG A 32 -2.13 5.85 12.22
N SER A 33 -1.78 4.66 12.64
CA SER A 33 -2.65 3.88 13.50
C SER A 33 -1.96 3.53 14.81
N ALA A 34 -1.29 2.38 14.83
CA ALA A 34 -0.57 1.91 16.01
C ALA A 34 0.00 0.53 15.75
N ASP A 35 -0.90 -0.44 15.60
CA ASP A 35 -0.53 -1.82 15.36
C ASP A 35 -0.48 -2.09 13.87
N GLY A 36 -1.60 -1.88 13.21
CA GLY A 36 -1.69 -2.14 11.79
C GLY A 36 -3.11 -1.97 11.29
N SER A 37 -3.51 -0.72 11.05
CA SER A 37 -4.81 -0.41 10.51
C SER A 37 -4.77 0.95 9.80
N PRO A 38 -5.78 1.27 8.98
CA PRO A 38 -5.89 2.60 8.37
C PRO A 38 -6.15 3.68 9.43
N PRO A 39 -5.79 4.93 9.13
CA PRO A 39 -5.17 5.30 7.86
C PRO A 39 -3.64 5.18 7.89
N TYR A 40 -3.04 5.55 6.79
CA TYR A 40 -1.60 5.58 6.67
C TYR A 40 -1.20 6.83 5.93
N VAL A 41 0.09 7.07 5.83
CA VAL A 41 0.60 8.16 5.05
C VAL A 41 1.78 7.64 4.31
N VAL A 42 1.60 7.65 3.02
CA VAL A 42 2.26 6.72 2.17
C VAL A 42 2.71 7.44 0.92
N ARG A 43 3.51 6.80 0.12
CA ARG A 43 3.95 7.41 -1.12
C ARG A 43 3.92 6.38 -2.22
N TRP A 44 3.34 6.76 -3.35
CA TRP A 44 3.45 5.96 -4.55
C TRP A 44 4.82 6.25 -5.12
N LEU A 45 5.83 5.55 -4.62
CA LEU A 45 7.22 5.91 -4.88
C LEU A 45 7.53 5.87 -6.35
N VAL A 46 7.48 4.66 -6.89
CA VAL A 46 7.83 4.42 -8.28
C VAL A 46 6.92 5.21 -9.21
N ASN A 47 5.66 5.35 -8.82
CA ASN A 47 4.72 6.21 -9.51
C ASN A 47 5.20 7.67 -9.51
N GLY A 48 5.25 8.28 -8.32
CA GLY A 48 5.78 9.63 -8.21
C GLY A 48 4.89 10.60 -7.44
N HIS A 49 4.10 10.12 -6.49
CA HIS A 49 3.27 11.02 -5.66
C HIS A 49 3.28 10.58 -4.20
N GLU A 50 2.77 11.44 -3.32
CA GLU A 50 2.80 11.18 -1.87
C GLU A 50 1.46 11.57 -1.24
N THR A 51 0.87 10.63 -0.52
CA THR A 51 -0.54 10.67 -0.15
C THR A 51 -0.80 10.21 1.28
N THR A 52 -2.08 10.22 1.61
CA THR A 52 -2.59 9.71 2.87
C THR A 52 -3.88 8.96 2.54
N VAL A 53 -3.87 7.65 2.76
CA VAL A 53 -4.86 6.76 2.12
C VAL A 53 -5.41 5.70 3.06
N TYR A 54 -6.37 4.94 2.54
CA TYR A 54 -7.01 3.87 3.27
C TYR A 54 -7.06 2.62 2.39
N PRO A 55 -6.26 1.59 2.71
CA PRO A 55 -6.20 0.33 1.93
C PRO A 55 -7.38 -0.60 2.27
N GLY A 56 -8.31 -0.11 3.08
CA GLY A 56 -9.43 -0.92 3.50
C GLY A 56 -9.04 -1.88 4.61
N SER A 57 -8.64 -3.08 4.23
CA SER A 57 -8.26 -4.10 5.20
C SER A 57 -7.63 -5.28 4.45
N ASP A 58 -7.19 -6.29 5.21
CA ASP A 58 -6.52 -7.47 4.63
C ASP A 58 -5.26 -7.02 3.88
N ALA A 59 -4.52 -6.12 4.52
CA ALA A 59 -3.32 -5.54 3.94
C ALA A 59 -2.10 -6.42 4.22
N VAL A 60 -1.36 -6.74 3.18
CA VAL A 60 -0.13 -7.49 3.31
C VAL A 60 1.06 -6.55 3.12
N VAL A 61 2.13 -6.78 3.87
CA VAL A 61 3.27 -5.88 3.86
C VAL A 61 4.38 -6.44 2.97
N VAL A 62 4.71 -5.70 1.93
CA VAL A 62 5.73 -6.09 0.97
C VAL A 62 7.01 -5.31 1.15
N THR A 63 7.98 -5.63 0.30
CA THR A 63 9.30 -5.04 0.36
C THR A 63 9.66 -4.35 -0.99
N ALA A 64 10.94 -4.06 -1.19
CA ALA A 64 11.41 -3.28 -2.34
C ALA A 64 11.14 -3.94 -3.70
N THR A 65 11.37 -5.23 -3.83
CA THR A 65 11.26 -5.88 -5.14
C THR A 65 9.85 -5.83 -5.68
N GLU A 66 8.90 -6.26 -4.85
CA GLU A 66 7.51 -6.28 -5.23
C GLU A 66 7.01 -4.86 -5.49
N HIS A 67 7.78 -3.89 -5.00
CA HIS A 67 7.40 -2.50 -5.10
C HIS A 67 7.46 -1.97 -6.53
N ALA A 68 8.40 -2.44 -7.33
CA ALA A 68 8.57 -1.88 -8.66
C ALA A 68 7.30 -2.07 -9.51
N GLU A 69 7.14 -3.29 -9.96
CA GLU A 69 6.03 -3.68 -10.84
C GLU A 69 4.67 -3.51 -10.15
N ALA A 70 4.53 -4.16 -9.00
CA ALA A 70 3.26 -4.22 -8.33
C ALA A 70 2.80 -2.85 -7.87
N GLU A 71 3.72 -1.96 -7.45
CA GLU A 71 3.29 -0.66 -6.97
C GLU A 71 2.82 0.20 -8.11
N LYS A 72 3.44 0.08 -9.29
CA LYS A 72 2.92 0.77 -10.46
C LYS A 72 1.44 0.45 -10.66
N ARG A 73 1.13 -0.82 -10.96
CA ARG A 73 -0.26 -1.21 -11.24
C ARG A 73 -1.17 -0.97 -10.03
N ALA A 74 -0.71 -1.41 -8.88
CA ALA A 74 -1.55 -1.44 -7.70
C ALA A 74 -1.70 -0.05 -7.08
N ALA A 75 -0.84 0.89 -7.43
CA ALA A 75 -1.05 2.27 -6.98
C ALA A 75 -2.15 2.90 -7.79
N ALA A 76 -2.15 2.62 -9.10
CA ALA A 76 -3.24 3.05 -9.95
C ALA A 76 -4.58 2.51 -9.43
N ARG A 77 -4.52 1.34 -8.81
CA ARG A 77 -5.71 0.70 -8.23
C ARG A 77 -6.08 1.29 -6.88
N ALA A 78 -5.10 1.33 -5.96
CA ALA A 78 -5.32 1.78 -4.59
C ALA A 78 -5.88 3.18 -4.52
N GLY A 79 -5.10 4.15 -4.96
CA GLY A 79 -5.46 5.53 -4.73
C GLY A 79 -6.20 6.12 -5.90
N HIS A 80 -7.32 5.49 -6.26
CA HIS A 80 -8.18 6.01 -7.31
C HIS A 80 -9.15 7.03 -6.73
N ALA A 81 -9.04 7.25 -5.43
CA ALA A 81 -9.81 8.26 -4.74
C ALA A 81 -8.88 9.35 -4.23
N ALA A 82 -8.01 8.97 -3.30
CA ALA A 82 -6.98 9.87 -2.80
C ALA A 82 -5.64 9.55 -3.45
N THR A 83 -5.27 10.35 -4.43
CA THR A 83 -4.06 10.10 -5.21
C THR A 83 -2.92 10.98 -4.72
N MET A 4 -2.60 -8.92 10.39
CA MET A 4 -2.33 -7.66 9.68
C MET A 4 -1.51 -6.71 10.53
N HIS A 5 -0.25 -6.53 10.18
CA HIS A 5 0.62 -5.56 10.85
C HIS A 5 1.47 -4.83 9.83
N ALA A 6 1.78 -3.56 10.10
CA ALA A 6 2.52 -2.74 9.15
C ALA A 6 3.57 -1.88 9.84
N LYS A 7 4.63 -1.56 9.10
CA LYS A 7 5.72 -0.76 9.64
C LYS A 7 6.21 0.26 8.60
N VAL A 8 7.10 1.14 9.04
CA VAL A 8 7.66 2.17 8.18
C VAL A 8 8.98 1.68 7.57
N GLY A 9 9.25 2.08 6.32
CA GLY A 9 10.41 1.57 5.61
C GLY A 9 10.05 0.29 4.89
N ASP A 10 8.76 0.09 4.76
CA ASP A 10 8.16 -1.13 4.21
C ASP A 10 7.03 -0.70 3.32
N TYR A 11 6.38 -1.65 2.77
CA TYR A 11 5.44 -1.40 1.70
C TYR A 11 4.19 -2.23 1.93
N LEU A 12 3.18 -1.99 1.12
CA LEU A 12 1.87 -2.54 1.36
C LEU A 12 1.26 -3.02 0.06
N VAL A 13 0.54 -4.14 0.16
CA VAL A 13 -0.12 -4.78 -0.97
C VAL A 13 -1.51 -5.26 -0.54
N VAL A 14 -2.43 -5.39 -1.50
CA VAL A 14 -3.75 -5.92 -1.23
C VAL A 14 -4.17 -6.86 -2.36
N LYS A 15 -4.72 -8.01 -1.99
CA LYS A 15 -5.12 -9.01 -2.96
C LYS A 15 -6.56 -8.80 -3.40
N GLY A 16 -6.84 -9.05 -4.66
CA GLY A 16 -8.20 -9.06 -5.13
C GLY A 16 -8.80 -10.45 -5.03
N THR A 17 -9.91 -10.57 -4.33
CA THR A 17 -10.52 -11.88 -4.07
C THR A 17 -10.93 -12.60 -5.35
N THR A 18 -11.08 -11.85 -6.44
CA THR A 18 -11.47 -12.42 -7.71
C THR A 18 -10.36 -12.32 -8.74
N THR A 19 -9.24 -11.72 -8.35
CA THR A 19 -8.12 -11.51 -9.25
C THR A 19 -6.82 -11.93 -8.59
N GLU A 20 -6.20 -12.99 -9.09
CA GLU A 20 -4.95 -13.49 -8.50
C GLU A 20 -3.78 -12.59 -8.89
N ARG A 21 -3.74 -11.45 -8.24
CA ARG A 21 -2.69 -10.46 -8.44
C ARG A 21 -2.45 -9.77 -7.12
N HIS A 22 -1.25 -9.28 -6.89
CA HIS A 22 -1.01 -8.49 -5.69
C HIS A 22 -0.98 -7.01 -6.08
N ASP A 23 -2.16 -6.39 -5.96
CA ASP A 23 -2.34 -5.01 -6.37
C ASP A 23 -2.17 -4.08 -5.18
N GLN A 24 -2.46 -2.80 -5.40
CA GLN A 24 -2.50 -1.80 -4.34
C GLN A 24 -1.20 -1.79 -3.54
N HIS A 25 -0.24 -0.96 -3.96
CA HIS A 25 1.09 -1.01 -3.38
C HIS A 25 1.69 0.38 -3.16
N ALA A 26 2.09 0.58 -1.93
CA ALA A 26 2.66 1.83 -1.45
C ALA A 26 3.81 1.53 -0.53
N GLU A 27 4.40 2.57 0.00
CA GLU A 27 5.50 2.42 0.95
C GLU A 27 5.29 3.41 2.06
N ILE A 28 5.25 2.84 3.25
CA ILE A 28 4.83 3.56 4.42
C ILE A 28 6.01 4.24 5.06
N ILE A 29 5.97 5.57 5.02
CA ILE A 29 6.95 6.40 5.69
C ILE A 29 6.32 7.10 6.88
N GLU A 30 5.01 6.96 7.00
CA GLU A 30 4.29 7.45 8.15
C GLU A 30 3.24 6.41 8.54
N VAL A 31 3.26 6.03 9.81
CA VAL A 31 2.53 4.88 10.30
C VAL A 31 1.89 5.24 11.64
N ARG A 32 0.57 5.32 11.64
CA ARG A 32 -0.15 5.79 12.81
C ARG A 32 -0.03 4.81 13.97
N SER A 33 -0.22 3.54 13.69
CA SER A 33 -0.11 2.51 14.70
C SER A 33 0.27 1.18 14.05
N ALA A 34 1.07 0.40 14.76
CA ALA A 34 1.56 -0.88 14.24
C ALA A 34 0.51 -1.97 14.37
N ASP A 35 -0.65 -1.63 14.91
CA ASP A 35 -1.75 -2.59 15.04
C ASP A 35 -2.33 -2.89 13.67
N GLY A 36 -2.18 -1.94 12.75
CA GLY A 36 -2.57 -2.17 11.38
C GLY A 36 -3.79 -1.36 10.95
N SER A 37 -4.46 -0.73 11.90
CA SER A 37 -5.62 0.08 11.57
C SER A 37 -5.21 1.34 10.82
N PRO A 38 -5.88 1.62 9.68
CA PRO A 38 -5.69 2.84 8.92
C PRO A 38 -6.07 4.08 9.73
N PRO A 39 -5.82 5.29 9.21
CA PRO A 39 -5.23 5.50 7.89
C PRO A 39 -3.73 5.25 7.84
N TYR A 40 -3.15 5.62 6.72
CA TYR A 40 -1.71 5.57 6.55
C TYR A 40 -1.28 6.81 5.82
N VAL A 41 0.01 7.04 5.77
CA VAL A 41 0.57 8.18 5.07
C VAL A 41 1.78 7.65 4.35
N VAL A 42 1.59 7.57 3.06
CA VAL A 42 2.28 6.61 2.25
C VAL A 42 2.71 7.25 0.94
N ARG A 43 3.40 6.49 0.13
CA ARG A 43 3.85 7.01 -1.14
C ARG A 43 3.70 5.99 -2.25
N TRP A 44 3.15 6.43 -3.38
CA TRP A 44 3.25 5.69 -4.62
C TRP A 44 4.57 6.12 -5.25
N LEU A 45 5.63 5.89 -4.53
CA LEU A 45 6.88 6.62 -4.74
C LEU A 45 7.47 6.46 -6.13
N VAL A 46 7.67 5.23 -6.60
CA VAL A 46 8.23 5.02 -7.91
C VAL A 46 7.36 5.64 -9.00
N ASN A 47 6.04 5.62 -8.77
CA ASN A 47 5.11 6.31 -9.66
C ASN A 47 5.41 7.80 -9.69
N GLY A 48 5.67 8.37 -8.52
CA GLY A 48 6.13 9.75 -8.45
C GLY A 48 5.37 10.61 -7.45
N HIS A 49 4.48 10.04 -6.65
CA HIS A 49 3.69 10.86 -5.73
C HIS A 49 3.53 10.22 -4.36
N GLU A 50 2.89 10.96 -3.46
CA GLU A 50 2.75 10.61 -2.06
C GLU A 50 1.33 10.94 -1.62
N THR A 51 0.74 10.05 -0.83
CA THR A 51 -0.67 10.11 -0.51
C THR A 51 -0.96 9.79 0.96
N THR A 52 -2.24 9.82 1.29
CA THR A 52 -2.74 9.44 2.61
C THR A 52 -3.99 8.62 2.38
N VAL A 53 -3.89 7.32 2.62
CA VAL A 53 -4.83 6.38 2.00
C VAL A 53 -5.29 5.28 2.94
N TYR A 54 -6.15 4.42 2.37
CA TYR A 54 -6.72 3.28 3.05
C TYR A 54 -6.73 2.11 2.07
N PRO A 55 -6.25 0.93 2.48
CA PRO A 55 -6.14 -0.23 1.59
C PRO A 55 -7.44 -1.05 1.54
N GLY A 56 -7.37 -2.22 0.90
CA GLY A 56 -8.54 -3.05 0.74
C GLY A 56 -8.62 -4.16 1.77
N SER A 57 -8.89 -5.37 1.31
CA SER A 57 -9.09 -6.50 2.20
C SER A 57 -7.81 -7.32 2.37
N ASP A 58 -7.74 -8.05 3.49
CA ASP A 58 -6.58 -8.86 3.87
C ASP A 58 -5.43 -7.96 4.28
N ALA A 59 -5.01 -7.13 3.34
CA ALA A 59 -3.85 -6.23 3.47
C ALA A 59 -2.57 -6.94 3.94
N VAL A 60 -1.49 -6.66 3.25
CA VAL A 60 -0.20 -7.25 3.56
C VAL A 60 0.90 -6.21 3.43
N VAL A 61 2.10 -6.66 3.70
CA VAL A 61 3.26 -5.79 3.79
C VAL A 61 4.45 -6.43 3.11
N VAL A 62 5.14 -5.63 2.32
CA VAL A 62 6.11 -6.11 1.38
C VAL A 62 7.35 -5.23 1.35
N THR A 63 8.28 -5.61 0.50
CA THR A 63 9.58 -4.97 0.39
C THR A 63 9.79 -4.37 -1.02
N ALA A 64 11.04 -4.04 -1.35
CA ALA A 64 11.41 -3.39 -2.61
C ALA A 64 10.98 -4.15 -3.86
N THR A 65 11.22 -5.45 -3.92
CA THR A 65 10.88 -6.19 -5.12
C THR A 65 9.41 -6.07 -5.47
N GLU A 66 8.58 -6.53 -4.55
CA GLU A 66 7.13 -6.47 -4.74
C GLU A 66 6.70 -5.03 -4.97
N HIS A 67 7.51 -4.12 -4.47
CA HIS A 67 7.25 -2.70 -4.56
C HIS A 67 7.07 -2.21 -6.00
N ALA A 68 7.94 -2.64 -6.89
CA ALA A 68 7.99 -2.08 -8.24
C ALA A 68 6.68 -2.28 -9.01
N GLU A 69 6.45 -3.52 -9.41
CA GLU A 69 5.34 -3.86 -10.28
C GLU A 69 4.00 -3.59 -9.61
N ALA A 70 3.87 -3.95 -8.34
CA ALA A 70 2.64 -3.74 -7.62
C ALA A 70 2.35 -2.25 -7.40
N GLU A 71 3.39 -1.42 -7.34
CA GLU A 71 3.18 0.01 -7.14
C GLU A 71 2.57 0.62 -8.39
N LYS A 72 2.90 0.06 -9.55
CA LYS A 72 2.13 0.36 -10.77
C LYS A 72 0.65 0.06 -10.53
N ARG A 73 0.39 -1.16 -10.07
CA ARG A 73 -0.98 -1.61 -9.75
C ARG A 73 -1.64 -0.67 -8.72
N ALA A 74 -0.82 0.06 -7.98
CA ALA A 74 -1.30 0.95 -6.93
C ALA A 74 -1.91 2.22 -7.47
N ALA A 75 -1.12 3.00 -8.20
CA ALA A 75 -1.62 4.26 -8.73
C ALA A 75 -2.78 4.00 -9.67
N ALA A 76 -2.86 2.78 -10.19
CA ALA A 76 -4.03 2.34 -10.93
C ALA A 76 -5.19 2.03 -9.98
N ARG A 77 -5.10 0.90 -9.28
CA ARG A 77 -6.21 0.37 -8.49
C ARG A 77 -6.34 1.03 -7.11
N ALA A 78 -5.26 1.00 -6.32
CA ALA A 78 -5.28 1.45 -4.92
C ALA A 78 -5.72 2.90 -4.77
N GLY A 79 -4.97 3.81 -5.38
CA GLY A 79 -5.20 5.21 -5.16
C GLY A 79 -5.32 6.00 -6.44
N HIS A 80 -6.47 5.89 -7.10
CA HIS A 80 -6.76 6.69 -8.28
C HIS A 80 -7.75 7.79 -7.91
N ALA A 81 -8.36 7.66 -6.74
CA ALA A 81 -9.29 8.65 -6.22
C ALA A 81 -9.02 8.88 -4.74
N ALA A 82 -7.78 8.61 -4.34
CA ALA A 82 -7.39 8.73 -2.94
C ALA A 82 -6.21 9.68 -2.77
N THR A 83 -6.20 10.73 -3.57
CA THR A 83 -5.13 11.72 -3.52
C THR A 83 -5.70 13.08 -3.14
N MET A 4 -2.23 -8.96 11.82
CA MET A 4 -1.93 -7.91 10.83
C MET A 4 -1.06 -6.85 11.48
N HIS A 5 -0.02 -6.42 10.78
CA HIS A 5 0.88 -5.39 11.29
C HIS A 5 1.68 -4.78 10.14
N ALA A 6 1.26 -3.61 9.69
CA ALA A 6 1.95 -2.90 8.64
C ALA A 6 2.73 -1.73 9.23
N LYS A 7 4.05 -1.75 9.06
CA LYS A 7 4.89 -0.73 9.67
C LYS A 7 5.78 -0.06 8.63
N VAL A 8 6.35 1.08 9.00
CA VAL A 8 7.21 1.86 8.14
C VAL A 8 8.50 1.12 7.81
N GLY A 9 9.06 1.39 6.63
CA GLY A 9 10.27 0.73 6.20
C GLY A 9 9.97 -0.35 5.19
N ASP A 10 8.70 -0.48 4.87
CA ASP A 10 8.21 -1.51 3.95
C ASP A 10 7.11 -0.93 3.11
N TYR A 11 6.63 -1.70 2.17
CA TYR A 11 5.60 -1.25 1.28
C TYR A 11 4.25 -1.88 1.67
N LEU A 12 3.18 -1.20 1.33
CA LEU A 12 1.84 -1.64 1.63
C LEU A 12 1.25 -2.31 0.40
N VAL A 13 0.67 -3.48 0.63
CA VAL A 13 -0.07 -4.22 -0.37
C VAL A 13 -1.35 -4.79 0.24
N VAL A 14 -2.42 -4.83 -0.52
CA VAL A 14 -3.69 -5.35 -0.06
C VAL A 14 -3.91 -6.78 -0.53
N LYS A 15 -4.37 -7.61 0.41
CA LYS A 15 -4.84 -8.98 0.15
C LYS A 15 -3.69 -9.97 -0.02
N GLY A 16 -2.76 -9.64 -0.91
CA GLY A 16 -1.66 -10.55 -1.16
C GLY A 16 -1.99 -11.51 -2.30
N THR A 17 -2.54 -12.66 -1.96
CA THR A 17 -2.97 -13.61 -2.97
C THR A 17 -4.08 -14.51 -2.44
N THR A 18 -5.21 -14.49 -3.13
CA THR A 18 -6.31 -15.39 -2.85
C THR A 18 -7.11 -15.61 -4.13
N THR A 19 -7.95 -14.63 -4.45
CA THR A 19 -8.64 -14.61 -5.73
C THR A 19 -8.09 -13.44 -6.55
N GLU A 20 -7.75 -12.38 -5.83
CA GLU A 20 -7.15 -11.21 -6.43
C GLU A 20 -5.63 -11.30 -6.35
N ARG A 21 -4.94 -10.44 -7.09
CA ARG A 21 -3.49 -10.33 -6.99
C ARG A 21 -3.12 -9.41 -5.83
N HIS A 22 -1.83 -9.27 -5.55
CA HIS A 22 -1.41 -8.33 -4.51
C HIS A 22 -1.53 -6.91 -5.03
N ASP A 23 -2.63 -6.27 -4.66
CA ASP A 23 -3.08 -5.04 -5.31
C ASP A 23 -3.19 -3.91 -4.30
N GLN A 24 -3.28 -2.66 -4.78
CA GLN A 24 -3.26 -1.48 -3.90
C GLN A 24 -1.93 -1.37 -3.17
N HIS A 25 -1.05 -0.50 -3.65
CA HIS A 25 0.34 -0.52 -3.18
C HIS A 25 1.00 0.86 -3.16
N ALA A 26 1.96 1.01 -2.24
CA ALA A 26 2.83 2.20 -2.09
C ALA A 26 3.78 1.95 -0.96
N GLU A 27 4.63 2.88 -0.65
CA GLU A 27 5.60 2.66 0.45
C GLU A 27 5.13 3.30 1.76
N ILE A 28 5.15 2.51 2.82
CA ILE A 28 4.74 2.96 4.13
C ILE A 28 5.90 3.63 4.85
N ILE A 29 5.76 4.95 5.02
CA ILE A 29 6.74 5.74 5.75
C ILE A 29 6.12 6.43 6.97
N GLU A 30 4.80 6.52 6.98
CA GLU A 30 4.09 7.07 8.13
C GLU A 30 2.97 6.12 8.57
N VAL A 31 3.18 5.47 9.70
CA VAL A 31 2.18 4.57 10.25
C VAL A 31 1.40 5.29 11.33
N ARG A 32 0.11 5.50 11.09
CA ARG A 32 -0.72 6.25 12.03
C ARG A 32 -1.46 5.32 12.98
N SER A 33 -0.78 4.27 13.39
CA SER A 33 -1.32 3.30 14.35
C SER A 33 -0.18 2.67 15.15
N ALA A 34 -0.47 2.28 16.39
CA ALA A 34 0.52 1.65 17.24
C ALA A 34 0.85 0.25 16.75
N ASP A 35 -0.15 -0.42 16.20
CA ASP A 35 0.03 -1.77 15.68
C ASP A 35 -0.16 -1.80 14.17
N GLY A 36 -1.37 -1.52 13.72
CA GLY A 36 -1.65 -1.55 12.30
C GLY A 36 -3.11 -1.37 11.98
N SER A 37 -3.45 -0.17 11.52
CA SER A 37 -4.82 0.14 11.14
C SER A 37 -4.82 1.26 10.10
N PRO A 38 -5.77 1.23 9.16
CA PRO A 38 -5.95 2.32 8.20
C PRO A 38 -6.44 3.60 8.89
N PRO A 39 -6.18 4.78 8.30
CA PRO A 39 -5.46 4.90 7.03
C PRO A 39 -3.94 4.98 7.23
N TYR A 40 -3.22 5.07 6.12
CA TYR A 40 -1.78 5.18 6.14
C TYR A 40 -1.33 6.38 5.34
N VAL A 41 -0.25 7.01 5.77
CA VAL A 41 0.34 8.08 4.99
C VAL A 41 1.49 7.49 4.23
N VAL A 42 1.31 7.40 2.94
CA VAL A 42 2.08 6.51 2.12
C VAL A 42 2.70 7.26 0.95
N ARG A 43 3.91 6.85 0.55
CA ARG A 43 4.58 7.50 -0.56
C ARG A 43 4.56 6.61 -1.79
N TRP A 44 4.14 7.20 -2.89
CA TRP A 44 4.06 6.52 -4.16
C TRP A 44 5.36 6.78 -4.91
N LEU A 45 6.34 5.93 -4.66
CA LEU A 45 7.73 6.24 -4.98
C LEU A 45 7.99 6.25 -6.48
N VAL A 46 7.92 5.08 -7.09
CA VAL A 46 8.27 4.92 -8.48
C VAL A 46 7.20 5.48 -9.40
N ASN A 47 6.08 5.86 -8.80
CA ASN A 47 5.02 6.53 -9.55
C ASN A 47 5.25 8.04 -9.54
N GLY A 48 5.39 8.60 -8.35
CA GLY A 48 5.66 10.03 -8.22
C GLY A 48 4.56 10.78 -7.50
N HIS A 49 4.21 10.32 -6.31
CA HIS A 49 3.18 10.97 -5.50
C HIS A 49 3.39 10.72 -4.01
N GLU A 50 2.66 11.45 -3.18
CA GLU A 50 2.68 11.26 -1.73
C GLU A 50 1.32 11.65 -1.16
N THR A 51 0.68 10.73 -0.45
CA THR A 51 -0.67 10.98 0.04
C THR A 51 -1.10 9.97 1.09
N THR A 52 -2.28 10.19 1.63
CA THR A 52 -2.85 9.32 2.65
C THR A 52 -3.89 8.41 2.01
N VAL A 53 -3.58 7.12 1.92
CA VAL A 53 -4.40 6.19 1.17
C VAL A 53 -5.20 5.27 2.10
N TYR A 54 -6.37 4.87 1.61
CA TYR A 54 -7.19 3.88 2.28
C TYR A 54 -7.12 2.55 1.52
N PRO A 55 -6.35 1.59 2.03
CA PRO A 55 -6.30 0.24 1.43
C PRO A 55 -7.58 -0.54 1.72
N GLY A 56 -7.90 -1.49 0.86
CA GLY A 56 -9.12 -2.27 1.03
C GLY A 56 -9.19 -3.01 2.36
N SER A 57 -8.43 -4.10 2.47
CA SER A 57 -8.41 -4.90 3.67
C SER A 57 -7.28 -5.93 3.57
N ASP A 58 -6.89 -6.50 4.72
CA ASP A 58 -5.79 -7.47 4.78
C ASP A 58 -4.53 -6.88 4.17
N ALA A 59 -4.06 -5.79 4.76
CA ALA A 59 -2.85 -5.12 4.30
C ALA A 59 -1.60 -5.79 4.85
N VAL A 60 -0.69 -6.14 3.95
CA VAL A 60 0.56 -6.79 4.30
C VAL A 60 1.74 -5.92 3.85
N VAL A 61 2.89 -6.11 4.47
CA VAL A 61 4.08 -5.33 4.16
C VAL A 61 5.03 -6.08 3.24
N VAL A 62 5.21 -5.55 2.04
CA VAL A 62 6.13 -6.10 1.08
C VAL A 62 7.42 -5.29 1.02
N THR A 63 8.33 -5.73 0.19
CA THR A 63 9.62 -5.08 0.03
C THR A 63 9.82 -4.58 -1.41
N ALA A 64 11.07 -4.24 -1.77
CA ALA A 64 11.40 -3.64 -3.07
C ALA A 64 10.82 -4.37 -4.28
N THR A 65 10.96 -5.68 -4.35
CA THR A 65 10.56 -6.41 -5.56
C THR A 65 9.06 -6.42 -5.76
N GLU A 66 8.31 -6.54 -4.67
CA GLU A 66 6.87 -6.47 -4.74
C GLU A 66 6.44 -5.03 -4.96
N HIS A 67 7.36 -4.12 -4.68
CA HIS A 67 7.09 -2.70 -4.78
C HIS A 67 6.96 -2.23 -6.24
N ALA A 68 7.86 -2.69 -7.10
CA ALA A 68 7.95 -2.18 -8.46
C ALA A 68 6.64 -2.36 -9.25
N GLU A 69 6.35 -3.61 -9.57
CA GLU A 69 5.22 -3.93 -10.44
C GLU A 69 3.89 -3.56 -9.78
N ALA A 70 3.85 -3.65 -8.46
CA ALA A 70 2.63 -3.34 -7.73
C ALA A 70 2.44 -1.85 -7.54
N GLU A 71 3.51 -1.09 -7.62
CA GLU A 71 3.37 0.34 -7.44
C GLU A 71 2.74 0.93 -8.68
N LYS A 72 3.24 0.53 -9.84
CA LYS A 72 2.64 0.95 -11.10
C LYS A 72 1.16 0.55 -11.13
N ARG A 73 0.93 -0.75 -11.27
CA ARG A 73 -0.40 -1.28 -11.51
C ARG A 73 -1.31 -1.06 -10.30
N ALA A 74 -0.84 -1.49 -9.15
CA ALA A 74 -1.67 -1.58 -7.98
C ALA A 74 -1.85 -0.26 -7.24
N ALA A 75 -0.92 0.70 -7.40
CA ALA A 75 -1.17 2.02 -6.82
C ALA A 75 -2.17 2.77 -7.68
N ALA A 76 -2.04 2.63 -9.01
CA ALA A 76 -3.01 3.22 -9.91
C ALA A 76 -4.40 2.67 -9.63
N ARG A 77 -4.46 1.43 -9.15
CA ARG A 77 -5.74 0.81 -8.79
C ARG A 77 -6.17 1.26 -7.39
N ALA A 78 -5.22 1.33 -6.46
CA ALA A 78 -5.48 1.83 -5.10
C ALA A 78 -6.13 3.21 -5.15
N GLY A 79 -5.41 4.17 -5.71
CA GLY A 79 -5.90 5.53 -5.77
C GLY A 79 -6.56 5.85 -7.10
N HIS A 80 -7.48 4.99 -7.51
CA HIS A 80 -8.16 5.16 -8.79
C HIS A 80 -9.20 6.29 -8.72
N ALA A 81 -9.40 6.82 -7.52
CA ALA A 81 -10.31 7.93 -7.31
C ALA A 81 -10.13 8.51 -5.91
N ALA A 82 -8.96 8.27 -5.32
CA ALA A 82 -8.72 8.62 -3.93
C ALA A 82 -7.43 9.42 -3.77
N THR A 83 -7.57 10.73 -3.78
CA THR A 83 -6.46 11.64 -3.49
C THR A 83 -7.03 12.98 -3.00
N MET A 4 -2.59 -7.83 11.46
CA MET A 4 -1.17 -7.96 11.06
C MET A 4 -0.34 -6.83 11.67
N HIS A 5 0.92 -6.74 11.27
CA HIS A 5 1.82 -5.72 11.78
C HIS A 5 2.65 -5.18 10.62
N ALA A 6 3.05 -3.92 10.70
CA ALA A 6 3.72 -3.28 9.58
C ALA A 6 4.89 -2.42 10.06
N LYS A 7 5.66 -1.93 9.10
CA LYS A 7 6.85 -1.14 9.40
C LYS A 7 6.95 0.02 8.41
N VAL A 8 7.57 1.11 8.84
CA VAL A 8 7.86 2.23 7.96
C VAL A 8 9.15 1.94 7.20
N GLY A 9 9.17 2.26 5.92
CA GLY A 9 10.26 1.79 5.07
C GLY A 9 9.90 0.45 4.50
N ASP A 10 8.61 0.24 4.38
CA ASP A 10 7.99 -1.00 3.91
C ASP A 10 6.86 -0.63 3.01
N TYR A 11 6.19 -1.61 2.51
CA TYR A 11 5.23 -1.39 1.46
C TYR A 11 3.98 -2.19 1.74
N LEU A 12 2.94 -1.93 0.98
CA LEU A 12 1.62 -2.41 1.29
C LEU A 12 0.90 -2.90 0.05
N VAL A 13 0.10 -3.95 0.24
CA VAL A 13 -0.77 -4.49 -0.79
C VAL A 13 -2.11 -4.84 -0.16
N VAL A 14 -3.14 -5.06 -0.95
CA VAL A 14 -4.40 -5.54 -0.43
C VAL A 14 -4.99 -6.59 -1.38
N LYS A 15 -5.55 -7.64 -0.80
CA LYS A 15 -6.22 -8.67 -1.59
C LYS A 15 -7.66 -8.24 -1.84
N GLY A 16 -8.24 -7.58 -0.84
CA GLY A 16 -9.54 -6.96 -0.98
C GLY A 16 -10.64 -7.93 -1.39
N THR A 17 -11.30 -7.61 -2.49
CA THR A 17 -12.46 -8.36 -2.93
C THR A 17 -12.12 -9.30 -4.10
N THR A 18 -10.84 -9.36 -4.46
CA THR A 18 -10.42 -10.20 -5.56
C THR A 18 -9.67 -11.43 -5.04
N THR A 19 -9.68 -12.50 -5.82
CA THR A 19 -9.13 -13.77 -5.37
C THR A 19 -7.63 -13.87 -5.62
N GLU A 20 -6.85 -13.63 -4.57
CA GLU A 20 -5.39 -13.83 -4.57
C GLU A 20 -4.68 -12.89 -5.54
N ARG A 21 -5.33 -11.82 -5.94
CA ARG A 21 -4.69 -10.80 -6.75
C ARG A 21 -4.10 -9.73 -5.85
N HIS A 22 -2.85 -9.37 -6.10
CA HIS A 22 -2.17 -8.37 -5.28
C HIS A 22 -2.33 -6.99 -5.91
N ASP A 23 -3.19 -6.17 -5.33
CA ASP A 23 -3.40 -4.83 -5.87
C ASP A 23 -3.34 -3.79 -4.76
N GLN A 24 -3.41 -2.50 -5.14
CA GLN A 24 -3.16 -1.38 -4.23
C GLN A 24 -1.81 -1.51 -3.52
N HIS A 25 -0.82 -0.73 -3.97
CA HIS A 25 0.55 -0.90 -3.49
C HIS A 25 1.23 0.44 -3.23
N ALA A 26 1.71 0.60 -2.02
CA ALA A 26 2.34 1.82 -1.52
C ALA A 26 3.54 1.52 -0.68
N GLU A 27 4.15 2.58 -0.18
CA GLU A 27 5.30 2.46 0.72
C GLU A 27 5.12 3.45 1.83
N ILE A 28 5.14 2.89 3.02
CA ILE A 28 4.75 3.58 4.22
C ILE A 28 5.92 4.32 4.80
N ILE A 29 5.91 5.64 4.64
CA ILE A 29 6.91 6.50 5.24
C ILE A 29 6.35 7.11 6.51
N GLU A 30 5.04 6.99 6.67
CA GLU A 30 4.37 7.41 7.89
C GLU A 30 3.31 6.38 8.26
N VAL A 31 3.20 6.12 9.55
CA VAL A 31 2.44 4.97 10.03
C VAL A 31 1.62 5.39 11.24
N ARG A 32 0.33 5.67 11.03
CA ARG A 32 -0.51 6.20 12.09
C ARG A 32 -1.25 5.08 12.81
N SER A 33 -0.55 4.40 13.69
CA SER A 33 -1.10 3.28 14.47
C SER A 33 0.00 2.60 15.26
N ALA A 34 1.19 2.54 14.66
CA ALA A 34 2.38 1.91 15.25
C ALA A 34 2.30 0.39 15.22
N ASP A 35 1.10 -0.13 15.00
CA ASP A 35 0.91 -1.57 14.89
C ASP A 35 0.72 -1.96 13.42
N GLY A 36 0.02 -1.11 12.68
CA GLY A 36 -0.24 -1.41 11.29
C GLY A 36 -1.71 -1.26 10.94
N SER A 37 -2.50 -0.73 11.86
CA SER A 37 -3.90 -0.48 11.59
C SER A 37 -4.05 0.78 10.73
N PRO A 38 -5.04 0.79 9.81
CA PRO A 38 -5.32 1.95 8.97
C PRO A 38 -5.86 3.14 9.77
N PRO A 39 -5.79 4.36 9.23
CA PRO A 39 -5.20 4.64 7.92
C PRO A 39 -3.69 4.74 7.96
N TYR A 40 -3.14 5.16 6.85
CA TYR A 40 -1.70 5.32 6.72
C TYR A 40 -1.40 6.60 5.97
N VAL A 41 -0.12 6.91 5.85
CA VAL A 41 0.32 8.04 5.07
C VAL A 41 1.53 7.58 4.33
N VAL A 42 1.33 7.53 3.04
CA VAL A 42 2.04 6.61 2.23
C VAL A 42 2.43 7.31 0.93
N ARG A 43 3.27 6.68 0.16
CA ARG A 43 3.74 7.28 -1.06
C ARG A 43 3.79 6.22 -2.15
N TRP A 44 3.16 6.52 -3.28
CA TRP A 44 3.31 5.68 -4.44
C TRP A 44 4.64 6.06 -5.08
N LEU A 45 5.71 5.44 -4.60
CA LEU A 45 7.07 5.88 -4.89
C LEU A 45 7.36 5.87 -6.37
N VAL A 46 7.40 4.67 -6.93
CA VAL A 46 7.74 4.48 -8.31
C VAL A 46 6.78 5.22 -9.23
N ASN A 47 5.52 5.28 -8.82
CA ASN A 47 4.53 6.09 -9.51
C ASN A 47 4.92 7.56 -9.51
N GLY A 48 5.05 8.13 -8.31
CA GLY A 48 5.43 9.53 -8.17
C GLY A 48 4.37 10.38 -7.48
N HIS A 49 3.75 9.84 -6.44
CA HIS A 49 2.72 10.57 -5.69
C HIS A 49 2.87 10.33 -4.19
N GLU A 50 2.28 11.22 -3.38
CA GLU A 50 2.39 11.13 -1.92
C GLU A 50 1.04 11.45 -1.27
N THR A 51 0.52 10.49 -0.51
CA THR A 51 -0.88 10.48 -0.10
C THR A 51 -1.10 10.04 1.36
N THR A 52 -2.37 10.02 1.72
CA THR A 52 -2.85 9.49 2.98
C THR A 52 -4.11 8.69 2.66
N VAL A 53 -4.00 7.38 2.77
CA VAL A 53 -4.93 6.49 2.08
C VAL A 53 -5.34 5.30 2.96
N TYR A 54 -6.26 4.48 2.43
CA TYR A 54 -6.77 3.31 3.13
C TYR A 54 -6.88 2.15 2.13
N PRO A 55 -6.08 1.09 2.30
CA PRO A 55 -6.07 -0.08 1.39
C PRO A 55 -7.40 -0.84 1.38
N GLY A 56 -7.71 -1.51 2.48
CA GLY A 56 -8.93 -2.31 2.56
C GLY A 56 -8.90 -3.25 3.75
N SER A 57 -9.79 -4.22 3.75
CA SER A 57 -9.90 -5.15 4.88
C SER A 57 -9.02 -6.38 4.68
N ASP A 58 -8.01 -6.25 3.83
CA ASP A 58 -7.07 -7.33 3.57
C ASP A 58 -5.68 -6.73 3.36
N ALA A 59 -5.30 -5.90 4.30
CA ALA A 59 -4.07 -5.10 4.23
C ALA A 59 -2.84 -6.00 4.49
N VAL A 60 -1.83 -5.87 3.66
CA VAL A 60 -0.61 -6.65 3.80
C VAL A 60 0.60 -5.78 3.52
N VAL A 61 1.75 -6.39 3.62
CA VAL A 61 3.02 -5.67 3.60
C VAL A 61 4.06 -6.40 2.74
N VAL A 62 4.83 -5.61 1.99
CA VAL A 62 5.80 -6.09 1.03
C VAL A 62 7.08 -5.28 1.09
N THR A 63 8.06 -5.68 0.30
CA THR A 63 9.38 -5.05 0.31
C THR A 63 9.71 -4.37 -1.03
N ALA A 64 10.99 -3.98 -1.17
CA ALA A 64 11.47 -3.24 -2.32
C ALA A 64 11.24 -3.96 -3.65
N THR A 65 11.60 -5.23 -3.74
CA THR A 65 11.38 -5.97 -4.98
C THR A 65 9.92 -5.98 -5.36
N GLU A 66 9.10 -6.45 -4.44
CA GLU A 66 7.66 -6.53 -4.65
C GLU A 66 7.10 -5.15 -4.98
N HIS A 67 7.78 -4.12 -4.50
CA HIS A 67 7.44 -2.72 -4.74
C HIS A 67 7.37 -2.35 -6.22
N ALA A 68 8.38 -2.69 -7.01
CA ALA A 68 8.56 -2.09 -8.32
C ALA A 68 7.34 -2.27 -9.21
N GLU A 69 7.21 -3.48 -9.71
CA GLU A 69 6.13 -3.84 -10.62
C GLU A 69 4.74 -3.60 -10.00
N ALA A 70 4.52 -4.26 -8.87
CA ALA A 70 3.25 -4.25 -8.19
C ALA A 70 2.80 -2.84 -7.86
N GLU A 71 3.73 -1.97 -7.47
CA GLU A 71 3.34 -0.62 -7.07
C GLU A 71 2.90 0.20 -8.27
N LYS A 72 3.59 0.05 -9.39
CA LYS A 72 3.18 0.78 -10.58
C LYS A 72 1.71 0.52 -10.87
N ARG A 73 1.36 -0.75 -11.06
CA ARG A 73 -0.03 -1.10 -11.41
C ARG A 73 -0.99 -0.87 -10.23
N ALA A 74 -0.64 -1.45 -9.10
CA ALA A 74 -1.54 -1.51 -7.96
C ALA A 74 -1.73 -0.14 -7.31
N ALA A 75 -0.71 0.72 -7.36
CA ALA A 75 -0.85 2.06 -6.80
C ALA A 75 -1.65 2.93 -7.73
N ALA A 76 -1.48 2.70 -9.04
CA ALA A 76 -2.33 3.37 -10.02
C ALA A 76 -3.80 3.19 -9.67
N ARG A 77 -4.17 2.01 -9.19
CA ARG A 77 -5.53 1.80 -8.69
C ARG A 77 -5.76 2.30 -7.25
N ALA A 78 -4.86 1.95 -6.33
CA ALA A 78 -4.98 2.30 -4.90
C ALA A 78 -5.36 3.76 -4.68
N GLY A 79 -4.63 4.66 -5.31
CA GLY A 79 -4.85 6.07 -5.08
C GLY A 79 -4.79 6.87 -6.36
N HIS A 80 -5.58 6.44 -7.34
CA HIS A 80 -5.58 7.06 -8.66
C HIS A 80 -5.94 8.54 -8.57
N ALA A 81 -7.02 8.83 -7.86
CA ALA A 81 -7.47 10.20 -7.69
C ALA A 81 -7.71 10.51 -6.21
N ALA A 82 -8.48 9.62 -5.56
CA ALA A 82 -8.85 9.77 -4.15
C ALA A 82 -9.80 10.96 -3.94
N THR A 83 -10.89 10.72 -3.22
CA THR A 83 -11.90 11.72 -2.91
C THR A 83 -12.39 12.45 -4.17
N MET A 4 -1.88 -8.65 10.48
CA MET A 4 -0.64 -8.22 9.81
C MET A 4 0.04 -7.10 10.60
N HIS A 5 1.22 -6.72 10.17
CA HIS A 5 2.01 -5.67 10.79
C HIS A 5 2.66 -4.81 9.70
N ALA A 6 2.72 -3.50 9.92
CA ALA A 6 3.06 -2.59 8.83
C ALA A 6 4.02 -1.51 9.32
N LYS A 7 4.96 -1.20 8.45
CA LYS A 7 6.23 -0.57 8.81
C LYS A 7 6.61 0.49 7.77
N VAL A 8 7.14 1.62 8.21
CA VAL A 8 7.68 2.59 7.26
C VAL A 8 8.84 1.98 6.44
N GLY A 9 8.86 2.28 5.13
CA GLY A 9 9.83 1.66 4.22
C GLY A 9 9.31 0.32 3.76
N ASP A 10 8.03 0.14 4.01
CA ASP A 10 7.34 -1.15 3.92
C ASP A 10 5.99 -0.90 3.28
N TYR A 11 5.49 -1.79 2.45
CA TYR A 11 4.74 -1.47 1.25
C TYR A 11 3.55 -2.38 1.26
N LEU A 12 2.40 -1.89 0.84
CA LEU A 12 1.15 -2.38 1.38
C LEU A 12 0.14 -2.60 0.28
N VAL A 13 -0.56 -3.71 0.48
CA VAL A 13 -1.19 -4.53 -0.54
C VAL A 13 -2.56 -4.95 -0.06
N VAL A 14 -3.54 -4.98 -0.94
CA VAL A 14 -4.91 -5.24 -0.54
C VAL A 14 -5.57 -6.20 -1.52
N LYS A 15 -6.34 -7.12 -0.95
CA LYS A 15 -6.91 -8.23 -1.69
C LYS A 15 -8.18 -7.82 -2.42
N GLY A 16 -8.02 -7.41 -3.67
CA GLY A 16 -9.16 -7.09 -4.50
C GLY A 16 -10.08 -8.28 -4.68
N THR A 17 -9.48 -9.43 -4.98
CA THR A 17 -10.22 -10.69 -5.14
C THR A 17 -11.01 -10.71 -6.44
N THR A 18 -12.04 -9.86 -6.51
CA THR A 18 -12.84 -9.75 -7.71
C THR A 18 -12.04 -9.10 -8.82
N THR A 19 -11.09 -8.26 -8.45
CA THR A 19 -10.18 -7.67 -9.40
C THR A 19 -8.79 -8.29 -9.28
N GLU A 20 -8.64 -9.47 -9.90
CA GLU A 20 -7.36 -10.17 -9.98
C GLU A 20 -6.82 -10.58 -8.61
N ARG A 21 -5.50 -10.64 -8.49
CA ARG A 21 -4.84 -11.18 -7.30
C ARG A 21 -4.88 -10.21 -6.12
N HIS A 22 -3.91 -10.36 -5.23
CA HIS A 22 -3.72 -9.42 -4.13
C HIS A 22 -2.87 -8.28 -4.69
N ASP A 23 -3.52 -7.18 -4.99
CA ASP A 23 -2.86 -6.12 -5.74
C ASP A 23 -2.88 -4.85 -4.92
N GLN A 24 -2.72 -3.70 -5.57
CA GLN A 24 -2.69 -2.41 -4.89
C GLN A 24 -1.47 -2.31 -3.97
N HIS A 25 -0.42 -1.54 -4.35
CA HIS A 25 0.58 -1.23 -3.34
C HIS A 25 1.01 0.22 -3.43
N ALA A 26 1.09 0.76 -2.26
CA ALA A 26 1.54 2.10 -1.90
C ALA A 26 2.31 1.97 -0.61
N GLU A 27 3.36 2.71 -0.34
CA GLU A 27 4.20 2.34 0.77
C GLU A 27 4.54 3.52 1.59
N ILE A 28 4.52 3.21 2.86
CA ILE A 28 4.36 4.17 3.89
C ILE A 28 5.69 4.64 4.40
N ILE A 29 5.78 5.95 4.40
CA ILE A 29 6.84 6.68 5.04
C ILE A 29 6.33 7.25 6.36
N GLU A 30 5.02 7.07 6.57
CA GLU A 30 4.39 7.40 7.84
C GLU A 30 3.38 6.33 8.20
N VAL A 31 3.35 5.98 9.48
CA VAL A 31 2.52 4.91 9.96
C VAL A 31 1.88 5.36 11.27
N ARG A 32 0.63 5.04 11.49
CA ARG A 32 -0.09 5.54 12.65
C ARG A 32 -0.69 4.39 13.44
N SER A 33 -0.07 3.23 13.29
CA SER A 33 -0.49 2.03 14.01
C SER A 33 0.50 0.91 13.76
N ALA A 34 1.03 0.35 14.83
CA ALA A 34 1.90 -0.83 14.74
C ALA A 34 1.04 -2.09 14.70
N ASP A 35 -0.22 -1.91 15.11
CA ASP A 35 -1.19 -3.00 15.11
C ASP A 35 -1.61 -3.33 13.69
N GLY A 36 -1.90 -2.29 12.93
CA GLY A 36 -2.36 -2.45 11.57
C GLY A 36 -3.70 -1.80 11.34
N SER A 37 -3.88 -0.61 11.92
CA SER A 37 -5.11 0.15 11.77
C SER A 37 -4.84 1.48 11.07
N PRO A 38 -5.83 2.01 10.36
CA PRO A 38 -5.72 3.30 9.66
C PRO A 38 -5.73 4.49 10.64
N PRO A 39 -5.40 5.70 10.16
CA PRO A 39 -5.04 5.95 8.76
C PRO A 39 -3.62 5.52 8.44
N TYR A 40 -3.25 5.72 7.19
CA TYR A 40 -1.97 5.29 6.67
C TYR A 40 -1.42 6.39 5.77
N VAL A 41 -0.12 6.65 5.77
CA VAL A 41 0.34 7.76 4.99
C VAL A 41 1.58 7.36 4.25
N VAL A 42 1.52 7.84 3.04
CA VAL A 42 1.72 7.03 1.89
C VAL A 42 2.52 7.72 0.84
N ARG A 43 3.36 6.99 0.20
CA ARG A 43 3.95 7.48 -0.99
C ARG A 43 3.93 6.34 -1.98
N TRP A 44 3.63 6.68 -3.21
CA TRP A 44 3.49 5.71 -4.27
C TRP A 44 4.77 5.74 -5.01
N LEU A 45 5.77 5.24 -4.32
CA LEU A 45 7.12 5.74 -4.54
C LEU A 45 7.61 5.54 -5.96
N VAL A 46 7.32 4.39 -6.56
CA VAL A 46 7.65 4.19 -7.96
C VAL A 46 6.92 5.19 -8.87
N ASN A 47 5.64 5.43 -8.56
CA ASN A 47 4.83 6.44 -9.25
C ASN A 47 5.38 7.86 -9.10
N GLY A 48 5.84 8.17 -7.89
CA GLY A 48 6.31 9.51 -7.58
C GLY A 48 5.22 10.42 -7.04
N HIS A 49 4.48 9.97 -6.02
CA HIS A 49 3.45 10.80 -5.38
C HIS A 49 3.47 10.60 -3.86
N GLU A 50 2.92 11.56 -3.09
CA GLU A 50 2.93 11.50 -1.63
C GLU A 50 1.57 11.94 -1.06
N THR A 51 0.88 10.97 -0.49
CA THR A 51 -0.53 11.03 -0.15
C THR A 51 -0.84 10.41 1.21
N THR A 52 -2.11 10.41 1.54
CA THR A 52 -2.62 9.80 2.77
C THR A 52 -3.91 9.05 2.44
N VAL A 53 -3.91 7.75 2.74
CA VAL A 53 -4.91 6.82 2.21
C VAL A 53 -5.38 5.83 3.29
N TYR A 54 -6.29 4.96 2.89
CA TYR A 54 -6.82 3.88 3.72
C TYR A 54 -6.95 2.63 2.86
N PRO A 55 -6.17 1.58 3.16
CA PRO A 55 -6.16 0.32 2.39
C PRO A 55 -7.50 -0.40 2.42
N GLY A 56 -7.89 -0.87 3.59
CA GLY A 56 -9.13 -1.60 3.73
C GLY A 56 -8.94 -2.90 4.47
N SER A 57 -9.56 -3.96 3.97
CA SER A 57 -9.46 -5.27 4.58
C SER A 57 -8.46 -6.15 3.83
N ASP A 58 -8.00 -7.22 4.48
CA ASP A 58 -7.04 -8.15 3.89
C ASP A 58 -5.76 -7.43 3.51
N ALA A 59 -5.31 -6.61 4.45
CA ALA A 59 -4.13 -5.77 4.26
C ALA A 59 -2.87 -6.62 4.43
N VAL A 60 -1.95 -6.52 3.48
CA VAL A 60 -0.69 -7.27 3.52
C VAL A 60 0.45 -6.40 3.06
N VAL A 61 1.66 -6.93 3.15
CA VAL A 61 2.84 -6.14 2.94
C VAL A 61 3.93 -6.83 2.10
N VAL A 62 4.70 -6.00 1.42
CA VAL A 62 5.77 -6.37 0.56
C VAL A 62 6.95 -5.41 0.76
N THR A 63 8.01 -5.68 0.03
CA THR A 63 9.26 -4.92 0.11
C THR A 63 9.60 -4.21 -1.22
N ALA A 64 10.82 -3.64 -1.29
CA ALA A 64 11.28 -2.83 -2.42
C ALA A 64 11.22 -3.53 -3.77
N THR A 65 11.72 -4.75 -3.87
CA THR A 65 11.75 -5.44 -5.17
C THR A 65 10.36 -5.55 -5.76
N GLU A 66 9.46 -6.11 -4.96
CA GLU A 66 8.08 -6.29 -5.34
C GLU A 66 7.47 -4.95 -5.70
N HIS A 67 7.94 -3.92 -5.00
CA HIS A 67 7.47 -2.55 -5.14
C HIS A 67 7.57 -2.00 -6.56
N ALA A 68 8.63 -2.32 -7.29
CA ALA A 68 8.85 -1.67 -8.57
C ALA A 68 7.65 -1.88 -9.48
N GLU A 69 7.58 -3.08 -10.01
CA GLU A 69 6.50 -3.50 -10.88
C GLU A 69 5.13 -3.37 -10.21
N ALA A 70 4.97 -4.14 -9.14
CA ALA A 70 3.71 -4.23 -8.45
C ALA A 70 3.26 -2.86 -7.96
N GLU A 71 4.06 -2.18 -7.14
CA GLU A 71 3.61 -0.92 -6.56
C GLU A 71 3.22 0.09 -7.63
N LYS A 72 3.86 0.09 -8.78
CA LYS A 72 3.40 0.99 -9.86
C LYS A 72 1.93 0.70 -10.20
N ARG A 73 1.70 -0.44 -10.84
CA ARG A 73 0.35 -0.78 -11.32
C ARG A 73 -0.66 -0.79 -10.17
N ALA A 74 -0.29 -1.54 -9.18
CA ALA A 74 -1.07 -1.73 -7.99
C ALA A 74 -1.38 -0.42 -7.26
N ALA A 75 -0.42 0.51 -7.20
CA ALA A 75 -0.67 1.80 -6.54
C ALA A 75 -1.84 2.48 -7.18
N ALA A 76 -1.87 2.44 -8.51
CA ALA A 76 -2.99 3.04 -9.21
C ALA A 76 -4.30 2.41 -8.73
N ARG A 77 -4.28 1.10 -8.53
CA ARG A 77 -5.39 0.38 -7.90
C ARG A 77 -5.73 0.92 -6.49
N ALA A 78 -4.73 0.90 -5.59
CA ALA A 78 -4.90 1.24 -4.17
C ALA A 78 -5.68 2.53 -3.95
N GLY A 79 -5.40 3.55 -4.74
CA GLY A 79 -6.03 4.84 -4.47
C GLY A 79 -7.09 5.20 -5.48
N HIS A 80 -7.38 4.30 -6.41
CA HIS A 80 -8.48 4.51 -7.35
C HIS A 80 -9.76 3.93 -6.76
N ALA A 81 -9.59 3.01 -5.82
CA ALA A 81 -10.72 2.37 -5.16
C ALA A 81 -11.26 3.26 -4.05
N ALA A 82 -10.51 4.28 -3.69
CA ALA A 82 -10.92 5.21 -2.65
C ALA A 82 -11.28 6.56 -3.26
N THR A 83 -12.55 6.73 -3.61
CA THR A 83 -13.01 7.96 -4.21
C THR A 83 -14.18 8.53 -3.40
N MET A 4 -3.35 -7.43 11.84
CA MET A 4 -2.17 -7.08 11.02
C MET A 4 -1.28 -6.10 11.76
N HIS A 5 -0.01 -6.06 11.38
CA HIS A 5 0.90 -5.06 11.90
C HIS A 5 1.80 -4.55 10.77
N ALA A 6 1.92 -3.24 10.67
CA ALA A 6 2.71 -2.63 9.61
C ALA A 6 3.74 -1.70 10.19
N LYS A 7 4.88 -1.59 9.53
CA LYS A 7 5.96 -0.73 10.00
C LYS A 7 6.46 0.15 8.87
N VAL A 8 7.29 1.13 9.23
CA VAL A 8 7.81 2.08 8.26
C VAL A 8 9.06 1.53 7.58
N GLY A 9 9.23 1.88 6.32
CA GLY A 9 10.36 1.38 5.56
C GLY A 9 10.00 0.12 4.82
N ASP A 10 8.71 -0.18 4.82
CA ASP A 10 8.17 -1.36 4.13
C ASP A 10 7.02 -0.93 3.27
N TYR A 11 6.57 -1.82 2.41
CA TYR A 11 5.53 -1.46 1.48
C TYR A 11 4.19 -2.08 1.89
N LEU A 12 3.13 -1.39 1.52
CA LEU A 12 1.77 -1.78 1.85
C LEU A 12 1.15 -2.49 0.66
N VAL A 13 0.30 -3.46 0.97
CA VAL A 13 -0.34 -4.33 0.00
C VAL A 13 -1.85 -4.34 0.21
N VAL A 14 -2.61 -4.43 -0.88
CA VAL A 14 -4.06 -4.47 -0.81
C VAL A 14 -4.61 -5.53 -1.79
N LYS A 15 -5.85 -5.95 -1.58
CA LYS A 15 -6.56 -6.74 -2.57
C LYS A 15 -8.03 -6.32 -2.61
N GLY A 16 -8.79 -6.73 -1.60
CA GLY A 16 -10.18 -6.30 -1.50
C GLY A 16 -11.14 -7.43 -1.24
N THR A 17 -10.66 -8.66 -1.26
CA THR A 17 -11.50 -9.83 -1.07
C THR A 17 -10.67 -11.04 -0.65
N THR A 18 -9.80 -11.49 -1.54
CA THR A 18 -9.01 -12.68 -1.30
C THR A 18 -7.64 -12.33 -0.74
N THR A 19 -7.44 -12.64 0.54
CA THR A 19 -6.14 -12.44 1.16
C THR A 19 -5.16 -13.51 0.68
N GLU A 20 -4.59 -13.27 -0.49
CA GLU A 20 -3.68 -14.22 -1.12
C GLU A 20 -2.92 -13.50 -2.22
N ARG A 21 -3.62 -13.16 -3.29
CA ARG A 21 -3.04 -12.37 -4.36
C ARG A 21 -2.79 -10.96 -3.88
N HIS A 22 -1.54 -10.72 -3.52
CA HIS A 22 -1.16 -9.47 -2.88
C HIS A 22 -0.76 -8.42 -3.90
N ASP A 23 -1.69 -7.52 -4.21
CA ASP A 23 -1.45 -6.48 -5.22
C ASP A 23 -1.45 -5.11 -4.55
N GLN A 24 -1.47 -4.06 -5.37
CA GLN A 24 -1.61 -2.68 -4.87
C GLN A 24 -0.57 -2.36 -3.79
N HIS A 25 0.60 -1.89 -4.20
CA HIS A 25 1.68 -1.64 -3.26
C HIS A 25 2.08 -0.17 -3.24
N ALA A 26 2.72 0.24 -2.14
CA ALA A 26 3.35 1.57 -2.00
C ALA A 26 4.17 1.59 -0.74
N GLU A 27 4.81 2.68 -0.45
CA GLU A 27 5.72 2.72 0.71
C GLU A 27 5.06 3.33 1.92
N ILE A 28 5.10 2.59 3.01
CA ILE A 28 4.62 3.08 4.28
C ILE A 28 5.76 3.79 4.99
N ILE A 29 5.68 5.11 5.01
CA ILE A 29 6.67 5.95 5.69
C ILE A 29 6.07 6.59 6.94
N GLU A 30 4.76 6.80 6.94
CA GLU A 30 4.08 7.30 8.12
C GLU A 30 3.06 6.28 8.60
N VAL A 31 3.43 5.56 9.64
CA VAL A 31 2.53 4.59 10.25
C VAL A 31 1.88 5.21 11.48
N ARG A 32 0.63 5.59 11.35
CA ARG A 32 -0.06 6.31 12.42
C ARG A 32 -0.75 5.32 13.36
N SER A 33 -0.11 4.18 13.57
CA SER A 33 -0.62 3.16 14.47
C SER A 33 0.54 2.28 14.95
N ALA A 34 0.51 1.89 16.21
CA ALA A 34 1.55 1.03 16.76
C ALA A 34 1.55 -0.34 16.08
N ASP A 35 0.36 -0.88 15.90
CA ASP A 35 0.21 -2.17 15.25
C ASP A 35 -0.03 -1.99 13.76
N GLY A 36 -1.26 -1.64 13.42
CA GLY A 36 -1.62 -1.44 12.03
C GLY A 36 -3.11 -1.23 11.84
N SER A 37 -3.48 0.01 11.51
CA SER A 37 -4.87 0.34 11.24
C SER A 37 -4.93 1.57 10.35
N PRO A 38 -5.82 1.56 9.34
CA PRO A 38 -6.01 2.70 8.44
C PRO A 38 -6.42 3.97 9.19
N PRO A 39 -6.11 5.15 8.64
CA PRO A 39 -5.44 5.28 7.34
C PRO A 39 -3.93 5.14 7.42
N TYR A 40 -3.31 5.00 6.27
CA TYR A 40 -1.86 4.90 6.16
C TYR A 40 -1.35 6.03 5.30
N VAL A 41 -0.18 6.56 5.63
CA VAL A 41 0.43 7.57 4.79
C VAL A 41 1.48 6.89 3.93
N VAL A 42 1.17 6.84 2.65
CA VAL A 42 1.87 5.96 1.74
C VAL A 42 2.41 6.74 0.54
N ARG A 43 3.52 6.28 0.02
CA ARG A 43 4.16 6.94 -1.09
C ARG A 43 4.13 6.05 -2.33
N TRP A 44 3.54 6.54 -3.40
CA TRP A 44 3.66 5.89 -4.69
C TRP A 44 4.97 6.35 -5.31
N LEU A 45 6.07 5.80 -4.84
CA LEU A 45 7.38 6.35 -5.15
C LEU A 45 7.86 6.02 -6.55
N VAL A 46 7.51 4.85 -7.06
CA VAL A 46 7.92 4.49 -8.42
C VAL A 46 7.05 5.21 -9.46
N ASN A 47 5.99 5.85 -8.98
CA ASN A 47 5.19 6.72 -9.84
C ASN A 47 5.56 8.18 -9.60
N GLY A 48 5.94 8.50 -8.37
CA GLY A 48 6.38 9.84 -8.04
C GLY A 48 5.32 10.63 -7.31
N HIS A 49 4.55 9.97 -6.45
CA HIS A 49 3.49 10.64 -5.70
C HIS A 49 3.49 10.18 -4.25
N GLU A 50 2.74 10.88 -3.42
CA GLU A 50 2.66 10.58 -1.99
C GLU A 50 1.31 11.07 -1.47
N THR A 51 0.68 10.31 -0.55
CA THR A 51 -0.64 10.66 -0.06
C THR A 51 -1.11 9.72 1.04
N THR A 52 -2.29 9.98 1.51
CA THR A 52 -2.90 9.16 2.56
C THR A 52 -3.87 8.18 1.93
N VAL A 53 -3.50 6.91 1.91
CA VAL A 53 -4.27 5.89 1.21
C VAL A 53 -5.15 5.12 2.17
N TYR A 54 -6.29 4.68 1.65
CA TYR A 54 -7.20 3.83 2.40
C TYR A 54 -7.32 2.50 1.67
N PRO A 55 -6.61 1.47 2.14
CA PRO A 55 -6.56 0.17 1.48
C PRO A 55 -7.84 -0.64 1.73
N GLY A 56 -8.27 -0.68 2.98
CA GLY A 56 -9.44 -1.45 3.33
C GLY A 56 -9.07 -2.79 3.93
N SER A 57 -9.02 -3.83 3.09
CA SER A 57 -8.77 -5.17 3.56
C SER A 57 -7.61 -5.82 2.80
N ASP A 58 -7.13 -6.94 3.32
CA ASP A 58 -6.02 -7.72 2.72
C ASP A 58 -4.71 -6.95 2.77
N ALA A 59 -4.63 -6.00 3.70
CA ALA A 59 -3.45 -5.16 3.82
C ALA A 59 -2.31 -5.93 4.48
N VAL A 60 -1.16 -5.92 3.83
CA VAL A 60 0.04 -6.55 4.38
C VAL A 60 1.29 -5.78 3.96
N VAL A 61 2.40 -6.27 4.40
CA VAL A 61 3.69 -5.62 4.18
C VAL A 61 4.57 -6.42 3.23
N VAL A 62 5.09 -5.74 2.21
CA VAL A 62 6.05 -6.29 1.30
C VAL A 62 7.34 -5.48 1.32
N THR A 63 8.30 -5.91 0.53
CA THR A 63 9.58 -5.23 0.44
C THR A 63 9.77 -4.59 -0.95
N ALA A 64 10.99 -4.09 -1.19
CA ALA A 64 11.32 -3.30 -2.37
C ALA A 64 10.87 -3.92 -3.69
N THR A 65 11.20 -5.17 -3.94
CA THR A 65 10.97 -5.73 -5.28
C THR A 65 9.50 -5.88 -5.58
N GLU A 66 8.73 -6.32 -4.60
CA GLU A 66 7.29 -6.47 -4.77
C GLU A 66 6.65 -5.12 -5.04
N HIS A 67 7.31 -4.07 -4.59
CA HIS A 67 6.77 -2.73 -4.65
C HIS A 67 6.64 -2.22 -6.08
N ALA A 68 7.71 -2.33 -6.88
CA ALA A 68 7.81 -1.58 -8.14
C ALA A 68 6.57 -1.74 -9.03
N GLU A 69 6.40 -2.95 -9.51
CA GLU A 69 5.34 -3.28 -10.47
C GLU A 69 3.95 -3.04 -9.90
N ALA A 70 3.68 -3.62 -8.73
CA ALA A 70 2.36 -3.56 -8.15
C ALA A 70 2.01 -2.18 -7.60
N GLU A 71 3.02 -1.34 -7.41
CA GLU A 71 2.81 0.02 -6.91
C GLU A 71 2.30 0.91 -8.02
N LYS A 72 2.86 0.74 -9.21
CA LYS A 72 2.30 1.40 -10.38
C LYS A 72 0.81 1.03 -10.51
N ARG A 73 0.55 -0.27 -10.42
CA ARG A 73 -0.81 -0.78 -10.51
C ARG A 73 -1.62 -0.36 -9.29
N ALA A 74 -0.95 0.06 -8.23
CA ALA A 74 -1.61 0.50 -7.01
C ALA A 74 -2.07 1.95 -7.16
N ALA A 75 -1.24 2.79 -7.75
CA ALA A 75 -1.63 4.15 -8.04
C ALA A 75 -2.82 4.16 -8.98
N ALA A 76 -2.91 3.10 -9.79
CA ALA A 76 -4.04 2.92 -10.68
C ALA A 76 -5.27 2.37 -9.95
N ARG A 77 -5.10 1.27 -9.23
CA ARG A 77 -6.21 0.57 -8.57
C ARG A 77 -6.58 1.22 -7.22
N ALA A 78 -5.66 1.16 -6.26
CA ALA A 78 -5.90 1.63 -4.90
C ALA A 78 -6.07 3.15 -4.88
N GLY A 79 -5.18 3.85 -5.54
CA GLY A 79 -5.20 5.30 -5.55
C GLY A 79 -6.32 5.87 -6.40
N HIS A 80 -7.06 5.00 -7.08
CA HIS A 80 -8.20 5.42 -7.88
C HIS A 80 -9.31 5.94 -6.98
N ALA A 81 -9.36 5.42 -5.75
CA ALA A 81 -10.34 5.84 -4.78
C ALA A 81 -10.01 7.23 -4.24
N ALA A 82 -8.89 7.35 -3.55
CA ALA A 82 -8.48 8.61 -2.96
C ALA A 82 -6.98 8.78 -3.00
N THR A 83 -6.54 9.90 -3.57
CA THR A 83 -5.13 10.23 -3.61
C THR A 83 -4.96 11.75 -3.64
N MET A 4 -3.30 -6.89 11.74
CA MET A 4 -2.27 -6.57 10.73
C MET A 4 -1.32 -5.54 11.30
N HIS A 5 -0.03 -5.69 11.02
CA HIS A 5 0.98 -4.80 11.57
C HIS A 5 2.02 -4.48 10.50
N ALA A 6 2.39 -3.21 10.40
CA ALA A 6 3.32 -2.77 9.36
C ALA A 6 4.33 -1.78 9.92
N LYS A 7 5.31 -1.43 9.11
CA LYS A 7 6.38 -0.53 9.53
C LYS A 7 6.73 0.43 8.40
N VAL A 8 7.28 1.59 8.76
CA VAL A 8 7.78 2.53 7.77
C VAL A 8 9.03 1.97 7.10
N GLY A 9 9.17 2.22 5.81
CA GLY A 9 10.25 1.61 5.06
C GLY A 9 9.81 0.29 4.47
N ASP A 10 8.51 0.14 4.40
CA ASP A 10 7.86 -1.08 3.92
C ASP A 10 6.71 -0.71 3.05
N TYR A 11 6.03 -1.70 2.57
CA TYR A 11 5.04 -1.51 1.53
C TYR A 11 3.82 -2.33 1.85
N LEU A 12 2.74 -2.03 1.17
CA LEU A 12 1.42 -2.52 1.55
C LEU A 12 0.65 -2.95 0.31
N VAL A 13 -0.05 -4.07 0.43
CA VAL A 13 -0.86 -4.61 -0.66
C VAL A 13 -2.18 -5.14 -0.08
N VAL A 14 -3.20 -5.23 -0.92
CA VAL A 14 -4.47 -5.81 -0.50
C VAL A 14 -5.04 -6.70 -1.61
N LYS A 15 -6.05 -7.50 -1.30
CA LYS A 15 -6.64 -8.38 -2.28
C LYS A 15 -7.72 -7.65 -3.08
N GLY A 16 -7.27 -6.81 -4.01
CA GLY A 16 -8.19 -6.17 -4.94
C GLY A 16 -8.45 -7.07 -6.12
N THR A 17 -7.63 -8.10 -6.24
CA THR A 17 -7.77 -9.12 -7.26
C THR A 17 -7.00 -10.37 -6.83
N THR A 18 -7.62 -11.53 -6.98
CA THR A 18 -6.98 -12.77 -6.59
C THR A 18 -6.20 -13.38 -7.76
N THR A 19 -6.75 -13.24 -8.96
CA THR A 19 -6.15 -13.84 -10.13
C THR A 19 -4.90 -13.07 -10.58
N GLU A 20 -4.89 -11.77 -10.36
CA GLU A 20 -3.76 -10.93 -10.76
C GLU A 20 -2.81 -10.75 -9.57
N ARG A 21 -2.66 -11.82 -8.79
CA ARG A 21 -1.73 -11.89 -7.66
C ARG A 21 -2.23 -11.10 -6.46
N HIS A 22 -2.19 -9.78 -6.57
CA HIS A 22 -2.59 -8.88 -5.48
C HIS A 22 -2.64 -7.45 -6.03
N ASP A 23 -3.32 -6.55 -5.33
CA ASP A 23 -3.60 -5.22 -5.86
C ASP A 23 -3.43 -4.14 -4.77
N GLN A 24 -3.37 -2.87 -5.18
CA GLN A 24 -3.14 -1.73 -4.29
C GLN A 24 -1.79 -1.84 -3.57
N HIS A 25 -0.82 -1.03 -4.01
CA HIS A 25 0.54 -1.13 -3.47
C HIS A 25 1.15 0.26 -3.25
N ALA A 26 1.63 0.47 -2.03
CA ALA A 26 2.25 1.72 -1.60
C ALA A 26 3.45 1.43 -0.72
N GLU A 27 4.08 2.49 -0.25
CA GLU A 27 5.16 2.36 0.73
C GLU A 27 4.98 3.41 1.78
N ILE A 28 4.88 2.91 2.99
CA ILE A 28 4.58 3.73 4.13
C ILE A 28 5.84 4.36 4.68
N ILE A 29 5.89 5.67 4.57
CA ILE A 29 6.94 6.45 5.17
C ILE A 29 6.38 7.20 6.38
N GLU A 30 5.08 7.04 6.56
CA GLU A 30 4.40 7.54 7.74
C GLU A 30 3.38 6.50 8.21
N VAL A 31 3.51 6.09 9.46
CA VAL A 31 2.73 5.02 10.01
C VAL A 31 2.28 5.41 11.41
N ARG A 32 1.05 5.88 11.52
CA ARG A 32 0.53 6.38 12.79
C ARG A 32 -0.44 5.38 13.40
N SER A 33 -0.67 4.31 12.65
CA SER A 33 -1.60 3.27 13.05
C SER A 33 -1.13 2.55 14.30
N ALA A 34 0.20 2.54 14.51
CA ALA A 34 0.83 1.84 15.62
C ALA A 34 0.61 0.33 15.51
N ASP A 35 -0.56 -0.13 15.95
CA ASP A 35 -0.93 -1.53 15.85
C ASP A 35 -1.20 -1.91 14.42
N GLY A 36 -1.93 -1.06 13.72
CA GLY A 36 -2.28 -1.34 12.34
C GLY A 36 -3.55 -0.65 11.94
N SER A 37 -4.14 -1.08 10.82
CA SER A 37 -5.41 -0.56 10.29
C SER A 37 -5.28 0.88 9.80
N PRO A 38 -6.14 1.29 8.84
CA PRO A 38 -6.13 2.65 8.29
C PRO A 38 -6.52 3.71 9.33
N PRO A 39 -6.19 4.98 9.06
CA PRO A 39 -5.50 5.39 7.84
C PRO A 39 -4.00 5.21 7.91
N TYR A 40 -3.35 5.54 6.80
CA TYR A 40 -1.90 5.54 6.69
C TYR A 40 -1.48 6.77 5.93
N VAL A 41 -0.19 7.01 5.85
CA VAL A 41 0.32 8.10 5.07
C VAL A 41 1.51 7.59 4.33
N VAL A 42 1.34 7.59 3.05
CA VAL A 42 2.03 6.66 2.22
C VAL A 42 2.50 7.36 0.98
N ARG A 43 3.30 6.69 0.20
CA ARG A 43 3.91 7.31 -0.93
C ARG A 43 3.87 6.33 -2.09
N TRP A 44 3.28 6.76 -3.19
CA TRP A 44 3.33 5.97 -4.41
C TRP A 44 4.69 6.21 -5.02
N LEU A 45 5.67 5.46 -4.56
CA LEU A 45 7.07 5.78 -4.84
C LEU A 45 7.37 5.79 -6.32
N VAL A 46 7.31 4.60 -6.90
CA VAL A 46 7.68 4.40 -8.28
C VAL A 46 6.80 5.23 -9.20
N ASN A 47 5.52 5.32 -8.87
CA ASN A 47 4.60 6.22 -9.56
C ASN A 47 5.05 7.68 -9.42
N GLY A 48 5.32 8.10 -8.19
CA GLY A 48 5.83 9.44 -7.93
C GLY A 48 4.80 10.36 -7.28
N HIS A 49 4.14 9.90 -6.22
CA HIS A 49 3.17 10.72 -5.49
C HIS A 49 3.29 10.53 -3.97
N GLU A 50 2.62 11.38 -3.20
CA GLU A 50 2.65 11.34 -1.73
C GLU A 50 1.25 11.59 -1.18
N THR A 51 0.72 10.61 -0.46
CA THR A 51 -0.71 10.58 -0.14
C THR A 51 -1.01 10.13 1.29
N THR A 52 -2.30 10.10 1.57
CA THR A 52 -2.85 9.59 2.82
C THR A 52 -4.09 8.77 2.46
N VAL A 53 -4.02 7.45 2.67
CA VAL A 53 -4.99 6.55 2.04
C VAL A 53 -5.48 5.44 2.96
N TYR A 54 -6.36 4.60 2.40
CA TYR A 54 -7.01 3.53 3.13
C TYR A 54 -7.06 2.27 2.27
N PRO A 55 -6.26 1.25 2.62
CA PRO A 55 -6.26 -0.05 1.92
C PRO A 55 -7.50 -0.88 2.29
N GLY A 56 -7.50 -2.16 1.90
CA GLY A 56 -8.61 -3.04 2.23
C GLY A 56 -8.31 -3.91 3.45
N SER A 57 -9.13 -4.93 3.67
CA SER A 57 -8.99 -5.80 4.83
C SER A 57 -8.22 -7.08 4.52
N ASP A 58 -7.44 -7.01 3.45
CA ASP A 58 -6.50 -8.08 3.11
C ASP A 58 -5.13 -7.44 3.02
N ALA A 59 -4.91 -6.50 3.94
CA ALA A 59 -3.70 -5.71 3.97
C ALA A 59 -2.49 -6.58 4.31
N VAL A 60 -1.41 -6.37 3.57
CA VAL A 60 -0.19 -7.14 3.68
C VAL A 60 0.97 -6.19 3.60
N VAL A 61 2.15 -6.73 3.68
CA VAL A 61 3.37 -5.93 3.74
C VAL A 61 4.44 -6.56 2.85
N VAL A 62 5.10 -5.71 2.09
CA VAL A 62 6.01 -6.11 1.06
C VAL A 62 7.25 -5.25 1.07
N THR A 63 8.17 -5.59 0.19
CA THR A 63 9.49 -4.96 0.17
C THR A 63 9.79 -4.30 -1.19
N ALA A 64 11.07 -4.00 -1.41
CA ALA A 64 11.54 -3.25 -2.57
C ALA A 64 11.24 -3.95 -3.90
N THR A 65 11.47 -5.26 -4.00
CA THR A 65 11.24 -5.96 -5.26
C THR A 65 9.76 -6.06 -5.57
N GLU A 66 8.99 -6.38 -4.54
CA GLU A 66 7.55 -6.49 -4.68
C GLU A 66 6.97 -5.15 -5.10
N HIS A 67 7.77 -4.12 -4.90
CA HIS A 67 7.35 -2.75 -5.08
C HIS A 67 7.38 -2.27 -6.53
N ALA A 68 8.43 -2.59 -7.28
CA ALA A 68 8.62 -1.94 -8.59
C ALA A 68 7.39 -2.09 -9.48
N GLU A 69 7.18 -3.31 -9.93
CA GLU A 69 6.10 -3.61 -10.85
C GLU A 69 4.72 -3.49 -10.20
N ALA A 70 4.57 -4.23 -9.10
CA ALA A 70 3.30 -4.31 -8.41
C ALA A 70 2.82 -2.94 -7.96
N GLU A 71 3.72 -2.11 -7.42
CA GLU A 71 3.31 -0.81 -6.92
C GLU A 71 2.94 0.12 -8.06
N LYS A 72 3.63 0.03 -9.18
CA LYS A 72 3.26 0.85 -10.32
C LYS A 72 1.76 0.68 -10.61
N ARG A 73 1.37 -0.55 -10.94
CA ARG A 73 -0.02 -0.83 -11.30
C ARG A 73 -0.97 -0.66 -10.11
N ALA A 74 -0.62 -1.33 -9.03
CA ALA A 74 -1.50 -1.43 -7.88
C ALA A 74 -1.66 -0.10 -7.15
N ALA A 75 -0.64 0.76 -7.18
CA ALA A 75 -0.76 2.08 -6.58
C ALA A 75 -1.69 2.93 -7.39
N ALA A 76 -1.58 2.82 -8.72
CA ALA A 76 -2.51 3.50 -9.60
C ALA A 76 -3.96 3.18 -9.23
N ARG A 77 -4.22 1.94 -8.79
CA ARG A 77 -5.57 1.60 -8.32
C ARG A 77 -5.85 2.03 -6.86
N ALA A 78 -4.93 1.71 -5.94
CA ALA A 78 -5.06 2.02 -4.50
C ALA A 78 -5.55 3.45 -4.26
N GLY A 79 -4.88 4.40 -4.90
CA GLY A 79 -5.23 5.79 -4.71
C GLY A 79 -5.96 6.38 -5.91
N HIS A 80 -6.61 5.50 -6.68
CA HIS A 80 -7.33 5.92 -7.88
C HIS A 80 -8.59 6.69 -7.51
N ALA A 81 -9.29 6.20 -6.49
CA ALA A 81 -10.55 6.80 -6.07
C ALA A 81 -10.81 6.52 -4.59
N ALA A 82 -9.77 6.70 -3.77
CA ALA A 82 -9.85 6.42 -2.34
C ALA A 82 -11.03 7.16 -1.69
N THR A 83 -11.14 8.45 -1.96
CA THR A 83 -12.27 9.24 -1.49
C THR A 83 -12.51 10.41 -2.44
N MET A 4 -2.83 -7.37 13.57
CA MET A 4 -2.30 -6.61 12.42
C MET A 4 -1.00 -5.92 12.78
N HIS A 5 0.04 -6.17 11.99
CA HIS A 5 1.33 -5.55 12.24
C HIS A 5 1.91 -5.01 10.94
N ALA A 6 2.32 -3.75 10.98
CA ALA A 6 2.92 -3.09 9.84
C ALA A 6 3.75 -1.93 10.33
N LYS A 7 4.87 -1.65 9.68
CA LYS A 7 5.74 -0.56 10.11
C LYS A 7 6.38 0.14 8.92
N VAL A 8 7.04 1.25 9.21
CA VAL A 8 7.68 2.07 8.19
C VAL A 8 8.95 1.39 7.66
N GLY A 9 9.22 1.63 6.39
CA GLY A 9 10.38 1.03 5.76
C GLY A 9 9.96 -0.10 4.85
N ASP A 10 8.67 -0.34 4.81
CA ASP A 10 8.11 -1.46 4.05
C ASP A 10 6.99 -0.97 3.19
N TYR A 11 6.45 -1.85 2.39
CA TYR A 11 5.43 -1.48 1.44
C TYR A 11 4.10 -2.16 1.76
N LEU A 12 3.02 -1.50 1.39
CA LEU A 12 1.67 -1.97 1.68
C LEU A 12 1.11 -2.68 0.47
N VAL A 13 0.36 -3.75 0.76
CA VAL A 13 -0.25 -4.62 -0.25
C VAL A 13 -1.70 -4.91 0.13
N VAL A 14 -2.54 -5.22 -0.86
CA VAL A 14 -3.86 -5.75 -0.57
C VAL A 14 -4.06 -7.08 -1.30
N LYS A 15 -4.87 -7.96 -0.73
CA LYS A 15 -5.14 -9.25 -1.36
C LYS A 15 -6.64 -9.51 -1.42
N GLY A 16 -7.20 -9.97 -0.31
CA GLY A 16 -8.60 -10.30 -0.27
C GLY A 16 -8.84 -11.64 0.39
N THR A 17 -9.63 -11.63 1.45
CA THR A 17 -9.98 -12.84 2.20
C THR A 17 -8.76 -13.41 2.92
N THR A 18 -7.92 -14.14 2.18
CA THR A 18 -6.74 -14.79 2.75
C THR A 18 -5.73 -15.12 1.65
N THR A 19 -6.15 -15.90 0.67
CA THR A 19 -5.23 -16.49 -0.29
C THR A 19 -5.35 -15.87 -1.69
N GLU A 20 -6.05 -14.75 -1.79
CA GLU A 20 -6.26 -14.12 -3.09
C GLU A 20 -5.01 -13.39 -3.58
N ARG A 21 -5.12 -12.87 -4.80
CA ARG A 21 -4.00 -12.20 -5.47
C ARG A 21 -3.49 -11.02 -4.66
N HIS A 22 -2.18 -10.96 -4.48
CA HIS A 22 -1.58 -9.80 -3.83
C HIS A 22 -1.29 -8.73 -4.87
N ASP A 23 -1.85 -7.55 -4.67
CA ASP A 23 -1.71 -6.45 -5.61
C ASP A 23 -1.80 -5.13 -4.86
N GLN A 24 -1.59 -4.01 -5.56
CA GLN A 24 -1.66 -2.68 -4.95
C GLN A 24 -0.54 -2.51 -3.93
N HIS A 25 0.53 -1.83 -4.33
CA HIS A 25 1.69 -1.65 -3.46
C HIS A 25 2.10 -0.19 -3.39
N ALA A 26 2.60 0.22 -2.24
CA ALA A 26 3.21 1.56 -2.05
C ALA A 26 4.07 1.53 -0.82
N GLU A 27 4.75 2.60 -0.52
CA GLU A 27 5.63 2.59 0.65
C GLU A 27 4.96 3.23 1.84
N ILE A 28 5.04 2.55 2.97
CA ILE A 28 4.54 3.06 4.21
C ILE A 28 5.70 3.68 4.99
N ILE A 29 5.67 5.00 5.08
CA ILE A 29 6.65 5.74 5.87
C ILE A 29 5.98 6.32 7.11
N GLU A 30 4.71 6.66 7.00
CA GLU A 30 3.97 7.18 8.14
C GLU A 30 2.90 6.17 8.55
N VAL A 31 3.22 5.41 9.59
CA VAL A 31 2.37 4.35 10.07
C VAL A 31 1.71 4.75 11.38
N ARG A 32 0.46 4.33 11.57
CA ARG A 32 -0.21 4.56 12.85
C ARG A 32 0.44 3.74 13.95
N SER A 33 0.87 2.53 13.58
CA SER A 33 1.46 1.58 14.52
C SER A 33 0.48 1.27 15.66
N ALA A 34 1.01 0.77 16.78
CA ALA A 34 0.21 0.42 17.95
C ALA A 34 -0.73 -0.75 17.64
N ASP A 35 -1.92 -0.44 17.14
CA ASP A 35 -2.89 -1.47 16.79
C ASP A 35 -2.75 -1.85 15.32
N GLY A 36 -2.26 -0.92 14.51
CA GLY A 36 -2.06 -1.18 13.10
C GLY A 36 -3.35 -1.09 12.31
N SER A 37 -3.70 0.10 11.87
CA SER A 37 -4.89 0.32 11.08
C SER A 37 -4.80 1.63 10.32
N PRO A 38 -5.64 1.82 9.28
CA PRO A 38 -5.72 3.08 8.54
C PRO A 38 -6.11 4.25 9.43
N PRO A 39 -5.90 5.49 8.99
CA PRO A 39 -5.35 5.80 7.66
C PRO A 39 -3.86 5.53 7.56
N TYR A 40 -3.40 5.21 6.37
CA TYR A 40 -1.98 5.05 6.13
C TYR A 40 -1.48 6.17 5.24
N VAL A 41 -0.30 6.69 5.53
CA VAL A 41 0.29 7.70 4.69
C VAL A 41 1.28 7.02 3.77
N VAL A 42 0.82 6.78 2.56
CA VAL A 42 1.52 5.92 1.64
C VAL A 42 2.10 6.74 0.50
N ARG A 43 3.29 6.37 0.07
CA ARG A 43 3.96 7.12 -0.96
C ARG A 43 4.26 6.24 -2.16
N TRP A 44 3.87 6.71 -3.34
CA TRP A 44 4.21 6.03 -4.56
C TRP A 44 5.64 6.42 -4.92
N LEU A 45 6.58 5.54 -4.63
CA LEU A 45 8.00 5.86 -4.77
C LEU A 45 8.41 5.82 -6.22
N VAL A 46 8.20 4.67 -6.84
CA VAL A 46 8.68 4.41 -8.17
C VAL A 46 7.79 5.06 -9.22
N ASN A 47 6.67 5.59 -8.77
CA ASN A 47 5.82 6.42 -9.61
C ASN A 47 6.13 7.89 -9.36
N GLY A 48 6.18 8.27 -8.08
CA GLY A 48 6.58 9.62 -7.73
C GLY A 48 5.42 10.50 -7.31
N HIS A 49 4.85 10.23 -6.14
CA HIS A 49 3.81 11.10 -5.56
C HIS A 49 3.45 10.63 -4.16
N GLU A 50 3.08 11.58 -3.31
CA GLU A 50 2.64 11.28 -1.95
C GLU A 50 1.12 11.26 -1.88
N THR A 51 0.55 10.36 -1.08
CA THR A 51 -0.90 10.21 -0.98
C THR A 51 -1.28 9.62 0.38
N THR A 52 -2.56 9.67 0.71
CA THR A 52 -3.06 9.05 1.94
C THR A 52 -4.23 8.15 1.58
N VAL A 53 -4.11 6.86 1.86
CA VAL A 53 -5.07 5.89 1.36
C VAL A 53 -5.61 4.97 2.46
N TYR A 54 -6.73 4.35 2.12
CA TYR A 54 -7.33 3.29 2.94
C TYR A 54 -7.40 2.03 2.09
N PRO A 55 -6.46 1.10 2.28
CA PRO A 55 -6.37 -0.12 1.48
C PRO A 55 -7.56 -1.05 1.73
N GLY A 56 -7.93 -1.81 0.70
CA GLY A 56 -9.08 -2.68 0.79
C GLY A 56 -8.76 -4.02 1.42
N SER A 57 -8.45 -4.00 2.71
CA SER A 57 -8.24 -5.20 3.52
C SER A 57 -6.96 -5.96 3.12
N ASP A 58 -6.57 -6.93 3.95
CA ASP A 58 -5.41 -7.79 3.70
C ASP A 58 -4.14 -6.99 3.44
N ALA A 59 -3.94 -5.94 4.23
CA ALA A 59 -2.77 -5.09 4.07
C ALA A 59 -1.53 -5.75 4.66
N VAL A 60 -0.60 -6.14 3.79
CA VAL A 60 0.64 -6.77 4.23
C VAL A 60 1.84 -5.95 3.80
N VAL A 61 2.93 -6.13 4.51
CA VAL A 61 4.13 -5.34 4.32
C VAL A 61 5.21 -6.10 3.55
N VAL A 62 5.40 -5.70 2.29
CA VAL A 62 6.40 -6.27 1.43
C VAL A 62 7.62 -5.38 1.32
N THR A 63 8.59 -5.84 0.54
CA THR A 63 9.83 -5.12 0.31
C THR A 63 9.76 -4.30 -0.98
N ALA A 64 10.92 -3.77 -1.37
CA ALA A 64 11.03 -2.83 -2.50
C ALA A 64 10.63 -3.45 -3.83
N THR A 65 11.19 -4.61 -4.16
CA THR A 65 10.98 -5.21 -5.47
C THR A 65 9.56 -5.74 -5.62
N GLU A 66 9.08 -6.37 -4.55
CA GLU A 66 7.72 -6.89 -4.51
C GLU A 66 6.73 -5.78 -4.83
N HIS A 67 7.13 -4.57 -4.48
CA HIS A 67 6.27 -3.41 -4.54
C HIS A 67 6.15 -2.77 -5.93
N ALA A 68 7.27 -2.56 -6.62
CA ALA A 68 7.34 -1.58 -7.74
C ALA A 68 6.21 -1.74 -8.77
N GLU A 69 6.17 -2.92 -9.37
CA GLU A 69 5.22 -3.22 -10.44
C GLU A 69 3.78 -2.93 -9.98
N ALA A 70 3.45 -3.53 -8.84
CA ALA A 70 2.14 -3.40 -8.26
C ALA A 70 1.86 -2.00 -7.73
N GLU A 71 2.90 -1.19 -7.54
CA GLU A 71 2.71 0.19 -7.11
C GLU A 71 2.10 1.00 -8.23
N LYS A 72 2.59 0.77 -9.45
CA LYS A 72 1.97 1.38 -10.62
C LYS A 72 0.50 0.96 -10.67
N ARG A 73 0.28 -0.34 -10.49
CA ARG A 73 -1.08 -0.88 -10.43
C ARG A 73 -1.88 -0.30 -9.25
N ALA A 74 -1.16 0.17 -8.24
CA ALA A 74 -1.77 0.67 -7.02
C ALA A 74 -2.24 2.10 -7.17
N ALA A 75 -1.37 2.96 -7.69
CA ALA A 75 -1.76 4.33 -7.96
C ALA A 75 -2.90 4.35 -8.97
N ALA A 76 -3.00 3.27 -9.74
CA ALA A 76 -4.11 3.08 -10.65
C ALA A 76 -5.42 2.82 -9.89
N ARG A 77 -5.48 1.69 -9.18
CA ARG A 77 -6.71 1.26 -8.52
C ARG A 77 -6.92 1.94 -7.14
N ALA A 78 -5.98 1.73 -6.22
CA ALA A 78 -6.12 2.20 -4.82
C ALA A 78 -6.45 3.68 -4.75
N GLY A 79 -5.71 4.49 -5.49
CA GLY A 79 -5.87 5.93 -5.41
C GLY A 79 -6.66 6.49 -6.57
N HIS A 80 -7.44 5.64 -7.23
CA HIS A 80 -8.26 6.09 -8.35
C HIS A 80 -9.38 6.98 -7.86
N ALA A 81 -10.13 6.47 -6.89
CA ALA A 81 -11.22 7.22 -6.28
C ALA A 81 -11.25 6.97 -4.78
N ALA A 82 -10.44 7.73 -4.06
CA ALA A 82 -10.36 7.60 -2.62
C ALA A 82 -11.30 8.58 -1.93
N THR A 83 -11.31 9.80 -2.44
CA THR A 83 -12.19 10.84 -1.93
C THR A 83 -13.35 11.05 -2.89
N MET A 4 -1.84 -7.10 14.19
CA MET A 4 -1.08 -6.95 12.92
C MET A 4 0.25 -6.24 13.18
N HIS A 5 1.21 -6.44 12.30
CA HIS A 5 2.47 -5.70 12.38
C HIS A 5 2.69 -4.92 11.10
N ALA A 6 2.88 -3.61 11.26
CA ALA A 6 3.15 -2.73 10.13
C ALA A 6 4.50 -2.06 10.31
N LYS A 7 5.15 -1.73 9.21
CA LYS A 7 6.48 -1.14 9.29
C LYS A 7 6.61 0.01 8.30
N VAL A 8 7.40 1.00 8.70
CA VAL A 8 7.75 2.10 7.82
C VAL A 8 9.02 1.74 7.05
N GLY A 9 9.03 2.04 5.76
CA GLY A 9 10.15 1.65 4.92
C GLY A 9 9.82 0.41 4.14
N ASP A 10 8.60 -0.05 4.32
CA ASP A 10 8.09 -1.24 3.65
C ASP A 10 6.89 -0.82 2.82
N TYR A 11 6.38 -1.71 2.03
CA TYR A 11 5.32 -1.37 1.11
C TYR A 11 4.00 -2.01 1.52
N LEU A 12 2.91 -1.47 1.00
CA LEU A 12 1.58 -1.92 1.34
C LEU A 12 0.98 -2.70 0.20
N VAL A 13 0.33 -3.81 0.53
CA VAL A 13 -0.44 -4.61 -0.42
C VAL A 13 -1.76 -5.01 0.24
N VAL A 14 -2.82 -5.16 -0.54
CA VAL A 14 -4.09 -5.63 -0.01
C VAL A 14 -4.58 -6.84 -0.82
N LYS A 15 -5.20 -7.77 -0.12
CA LYS A 15 -5.78 -8.94 -0.76
C LYS A 15 -7.11 -8.58 -1.44
N GLY A 16 -7.02 -7.95 -2.60
CA GLY A 16 -8.23 -7.61 -3.34
C GLY A 16 -8.72 -8.81 -4.13
N THR A 17 -9.53 -9.65 -3.48
CA THR A 17 -10.03 -10.87 -4.08
C THR A 17 -8.86 -11.87 -4.25
N THR A 18 -9.12 -13.04 -4.81
CA THR A 18 -8.06 -13.98 -5.12
C THR A 18 -7.28 -13.51 -6.34
N THR A 19 -6.44 -12.52 -6.14
CA THR A 19 -5.64 -11.96 -7.22
C THR A 19 -4.17 -12.33 -7.05
N GLU A 20 -3.61 -12.98 -8.05
CA GLU A 20 -2.21 -13.33 -8.04
C GLU A 20 -1.39 -12.05 -8.13
N ARG A 21 -0.25 -12.05 -7.41
CA ARG A 21 0.62 -10.87 -7.28
C ARG A 21 0.02 -9.86 -6.30
N HIS A 22 -1.29 -9.96 -6.06
CA HIS A 22 -2.03 -9.11 -5.11
C HIS A 22 -2.20 -7.70 -5.64
N ASP A 23 -3.02 -6.90 -4.96
CA ASP A 23 -3.37 -5.59 -5.47
C ASP A 23 -3.22 -4.53 -4.36
N GLN A 24 -3.69 -3.30 -4.64
CA GLN A 24 -3.57 -2.15 -3.72
C GLN A 24 -2.18 -2.03 -3.11
N HIS A 25 -1.32 -1.24 -3.76
CA HIS A 25 0.09 -1.20 -3.39
C HIS A 25 0.62 0.23 -3.34
N ALA A 26 1.54 0.47 -2.39
CA ALA A 26 2.19 1.77 -2.22
C ALA A 26 3.36 1.64 -1.25
N GLU A 27 4.04 2.73 -1.01
CA GLU A 27 5.16 2.77 -0.07
C GLU A 27 4.71 3.35 1.27
N ILE A 28 4.92 2.60 2.33
CA ILE A 28 4.51 3.04 3.66
C ILE A 28 5.66 3.78 4.35
N ILE A 29 5.51 5.10 4.43
CA ILE A 29 6.54 5.94 5.03
C ILE A 29 6.04 6.63 6.30
N GLU A 30 4.74 6.56 6.56
CA GLU A 30 4.18 7.05 7.80
C GLU A 30 3.09 6.12 8.31
N VAL A 31 3.42 5.41 9.39
CA VAL A 31 2.49 4.46 9.98
C VAL A 31 1.89 5.04 11.25
N ARG A 32 0.56 5.04 11.32
CA ARG A 32 -0.15 5.63 12.46
C ARG A 32 -0.05 4.74 13.69
N SER A 33 -0.04 3.44 13.48
CA SER A 33 0.07 2.48 14.56
C SER A 33 0.87 1.27 14.11
N ALA A 34 1.77 0.80 14.96
CA ALA A 34 2.63 -0.33 14.62
C ALA A 34 1.83 -1.61 14.47
N ASP A 35 0.62 -1.61 15.01
CA ASP A 35 -0.26 -2.77 14.90
C ASP A 35 -1.12 -2.66 13.66
N GLY A 36 -0.91 -1.59 12.89
CA GLY A 36 -1.64 -1.41 11.65
C GLY A 36 -3.00 -0.80 11.87
N SER A 37 -3.10 0.50 11.65
CA SER A 37 -4.36 1.22 11.77
C SER A 37 -4.50 2.24 10.65
N PRO A 38 -5.55 2.12 9.83
CA PRO A 38 -5.83 3.05 8.74
C PRO A 38 -6.40 4.38 9.26
N PRO A 39 -6.27 5.47 8.48
CA PRO A 39 -5.58 5.45 7.19
C PRO A 39 -4.06 5.58 7.33
N TYR A 40 -3.36 5.31 6.23
CA TYR A 40 -1.91 5.38 6.22
C TYR A 40 -1.46 6.56 5.39
N VAL A 41 -0.27 7.09 5.68
CA VAL A 41 0.32 8.10 4.83
C VAL A 41 1.32 7.40 3.93
N VAL A 42 0.99 7.40 2.66
CA VAL A 42 1.65 6.57 1.71
C VAL A 42 2.34 7.39 0.64
N ARG A 43 3.40 6.84 0.09
CA ARG A 43 4.08 7.46 -1.02
C ARG A 43 3.99 6.52 -2.23
N TRP A 44 3.72 7.07 -3.40
CA TRP A 44 3.87 6.30 -4.61
C TRP A 44 5.36 6.18 -4.87
N LEU A 45 5.93 5.19 -4.20
CA LEU A 45 7.36 4.93 -4.08
C LEU A 45 8.24 5.53 -5.19
N VAL A 46 8.24 4.91 -6.36
CA VAL A 46 9.21 5.26 -7.38
C VAL A 46 8.67 6.27 -8.38
N ASN A 47 7.42 6.68 -8.19
CA ASN A 47 6.85 7.75 -9.00
C ASN A 47 7.14 9.09 -8.35
N GLY A 48 6.91 9.18 -7.05
CA GLY A 48 7.24 10.39 -6.33
C GLY A 48 6.05 11.29 -6.07
N HIS A 49 5.19 10.87 -5.15
CA HIS A 49 4.09 11.70 -4.66
C HIS A 49 3.47 11.03 -3.45
N GLU A 50 3.16 11.82 -2.46
CA GLU A 50 2.72 11.29 -1.17
C GLU A 50 1.29 11.73 -0.88
N THR A 51 0.51 10.83 -0.28
CA THR A 51 -0.90 11.06 -0.06
C THR A 51 -1.42 10.20 1.09
N THR A 52 -2.69 10.38 1.41
CA THR A 52 -3.34 9.62 2.47
C THR A 52 -4.27 8.59 1.86
N VAL A 53 -3.90 7.32 1.96
CA VAL A 53 -4.64 6.27 1.30
C VAL A 53 -5.44 5.43 2.29
N TYR A 54 -6.54 4.87 1.80
CA TYR A 54 -7.37 3.97 2.57
C TYR A 54 -7.34 2.59 1.93
N PRO A 55 -6.53 1.67 2.48
CA PRO A 55 -6.42 0.31 1.97
C PRO A 55 -7.52 -0.60 2.54
N GLY A 56 -7.66 -1.78 1.96
CA GLY A 56 -8.61 -2.75 2.49
C GLY A 56 -8.22 -3.23 3.87
N SER A 57 -9.17 -3.83 4.58
CA SER A 57 -8.95 -4.30 5.94
C SER A 57 -8.14 -5.60 5.98
N ASP A 58 -7.30 -5.79 4.98
CA ASP A 58 -6.45 -6.97 4.89
C ASP A 58 -5.11 -6.58 4.29
N ALA A 59 -4.48 -5.62 4.95
CA ALA A 59 -3.21 -5.05 4.50
C ALA A 59 -2.02 -5.91 4.90
N VAL A 60 -1.10 -6.10 3.98
CA VAL A 60 0.12 -6.85 4.20
C VAL A 60 1.31 -6.02 3.71
N VAL A 61 2.50 -6.31 4.21
CA VAL A 61 3.69 -5.55 3.87
C VAL A 61 4.52 -6.25 2.78
N VAL A 62 5.21 -5.43 1.99
CA VAL A 62 6.06 -5.92 0.91
C VAL A 62 7.40 -5.17 0.91
N THR A 63 8.31 -5.62 0.06
CA THR A 63 9.66 -5.07 0.01
C THR A 63 10.00 -4.49 -1.38
N ALA A 64 11.28 -4.19 -1.60
CA ALA A 64 11.75 -3.43 -2.77
C ALA A 64 11.38 -4.04 -4.12
N THR A 65 11.49 -5.35 -4.29
CA THR A 65 11.21 -5.94 -5.60
C THR A 65 9.72 -5.92 -5.88
N GLU A 66 8.95 -6.28 -4.88
CA GLU A 66 7.51 -6.29 -4.95
C GLU A 66 6.98 -4.87 -5.13
N HIS A 67 7.84 -3.90 -4.87
CA HIS A 67 7.46 -2.51 -4.88
C HIS A 67 7.18 -1.98 -6.30
N ALA A 68 7.89 -2.50 -7.29
CA ALA A 68 7.92 -1.85 -8.61
C ALA A 68 6.67 -2.13 -9.44
N GLU A 69 6.59 -3.35 -9.92
CA GLU A 69 5.52 -3.78 -10.79
C GLU A 69 4.15 -3.66 -10.11
N ALA A 70 4.14 -4.01 -8.83
CA ALA A 70 2.93 -3.89 -8.04
C ALA A 70 2.57 -2.43 -7.79
N GLU A 71 3.56 -1.54 -7.74
CA GLU A 71 3.26 -0.11 -7.63
C GLU A 71 2.36 0.31 -8.77
N LYS A 72 2.84 0.07 -9.99
CA LYS A 72 2.10 0.47 -11.18
C LYS A 72 0.66 -0.01 -11.14
N ARG A 73 0.47 -1.33 -11.15
CA ARG A 73 -0.87 -1.89 -11.25
C ARG A 73 -1.71 -1.59 -10.00
N ALA A 74 -1.17 -1.96 -8.86
CA ALA A 74 -1.92 -1.98 -7.63
C ALA A 74 -2.12 -0.58 -7.04
N ALA A 75 -1.23 0.37 -7.34
CA ALA A 75 -1.47 1.74 -6.89
C ALA A 75 -2.48 2.41 -7.78
N ALA A 76 -2.49 2.02 -9.06
CA ALA A 76 -3.50 2.50 -9.99
C ALA A 76 -4.90 2.21 -9.44
N ARG A 77 -5.07 1.00 -8.88
CA ARG A 77 -6.35 0.66 -8.26
C ARG A 77 -6.48 1.22 -6.84
N ALA A 78 -5.43 1.12 -6.03
CA ALA A 78 -5.44 1.61 -4.64
C ALA A 78 -5.83 3.08 -4.55
N GLY A 79 -5.14 3.92 -5.32
CA GLY A 79 -5.42 5.36 -5.27
C GLY A 79 -6.74 5.70 -5.90
N HIS A 80 -7.28 4.78 -6.68
CA HIS A 80 -8.58 4.97 -7.31
C HIS A 80 -9.70 4.57 -6.36
N ALA A 81 -9.33 3.87 -5.30
CA ALA A 81 -10.27 3.43 -4.29
C ALA A 81 -10.39 4.46 -3.18
N ALA A 82 -9.75 5.61 -3.38
CA ALA A 82 -9.85 6.71 -2.45
C ALA A 82 -11.27 7.24 -2.41
N THR A 83 -11.89 7.18 -1.25
CA THR A 83 -13.27 7.58 -1.09
C THR A 83 -13.36 9.00 -0.53
N MET A 4 -2.96 -7.37 10.12
CA MET A 4 -1.92 -6.53 9.47
C MET A 4 -0.78 -6.24 10.44
N HIS A 5 0.44 -6.39 9.96
CA HIS A 5 1.65 -6.05 10.72
C HIS A 5 2.64 -5.39 9.79
N ALA A 6 2.83 -4.08 9.95
CA ALA A 6 3.63 -3.32 9.01
C ALA A 6 4.52 -2.32 9.72
N LYS A 7 5.48 -1.79 8.97
CA LYS A 7 6.44 -0.84 9.50
C LYS A 7 6.68 0.27 8.48
N VAL A 8 7.47 1.25 8.87
CA VAL A 8 7.87 2.31 7.95
C VAL A 8 9.18 1.91 7.26
N GLY A 9 9.26 2.13 5.96
CA GLY A 9 10.37 1.62 5.19
C GLY A 9 9.99 0.31 4.53
N ASP A 10 8.69 0.09 4.48
CA ASP A 10 8.07 -1.15 3.99
C ASP A 10 6.90 -0.76 3.15
N TYR A 11 6.22 -1.73 2.64
CA TYR A 11 5.24 -1.48 1.60
C TYR A 11 4.00 -2.29 1.88
N LEU A 12 2.96 -1.99 1.13
CA LEU A 12 1.63 -2.41 1.47
C LEU A 12 0.89 -2.89 0.24
N VAL A 13 0.12 -3.95 0.43
CA VAL A 13 -0.70 -4.55 -0.61
C VAL A 13 -2.05 -4.93 -0.02
N VAL A 14 -3.08 -4.93 -0.84
CA VAL A 14 -4.40 -5.32 -0.40
C VAL A 14 -5.07 -6.19 -1.48
N LYS A 15 -5.98 -7.05 -1.04
CA LYS A 15 -6.79 -7.87 -1.96
C LYS A 15 -5.93 -8.95 -2.63
N GLY A 16 -5.88 -10.12 -2.01
CA GLY A 16 -5.11 -11.22 -2.58
C GLY A 16 -5.74 -12.57 -2.29
N THR A 17 -7.00 -12.56 -1.88
CA THR A 17 -7.71 -13.79 -1.55
C THR A 17 -8.25 -14.48 -2.80
N THR A 18 -8.78 -13.69 -3.71
CA THR A 18 -9.27 -14.22 -4.97
C THR A 18 -8.69 -13.42 -6.15
N THR A 19 -8.17 -12.24 -5.84
CA THR A 19 -7.62 -11.38 -6.87
C THR A 19 -6.11 -11.47 -6.90
N GLU A 20 -5.57 -12.09 -7.94
CA GLU A 20 -4.11 -12.23 -8.08
C GLU A 20 -3.48 -10.94 -8.57
N ARG A 21 -4.25 -9.86 -8.62
CA ARG A 21 -3.73 -8.55 -8.97
C ARG A 21 -2.88 -8.01 -7.84
N HIS A 22 -3.29 -8.31 -6.61
CA HIS A 22 -2.65 -7.78 -5.41
C HIS A 22 -2.63 -6.26 -5.48
N ASP A 23 -3.80 -5.67 -5.27
CA ASP A 23 -4.00 -4.25 -5.48
C ASP A 23 -3.41 -3.47 -4.32
N GLN A 24 -3.61 -2.15 -4.33
CA GLN A 24 -3.09 -1.28 -3.27
C GLN A 24 -1.59 -1.50 -3.09
N HIS A 25 -0.78 -0.63 -3.64
CA HIS A 25 0.66 -0.86 -3.63
C HIS A 25 1.40 0.43 -3.34
N ALA A 26 1.86 0.55 -2.12
CA ALA A 26 2.47 1.78 -1.61
C ALA A 26 3.67 1.48 -0.76
N GLU A 27 4.28 2.54 -0.23
CA GLU A 27 5.35 2.38 0.74
C GLU A 27 5.15 3.38 1.85
N ILE A 28 5.17 2.83 3.04
CA ILE A 28 4.79 3.52 4.23
C ILE A 28 6.00 4.24 4.81
N ILE A 29 5.95 5.56 4.76
CA ILE A 29 6.94 6.41 5.42
C ILE A 29 6.32 7.05 6.66
N GLU A 30 5.00 6.93 6.76
CA GLU A 30 4.28 7.35 7.94
C GLU A 30 3.20 6.32 8.25
N VAL A 31 3.03 6.04 9.53
CA VAL A 31 2.31 4.85 9.95
C VAL A 31 1.40 5.21 11.12
N ARG A 32 0.11 5.37 10.83
CA ARG A 32 -0.84 5.85 11.83
C ARG A 32 -1.42 4.71 12.64
N SER A 33 -0.60 3.71 12.92
CA SER A 33 -1.04 2.58 13.72
C SER A 33 0.18 1.88 14.31
N ALA A 34 -0.01 1.26 15.47
CA ALA A 34 1.05 0.51 16.12
C ALA A 34 1.00 -0.95 15.70
N ASP A 35 -0.12 -1.35 15.10
CA ASP A 35 -0.31 -2.73 14.69
C ASP A 35 -0.51 -2.81 13.18
N GLY A 36 -1.61 -2.25 12.69
CA GLY A 36 -1.90 -2.32 11.29
C GLY A 36 -3.34 -1.94 10.98
N SER A 37 -3.75 -0.79 11.49
CA SER A 37 -5.09 -0.29 11.23
C SER A 37 -5.02 1.05 10.50
N PRO A 38 -6.00 1.35 9.65
CA PRO A 38 -6.07 2.63 8.93
C PRO A 38 -6.22 3.81 9.89
N PRO A 39 -5.83 5.02 9.46
CA PRO A 39 -5.30 5.27 8.12
C PRO A 39 -3.79 5.09 8.01
N TYR A 40 -3.26 5.45 6.87
CA TYR A 40 -1.83 5.47 6.63
C TYR A 40 -1.45 6.71 5.85
N VAL A 41 -0.17 6.98 5.76
CA VAL A 41 0.31 8.09 4.95
C VAL A 41 1.53 7.61 4.23
N VAL A 42 1.39 7.61 2.94
CA VAL A 42 2.15 6.74 2.11
C VAL A 42 2.61 7.49 0.87
N ARG A 43 3.44 6.87 0.09
CA ARG A 43 3.85 7.44 -1.17
C ARG A 43 3.89 6.35 -2.22
N TRP A 44 3.33 6.66 -3.38
CA TRP A 44 3.52 5.82 -4.53
C TRP A 44 4.90 6.15 -5.08
N LEU A 45 5.90 5.44 -4.60
CA LEU A 45 7.29 5.81 -4.85
C LEU A 45 7.60 5.82 -6.32
N VAL A 46 7.69 4.63 -6.89
CA VAL A 46 8.06 4.45 -8.27
C VAL A 46 7.09 5.15 -9.20
N ASN A 47 5.84 5.23 -8.76
CA ASN A 47 4.85 6.05 -9.44
C ASN A 47 5.27 7.52 -9.46
N GLY A 48 5.30 8.15 -8.27
CA GLY A 48 5.77 9.53 -8.17
C GLY A 48 4.80 10.47 -7.46
N HIS A 49 4.05 9.98 -6.46
CA HIS A 49 3.16 10.85 -5.67
C HIS A 49 3.19 10.50 -4.19
N GLU A 50 2.51 11.32 -3.38
CA GLU A 50 2.47 11.16 -1.91
C GLU A 50 1.04 11.40 -1.42
N THR A 51 0.52 10.45 -0.66
CA THR A 51 -0.89 10.43 -0.33
C THR A 51 -1.16 10.03 1.13
N THR A 52 -2.45 9.99 1.44
CA THR A 52 -2.96 9.53 2.71
C THR A 52 -4.20 8.69 2.42
N VAL A 53 -4.09 7.39 2.65
CA VAL A 53 -5.03 6.44 2.04
C VAL A 53 -5.45 5.33 3.00
N TYR A 54 -6.30 4.46 2.47
CA TYR A 54 -6.83 3.32 3.20
C TYR A 54 -6.84 2.11 2.26
N PRO A 55 -6.17 1.02 2.63
CA PRO A 55 -6.05 -0.17 1.79
C PRO A 55 -7.40 -0.84 1.52
N GLY A 56 -8.14 -1.15 2.59
CA GLY A 56 -9.47 -1.69 2.42
C GLY A 56 -9.61 -3.11 2.90
N SER A 57 -8.67 -3.96 2.51
CA SER A 57 -8.72 -5.37 2.87
C SER A 57 -7.95 -5.63 4.16
N ASP A 58 -7.77 -6.92 4.47
CA ASP A 58 -7.06 -7.34 5.68
C ASP A 58 -5.65 -6.76 5.70
N ALA A 59 -5.22 -6.27 4.52
CA ALA A 59 -3.94 -5.55 4.40
C ALA A 59 -2.72 -6.49 4.56
N VAL A 60 -1.77 -6.41 3.63
CA VAL A 60 -0.52 -7.19 3.73
C VAL A 60 0.70 -6.32 3.40
N VAL A 61 1.89 -6.86 3.65
CA VAL A 61 3.13 -6.09 3.53
C VAL A 61 4.07 -6.67 2.47
N VAL A 62 4.65 -5.79 1.65
CA VAL A 62 5.61 -6.16 0.66
C VAL A 62 6.92 -5.37 0.85
N THR A 63 7.92 -5.71 0.05
CA THR A 63 9.25 -5.09 0.17
C THR A 63 9.67 -4.40 -1.13
N ALA A 64 10.97 -4.08 -1.23
CA ALA A 64 11.52 -3.26 -2.31
C ALA A 64 11.29 -3.84 -3.71
N THR A 65 11.48 -5.13 -3.90
CA THR A 65 11.35 -5.70 -5.23
C THR A 65 9.90 -5.98 -5.55
N GLU A 66 9.15 -6.34 -4.52
CA GLU A 66 7.70 -6.53 -4.66
C GLU A 66 7.06 -5.18 -4.95
N HIS A 67 7.81 -4.13 -4.70
CA HIS A 67 7.35 -2.76 -4.84
C HIS A 67 7.31 -2.28 -6.29
N ALA A 68 8.43 -2.32 -7.01
CA ALA A 68 8.58 -1.51 -8.22
C ALA A 68 7.42 -1.66 -9.21
N GLU A 69 7.32 -2.85 -9.77
CA GLU A 69 6.41 -3.12 -10.88
C GLU A 69 4.94 -3.11 -10.45
N ALA A 70 4.66 -3.91 -9.43
CA ALA A 70 3.31 -4.06 -8.94
C ALA A 70 2.81 -2.80 -8.26
N GLU A 71 3.73 -1.91 -7.88
CA GLU A 71 3.34 -0.64 -7.30
C GLU A 71 2.81 0.25 -8.38
N LYS A 72 3.50 0.30 -9.52
CA LYS A 72 2.99 1.08 -10.63
C LYS A 72 1.52 0.70 -10.90
N ARG A 73 1.28 -0.59 -11.16
CA ARG A 73 -0.08 -1.05 -11.45
C ARG A 73 -1.04 -0.87 -10.24
N ALA A 74 -0.70 -1.53 -9.15
CA ALA A 74 -1.61 -1.65 -8.02
C ALA A 74 -1.76 -0.36 -7.23
N ALA A 75 -0.84 0.60 -7.41
CA ALA A 75 -0.99 1.91 -6.78
C ALA A 75 -1.94 2.76 -7.58
N ALA A 76 -1.87 2.65 -8.92
CA ALA A 76 -2.86 3.29 -9.78
C ALA A 76 -4.26 2.86 -9.33
N ARG A 77 -4.38 1.60 -8.91
CA ARG A 77 -5.65 1.09 -8.39
C ARG A 77 -5.92 1.50 -6.93
N ALA A 78 -4.88 1.42 -6.10
CA ALA A 78 -4.96 1.74 -4.66
C ALA A 78 -5.69 3.04 -4.39
N GLY A 79 -5.27 4.09 -5.06
CA GLY A 79 -5.86 5.40 -4.82
C GLY A 79 -6.74 5.84 -5.98
N HIS A 80 -7.31 4.86 -6.67
CA HIS A 80 -8.22 5.15 -7.77
C HIS A 80 -9.60 5.50 -7.22
N ALA A 81 -10.17 4.59 -6.45
CA ALA A 81 -11.48 4.80 -5.87
C ALA A 81 -11.43 4.64 -4.36
N ALA A 82 -11.22 5.75 -3.67
CA ALA A 82 -11.16 5.76 -2.22
C ALA A 82 -12.22 6.71 -1.66
N THR A 83 -12.84 6.32 -0.56
CA THR A 83 -13.88 7.12 0.08
C THR A 83 -15.05 7.34 -0.88
N MET A 4 -1.60 -9.78 11.40
CA MET A 4 -1.31 -8.61 10.54
C MET A 4 -0.60 -7.53 11.34
N HIS A 5 0.55 -7.11 10.84
CA HIS A 5 1.30 -6.00 11.44
C HIS A 5 1.95 -5.17 10.34
N ALA A 6 1.79 -3.86 10.41
CA ALA A 6 2.37 -2.97 9.42
C ALA A 6 3.68 -2.36 9.93
N LYS A 7 4.55 -1.97 9.00
CA LYS A 7 5.85 -1.44 9.35
C LYS A 7 6.19 -0.19 8.54
N VAL A 8 7.17 0.57 9.01
CA VAL A 8 7.65 1.74 8.29
C VAL A 8 8.93 1.40 7.54
N GLY A 9 9.02 1.85 6.29
CA GLY A 9 10.16 1.52 5.46
C GLY A 9 9.86 0.32 4.61
N ASP A 10 8.61 -0.13 4.71
CA ASP A 10 8.15 -1.30 3.96
C ASP A 10 6.99 -0.87 3.08
N TYR A 11 6.56 -1.75 2.21
CA TYR A 11 5.52 -1.39 1.27
C TYR A 11 4.20 -2.05 1.65
N LEU A 12 3.12 -1.36 1.32
CA LEU A 12 1.77 -1.81 1.60
C LEU A 12 1.17 -2.44 0.35
N VAL A 13 0.51 -3.59 0.56
CA VAL A 13 -0.25 -4.29 -0.47
C VAL A 13 -1.54 -4.84 0.11
N VAL A 14 -2.62 -4.76 -0.63
CA VAL A 14 -3.85 -5.43 -0.25
C VAL A 14 -4.13 -6.57 -1.24
N LYS A 15 -3.86 -7.79 -0.81
CA LYS A 15 -4.04 -8.94 -1.68
C LYS A 15 -5.38 -9.62 -1.45
N GLY A 16 -5.98 -9.34 -0.30
CA GLY A 16 -7.23 -9.96 0.04
C GLY A 16 -7.04 -11.25 0.81
N THR A 17 -7.14 -12.38 0.13
CA THR A 17 -7.07 -13.66 0.81
C THR A 17 -6.05 -14.61 0.17
N THR A 18 -6.35 -15.12 -1.03
CA THR A 18 -5.56 -16.20 -1.60
C THR A 18 -5.44 -16.09 -3.13
N THR A 19 -6.55 -16.27 -3.82
CA THR A 19 -6.54 -16.42 -5.27
C THR A 19 -6.57 -15.08 -6.00
N GLU A 20 -6.58 -13.98 -5.26
CA GLU A 20 -6.57 -12.65 -5.87
C GLU A 20 -5.14 -12.17 -6.04
N ARG A 21 -4.98 -11.05 -6.73
CA ARG A 21 -3.67 -10.45 -6.97
C ARG A 21 -3.18 -9.70 -5.74
N HIS A 22 -1.99 -9.14 -5.83
CA HIS A 22 -1.52 -8.23 -4.79
C HIS A 22 -1.66 -6.79 -5.25
N ASP A 23 -2.80 -6.18 -4.93
CA ASP A 23 -3.14 -4.85 -5.41
C ASP A 23 -2.87 -3.81 -4.32
N GLN A 24 -3.31 -2.56 -4.53
CA GLN A 24 -3.07 -1.44 -3.60
C GLN A 24 -1.63 -1.40 -3.07
N HIS A 25 -0.75 -0.65 -3.74
CA HIS A 25 0.65 -0.69 -3.36
C HIS A 25 1.28 0.71 -3.28
N ALA A 26 2.10 0.88 -2.23
CA ALA A 26 2.92 2.08 -2.01
C ALA A 26 3.85 1.83 -0.87
N GLU A 27 4.67 2.80 -0.52
CA GLU A 27 5.56 2.64 0.62
C GLU A 27 4.97 3.31 1.85
N ILE A 28 5.06 2.63 2.97
CA ILE A 28 4.57 3.16 4.21
C ILE A 28 5.73 3.78 4.98
N ILE A 29 5.75 5.11 5.02
CA ILE A 29 6.76 5.83 5.78
C ILE A 29 6.13 6.45 7.02
N GLU A 30 4.82 6.67 6.95
CA GLU A 30 4.09 7.21 8.08
C GLU A 30 3.07 6.19 8.56
N VAL A 31 3.43 5.49 9.62
CA VAL A 31 2.55 4.54 10.26
C VAL A 31 2.07 5.13 11.59
N ARG A 32 0.76 5.22 11.76
CA ARG A 32 0.19 5.93 12.92
C ARG A 32 0.46 5.22 14.23
N SER A 33 0.42 3.90 14.21
CA SER A 33 0.74 3.10 15.37
C SER A 33 1.39 1.79 14.93
N ALA A 34 2.35 1.31 15.71
CA ALA A 34 3.13 0.14 15.35
C ALA A 34 2.29 -1.15 15.47
N ASP A 35 1.39 -1.33 14.51
CA ASP A 35 0.56 -2.52 14.43
C ASP A 35 -0.21 -2.53 13.12
N GLY A 36 -0.98 -1.48 12.89
CA GLY A 36 -1.78 -1.40 11.68
C GLY A 36 -3.08 -0.68 11.90
N SER A 37 -3.07 0.63 11.72
CA SER A 37 -4.24 1.44 11.94
C SER A 37 -4.50 2.40 10.77
N PRO A 38 -5.37 2.01 9.84
CA PRO A 38 -5.77 2.87 8.72
C PRO A 38 -6.44 4.15 9.21
N PRO A 39 -6.31 5.25 8.46
CA PRO A 39 -5.58 5.29 7.20
C PRO A 39 -4.07 5.35 7.37
N TYR A 40 -3.34 5.16 6.29
CA TYR A 40 -1.89 5.23 6.31
C TYR A 40 -1.45 6.43 5.48
N VAL A 41 -0.26 6.95 5.77
CA VAL A 41 0.29 7.98 4.91
C VAL A 41 1.27 7.31 3.99
N VAL A 42 0.81 7.11 2.78
CA VAL A 42 1.43 6.20 1.86
C VAL A 42 2.18 6.96 0.76
N ARG A 43 3.12 6.28 0.16
CA ARG A 43 4.07 6.92 -0.74
C ARG A 43 4.16 6.14 -2.04
N TRP A 44 3.48 6.59 -3.08
CA TRP A 44 3.62 5.96 -4.40
C TRP A 44 4.87 6.52 -5.05
N LEU A 45 6.00 6.11 -4.53
CA LEU A 45 7.27 6.74 -4.84
C LEU A 45 7.88 6.19 -6.11
N VAL A 46 7.50 4.97 -6.47
CA VAL A 46 8.00 4.37 -7.69
C VAL A 46 7.13 4.82 -8.86
N ASN A 47 6.07 5.53 -8.51
CA ASN A 47 5.22 6.21 -9.48
C ASN A 47 5.60 7.68 -9.55
N GLY A 48 5.45 8.37 -8.42
CA GLY A 48 5.82 9.77 -8.35
C GLY A 48 4.80 10.61 -7.62
N HIS A 49 4.28 10.10 -6.50
CA HIS A 49 3.30 10.84 -5.68
C HIS A 49 3.30 10.32 -4.24
N GLU A 50 2.71 11.10 -3.34
CA GLU A 50 2.60 10.72 -1.94
C GLU A 50 1.33 11.32 -1.34
N THR A 51 0.57 10.50 -0.61
CA THR A 51 -0.71 10.94 -0.06
C THR A 51 -1.23 9.95 0.97
N THR A 52 -2.35 10.30 1.55
CA THR A 52 -2.97 9.47 2.58
C THR A 52 -4.08 8.64 1.95
N VAL A 53 -3.99 7.33 2.09
CA VAL A 53 -4.91 6.44 1.42
C VAL A 53 -5.52 5.42 2.38
N TYR A 54 -6.70 4.92 1.99
CA TYR A 54 -7.37 3.85 2.71
C TYR A 54 -7.26 2.56 1.90
N PRO A 55 -6.32 1.68 2.27
CA PRO A 55 -6.09 0.42 1.55
C PRO A 55 -7.24 -0.56 1.69
N GLY A 56 -7.92 -0.50 2.82
CA GLY A 56 -9.01 -1.41 3.09
C GLY A 56 -8.65 -2.39 4.19
N SER A 57 -8.84 -3.66 3.92
CA SER A 57 -8.55 -4.71 4.90
C SER A 57 -7.60 -5.73 4.30
N ASP A 58 -6.99 -6.55 5.16
CA ASP A 58 -6.02 -7.57 4.75
C ASP A 58 -4.83 -6.96 4.03
N ALA A 59 -4.21 -6.00 4.71
CA ALA A 59 -3.03 -5.32 4.18
C ALA A 59 -1.76 -6.03 4.64
N VAL A 60 -1.02 -6.55 3.67
CA VAL A 60 0.21 -7.26 3.94
C VAL A 60 1.41 -6.34 3.72
N VAL A 61 2.58 -6.80 4.13
CA VAL A 61 3.77 -5.97 4.07
C VAL A 61 4.78 -6.54 3.07
N VAL A 62 5.04 -5.77 2.03
CA VAL A 62 5.97 -6.15 0.98
C VAL A 62 7.23 -5.32 1.04
N THR A 63 8.15 -5.63 0.15
CA THR A 63 9.46 -4.98 0.09
C THR A 63 9.75 -4.42 -1.31
N ALA A 64 11.02 -4.05 -1.54
CA ALA A 64 11.47 -3.42 -2.78
C ALA A 64 11.07 -4.15 -4.07
N THR A 65 11.25 -5.46 -4.14
CA THR A 65 10.97 -6.18 -5.39
C THR A 65 9.50 -6.11 -5.75
N GLU A 66 8.66 -6.45 -4.78
CA GLU A 66 7.22 -6.37 -4.94
C GLU A 66 6.79 -4.93 -5.16
N HIS A 67 7.67 -4.01 -4.83
CA HIS A 67 7.37 -2.60 -4.89
C HIS A 67 7.37 -2.06 -6.32
N ALA A 68 8.20 -2.59 -7.18
CA ALA A 68 8.33 -2.02 -8.51
C ALA A 68 7.03 -2.15 -9.32
N GLU A 69 6.80 -3.36 -9.81
CA GLU A 69 5.71 -3.66 -10.70
C GLU A 69 4.35 -3.43 -10.03
N ALA A 70 4.21 -3.96 -8.83
CA ALA A 70 2.96 -3.89 -8.10
C ALA A 70 2.62 -2.46 -7.71
N GLU A 71 3.60 -1.65 -7.30
CA GLU A 71 3.28 -0.31 -6.85
C GLU A 71 2.74 0.53 -7.99
N LYS A 72 3.32 0.38 -9.18
CA LYS A 72 2.82 1.10 -10.33
C LYS A 72 1.33 0.77 -10.59
N ARG A 73 1.07 -0.50 -10.89
CA ARG A 73 -0.29 -0.91 -11.28
C ARG A 73 -1.26 -0.68 -10.11
N ALA A 74 -0.84 -1.04 -8.92
CA ALA A 74 -1.72 -1.05 -7.76
C ALA A 74 -1.88 0.32 -7.13
N ALA A 75 -1.01 1.28 -7.44
CA ALA A 75 -1.25 2.65 -7.00
C ALA A 75 -2.34 3.25 -7.86
N ALA A 76 -2.30 2.92 -9.15
CA ALA A 76 -3.36 3.34 -10.07
C ALA A 76 -4.72 2.80 -9.61
N ARG A 77 -4.74 1.58 -9.10
CA ARG A 77 -5.98 0.96 -8.66
C ARG A 77 -6.38 1.40 -7.24
N ALA A 78 -5.39 1.55 -6.35
CA ALA A 78 -5.64 1.94 -4.95
C ALA A 78 -6.39 3.26 -4.86
N GLY A 79 -5.86 4.28 -5.51
CA GLY A 79 -6.48 5.60 -5.45
C GLY A 79 -7.44 5.82 -6.60
N HIS A 80 -8.01 4.74 -7.12
CA HIS A 80 -8.89 4.82 -8.27
C HIS A 80 -10.27 5.29 -7.85
N ALA A 81 -10.48 6.61 -7.90
CA ALA A 81 -11.78 7.23 -7.57
C ALA A 81 -12.12 7.03 -6.09
N ALA A 82 -11.10 6.77 -5.28
CA ALA A 82 -11.28 6.52 -3.86
C ALA A 82 -11.49 7.83 -3.09
N THR A 83 -11.08 8.93 -3.68
CA THR A 83 -11.23 10.23 -3.05
C THR A 83 -12.46 10.95 -3.61
N MET A 4 -2.66 -7.14 12.16
CA MET A 4 -1.70 -6.48 11.25
C MET A 4 -0.85 -5.47 12.00
N HIS A 5 0.34 -5.23 11.48
CA HIS A 5 1.19 -4.14 11.94
C HIS A 5 1.83 -3.49 10.72
N ALA A 6 2.36 -2.29 10.89
CA ALA A 6 2.95 -1.58 9.76
C ALA A 6 4.23 -0.89 10.20
N LYS A 7 5.14 -0.75 9.26
CA LYS A 7 6.41 -0.12 9.53
C LYS A 7 6.80 0.78 8.36
N VAL A 8 7.49 1.86 8.64
CA VAL A 8 8.00 2.74 7.61
C VAL A 8 9.26 2.14 7.00
N GLY A 9 9.47 2.34 5.71
CA GLY A 9 10.56 1.67 5.02
C GLY A 9 10.07 0.36 4.45
N ASP A 10 8.76 0.30 4.29
CA ASP A 10 8.05 -0.89 3.82
C ASP A 10 6.98 -0.45 2.86
N TYR A 11 6.26 -1.42 2.37
CA TYR A 11 5.29 -1.20 1.31
C TYR A 11 4.04 -1.97 1.66
N LEU A 12 3.00 -1.75 0.88
CA LEU A 12 1.68 -2.27 1.24
C LEU A 12 0.95 -2.83 0.03
N VAL A 13 0.32 -3.98 0.22
CA VAL A 13 -0.50 -4.62 -0.80
C VAL A 13 -1.75 -5.20 -0.13
N VAL A 14 -2.79 -5.48 -0.91
CA VAL A 14 -3.93 -6.24 -0.43
C VAL A 14 -4.35 -7.22 -1.52
N LYS A 15 -5.15 -8.21 -1.17
CA LYS A 15 -5.59 -9.21 -2.13
C LYS A 15 -7.07 -9.48 -2.01
N GLY A 16 -7.65 -10.02 -3.07
CA GLY A 16 -9.02 -10.45 -3.01
C GLY A 16 -9.11 -11.90 -2.61
N THR A 17 -10.28 -12.34 -2.16
CA THR A 17 -10.45 -13.70 -1.67
C THR A 17 -10.49 -14.69 -2.85
N THR A 18 -10.65 -14.15 -4.06
CA THR A 18 -10.59 -14.95 -5.28
C THR A 18 -9.15 -15.23 -5.68
N THR A 19 -8.22 -14.88 -4.79
CA THR A 19 -6.80 -15.04 -5.02
C THR A 19 -6.28 -13.99 -6.00
N GLU A 20 -5.96 -12.84 -5.46
CA GLU A 20 -5.32 -11.77 -6.20
C GLU A 20 -3.84 -11.75 -5.81
N ARG A 21 -2.98 -11.22 -6.67
CA ARG A 21 -1.55 -11.23 -6.38
C ARG A 21 -1.12 -9.96 -5.63
N HIS A 22 -1.12 -8.84 -6.32
CA HIS A 22 -0.71 -7.58 -5.70
C HIS A 22 -1.55 -6.43 -6.20
N ASP A 23 -2.61 -6.13 -5.46
CA ASP A 23 -3.45 -4.97 -5.77
C ASP A 23 -3.45 -4.01 -4.60
N GLN A 24 -3.67 -2.73 -4.87
CA GLN A 24 -3.50 -1.67 -3.87
C GLN A 24 -2.07 -1.69 -3.32
N HIS A 25 -1.21 -0.82 -3.85
CA HIS A 25 0.20 -0.85 -3.46
C HIS A 25 0.78 0.53 -3.27
N ALA A 26 1.35 0.70 -2.11
CA ALA A 26 1.92 1.96 -1.65
C ALA A 26 3.23 1.72 -0.94
N GLU A 27 3.81 2.80 -0.46
CA GLU A 27 5.12 2.77 0.21
C GLU A 27 5.04 3.65 1.43
N ILE A 28 5.10 2.99 2.56
CA ILE A 28 4.79 3.60 3.83
C ILE A 28 5.99 4.39 4.33
N ILE A 29 5.90 5.70 4.18
CA ILE A 29 6.92 6.60 4.69
C ILE A 29 6.40 7.35 5.90
N GLU A 30 5.11 7.18 6.17
CA GLU A 30 4.50 7.73 7.35
C GLU A 30 3.52 6.71 7.95
N VAL A 31 3.55 6.56 9.25
CA VAL A 31 2.85 5.46 9.89
C VAL A 31 2.16 5.94 11.15
N ARG A 32 0.87 6.20 11.04
CA ARG A 32 0.09 6.61 12.19
C ARG A 32 -0.76 5.44 12.64
N SER A 33 -0.19 4.57 13.44
CA SER A 33 -0.88 3.37 13.86
C SER A 33 -0.40 2.89 15.23
N ALA A 34 -1.25 3.03 16.23
CA ALA A 34 -1.03 2.42 17.51
C ALA A 34 -1.72 1.06 17.53
N ASP A 35 -2.63 0.90 16.57
CA ASP A 35 -3.40 -0.33 16.42
C ASP A 35 -2.68 -1.29 15.50
N GLY A 36 -2.20 -0.78 14.38
CA GLY A 36 -1.69 -1.64 13.33
C GLY A 36 -2.74 -1.82 12.24
N SER A 37 -3.43 -0.73 11.93
CA SER A 37 -4.50 -0.75 10.95
C SER A 37 -4.61 0.64 10.31
N PRO A 38 -5.38 0.75 9.20
CA PRO A 38 -5.59 2.04 8.51
C PRO A 38 -6.16 3.12 9.43
N PRO A 39 -6.01 4.40 9.06
CA PRO A 39 -5.36 4.80 7.81
C PRO A 39 -3.84 4.83 7.90
N TYR A 40 -3.21 5.17 6.79
CA TYR A 40 -1.76 5.28 6.70
C TYR A 40 -1.42 6.51 5.88
N VAL A 41 -0.15 6.83 5.80
CA VAL A 41 0.28 7.96 5.01
C VAL A 41 1.50 7.54 4.26
N VAL A 42 1.38 7.65 2.98
CA VAL A 42 2.05 6.77 2.10
C VAL A 42 2.62 7.53 0.94
N ARG A 43 3.33 6.81 0.11
CA ARG A 43 4.02 7.40 -0.99
C ARG A 43 3.85 6.50 -2.19
N TRP A 44 3.34 7.07 -3.27
CA TRP A 44 3.39 6.40 -4.54
C TRP A 44 4.86 6.31 -4.89
N LEU A 45 5.38 5.13 -4.70
CA LEU A 45 6.80 4.91 -4.43
C LEU A 45 7.71 5.40 -5.54
N VAL A 46 7.99 4.54 -6.50
CA VAL A 46 8.92 4.85 -7.57
C VAL A 46 8.47 6.06 -8.39
N ASN A 47 7.16 6.29 -8.42
CA ASN A 47 6.61 7.50 -9.04
C ASN A 47 7.11 8.78 -8.36
N GLY A 48 6.89 8.90 -7.06
CA GLY A 48 7.39 10.05 -6.31
C GLY A 48 6.30 11.02 -5.88
N HIS A 49 5.27 10.52 -5.23
CA HIS A 49 4.22 11.38 -4.64
C HIS A 49 3.82 10.83 -3.28
N GLU A 50 3.03 11.60 -2.53
CA GLU A 50 2.66 11.19 -1.18
C GLU A 50 1.19 11.48 -0.90
N THR A 51 0.53 10.49 -0.31
CA THR A 51 -0.90 10.49 -0.09
C THR A 51 -1.25 9.95 1.29
N THR A 52 -2.54 9.90 1.56
CA THR A 52 -3.07 9.35 2.80
C THR A 52 -4.29 8.52 2.45
N VAL A 53 -4.18 7.21 2.67
CA VAL A 53 -5.08 6.26 2.04
C VAL A 53 -5.53 5.14 2.97
N TYR A 54 -6.36 4.26 2.41
CA TYR A 54 -6.89 3.09 3.10
C TYR A 54 -6.86 1.93 2.11
N PRO A 55 -6.08 0.87 2.40
CA PRO A 55 -5.92 -0.27 1.48
C PRO A 55 -7.22 -1.06 1.26
N GLY A 56 -7.71 -1.70 2.30
CA GLY A 56 -8.93 -2.48 2.17
C GLY A 56 -8.83 -3.80 2.92
N SER A 57 -9.48 -4.82 2.38
CA SER A 57 -9.50 -6.13 3.01
C SER A 57 -8.22 -6.92 2.71
N ASP A 58 -7.87 -7.80 3.64
CA ASP A 58 -6.61 -8.56 3.59
C ASP A 58 -5.44 -7.65 3.32
N ALA A 59 -5.19 -6.76 4.27
CA ALA A 59 -4.11 -5.81 4.17
C ALA A 59 -2.79 -6.48 4.53
N VAL A 60 -1.77 -6.25 3.71
CA VAL A 60 -0.47 -6.88 3.86
C VAL A 60 0.61 -5.85 3.60
N VAL A 61 1.84 -6.28 3.70
CA VAL A 61 2.97 -5.43 3.54
C VAL A 61 4.05 -6.14 2.71
N VAL A 62 4.84 -5.35 2.01
CA VAL A 62 5.80 -5.87 1.06
C VAL A 62 7.12 -5.13 1.16
N THR A 63 8.04 -5.54 0.32
CA THR A 63 9.39 -5.01 0.31
C THR A 63 9.73 -4.39 -1.06
N ALA A 64 11.02 -4.14 -1.28
CA ALA A 64 11.50 -3.49 -2.48
C ALA A 64 11.11 -4.20 -3.78
N THR A 65 11.29 -5.51 -3.87
CA THR A 65 11.03 -6.19 -5.13
C THR A 65 9.60 -5.97 -5.60
N GLU A 66 8.66 -6.40 -4.76
CA GLU A 66 7.24 -6.35 -5.08
C GLU A 66 6.81 -4.91 -5.39
N HIS A 67 7.61 -3.96 -4.91
CA HIS A 67 7.29 -2.55 -5.04
C HIS A 67 7.12 -2.14 -6.50
N ALA A 68 8.01 -2.59 -7.38
CA ALA A 68 7.99 -2.21 -8.79
C ALA A 68 6.67 -2.55 -9.49
N GLU A 69 6.45 -3.83 -9.68
CA GLU A 69 5.28 -4.35 -10.39
C GLU A 69 3.98 -3.86 -9.77
N ALA A 70 3.84 -4.13 -8.47
CA ALA A 70 2.70 -3.68 -7.70
C ALA A 70 2.52 -2.16 -7.76
N GLU A 71 3.63 -1.42 -7.92
CA GLU A 71 3.53 0.03 -8.04
C GLU A 71 2.62 0.37 -9.20
N LYS A 72 2.99 -0.11 -10.37
CA LYS A 72 2.20 0.20 -11.55
C LYS A 72 0.75 -0.24 -11.37
N ARG A 73 0.53 -1.55 -11.40
CA ARG A 73 -0.83 -2.09 -11.33
C ARG A 73 -1.56 -1.64 -10.06
N ALA A 74 -1.08 -2.14 -8.93
CA ALA A 74 -1.75 -1.96 -7.66
C ALA A 74 -1.97 -0.50 -7.28
N ALA A 75 -0.96 0.37 -7.40
CA ALA A 75 -1.15 1.79 -7.06
C ALA A 75 -2.27 2.40 -7.88
N ALA A 76 -2.25 2.14 -9.19
CA ALA A 76 -3.29 2.65 -10.08
C ALA A 76 -4.68 2.19 -9.63
N ARG A 77 -4.74 1.04 -8.98
CA ARG A 77 -6.00 0.50 -8.50
C ARG A 77 -6.39 1.14 -7.16
N ALA A 78 -5.45 1.14 -6.22
CA ALA A 78 -5.66 1.63 -4.85
C ALA A 78 -6.20 3.05 -4.83
N GLY A 79 -5.38 3.98 -5.28
CA GLY A 79 -5.74 5.37 -5.14
C GLY A 79 -6.03 6.02 -6.47
N HIS A 80 -7.02 5.46 -7.17
CA HIS A 80 -7.42 6.00 -8.47
C HIS A 80 -8.38 7.17 -8.30
N ALA A 81 -9.11 7.16 -7.19
CA ALA A 81 -10.08 8.21 -6.91
C ALA A 81 -10.05 8.56 -5.43
N ALA A 82 -9.44 9.68 -5.10
CA ALA A 82 -9.38 10.15 -3.73
C ALA A 82 -9.52 11.66 -3.69
N THR A 83 -10.75 12.13 -3.76
CA THR A 83 -11.05 13.55 -3.77
C THR A 83 -12.44 13.81 -3.22
N MET A 4 -2.31 -7.71 12.87
CA MET A 4 -1.41 -7.49 11.71
C MET A 4 -0.36 -6.44 12.08
N HIS A 5 0.66 -6.30 11.25
CA HIS A 5 1.74 -5.35 11.51
C HIS A 5 2.14 -4.65 10.22
N ALA A 6 2.06 -3.33 10.22
CA ALA A 6 2.49 -2.54 9.08
C ALA A 6 3.23 -1.30 9.56
N LYS A 7 4.49 -1.16 9.15
CA LYS A 7 5.34 -0.09 9.66
C LYS A 7 6.18 0.54 8.57
N VAL A 8 6.93 1.57 8.95
CA VAL A 8 7.72 2.37 8.01
C VAL A 8 8.94 1.58 7.50
N GLY A 9 9.45 1.98 6.33
CA GLY A 9 10.57 1.27 5.73
C GLY A 9 10.09 0.05 4.99
N ASP A 10 8.79 0.00 4.82
CA ASP A 10 8.08 -1.15 4.28
C ASP A 10 7.02 -0.64 3.36
N TYR A 11 6.29 -1.55 2.82
CA TYR A 11 5.31 -1.23 1.82
C TYR A 11 4.05 -2.00 2.11
N LEU A 12 3.04 -1.72 1.35
CA LEU A 12 1.70 -2.12 1.70
C LEU A 12 0.97 -2.63 0.47
N VAL A 13 0.01 -3.51 0.75
CA VAL A 13 -0.67 -4.29 -0.27
C VAL A 13 -2.16 -4.35 0.05
N VAL A 14 -2.98 -4.49 -0.98
CA VAL A 14 -4.40 -4.68 -0.78
C VAL A 14 -4.85 -5.92 -1.56
N LYS A 15 -6.05 -6.40 -1.27
CA LYS A 15 -6.61 -7.52 -2.00
C LYS A 15 -7.00 -7.08 -3.42
N GLY A 16 -6.30 -7.60 -4.42
CA GLY A 16 -6.62 -7.27 -5.79
C GLY A 16 -8.03 -7.70 -6.15
N THR A 17 -8.32 -8.95 -5.85
CA THR A 17 -9.67 -9.48 -5.95
C THR A 17 -10.00 -10.24 -4.67
N THR A 18 -8.95 -10.75 -4.04
CA THR A 18 -9.03 -11.43 -2.75
C THR A 18 -7.66 -11.34 -2.10
N THR A 19 -7.52 -11.76 -0.84
CA THR A 19 -6.22 -11.84 -0.21
C THR A 19 -5.31 -12.79 -0.98
N GLU A 20 -5.95 -13.72 -1.68
CA GLU A 20 -5.27 -14.61 -2.61
C GLU A 20 -4.68 -13.79 -3.74
N ARG A 21 -3.35 -13.79 -3.82
CA ARG A 21 -2.60 -12.96 -4.76
C ARG A 21 -2.67 -11.50 -4.33
N HIS A 22 -1.62 -11.06 -3.67
CA HIS A 22 -1.56 -9.73 -3.11
C HIS A 22 -1.07 -8.72 -4.15
N ASP A 23 -1.85 -7.66 -4.37
CA ASP A 23 -1.56 -6.71 -5.42
C ASP A 23 -1.69 -5.28 -4.88
N GLN A 24 -1.30 -4.29 -5.68
CA GLN A 24 -1.32 -2.88 -5.27
C GLN A 24 -0.35 -2.62 -4.12
N HIS A 25 0.79 -1.99 -4.42
CA HIS A 25 1.80 -1.75 -3.40
C HIS A 25 2.21 -0.28 -3.37
N ALA A 26 2.56 0.21 -2.19
CA ALA A 26 3.09 1.57 -1.99
C ALA A 26 3.86 1.60 -0.70
N GLU A 27 4.50 2.72 -0.40
CA GLU A 27 5.39 2.79 0.76
C GLU A 27 4.73 3.41 1.97
N ILE A 28 4.87 2.71 3.09
CA ILE A 28 4.46 3.23 4.36
C ILE A 28 5.64 3.96 4.99
N ILE A 29 5.53 5.29 5.02
CA ILE A 29 6.55 6.13 5.63
C ILE A 29 6.04 6.72 6.95
N GLU A 30 4.73 6.90 7.04
CA GLU A 30 4.12 7.36 8.26
C GLU A 30 3.05 6.38 8.72
N VAL A 31 3.27 5.79 9.87
CA VAL A 31 2.37 4.78 10.39
C VAL A 31 1.43 5.41 11.41
N ARG A 32 0.13 5.40 11.10
CA ARG A 32 -0.84 6.08 11.95
C ARG A 32 -1.35 5.15 13.05
N SER A 33 -1.08 3.87 12.91
CA SER A 33 -1.41 2.90 13.93
C SER A 33 -0.19 2.05 14.23
N ALA A 34 0.45 2.34 15.37
CA ALA A 34 1.72 1.71 15.75
C ALA A 34 1.65 0.19 15.70
N ASP A 35 0.50 -0.37 16.05
CA ASP A 35 0.35 -1.82 16.04
C ASP A 35 0.17 -2.32 14.61
N GLY A 36 -0.86 -1.81 13.93
CA GLY A 36 -1.08 -2.20 12.55
C GLY A 36 -2.55 -2.11 12.15
N SER A 37 -2.99 -0.91 11.79
CA SER A 37 -4.34 -0.71 11.29
C SER A 37 -4.39 0.53 10.38
N PRO A 38 -5.28 0.53 9.38
CA PRO A 38 -5.46 1.68 8.49
C PRO A 38 -6.09 2.88 9.21
N PRO A 39 -5.95 4.09 8.66
CA PRO A 39 -5.25 4.34 7.39
C PRO A 39 -3.76 4.58 7.58
N TYR A 40 -3.06 4.80 6.49
CA TYR A 40 -1.62 5.04 6.53
C TYR A 40 -1.28 6.26 5.70
N VAL A 41 -0.13 6.86 5.97
CA VAL A 41 0.37 7.93 5.13
C VAL A 41 1.40 7.33 4.20
N VAL A 42 1.09 7.38 2.92
CA VAL A 42 1.76 6.54 1.95
C VAL A 42 2.20 7.32 0.72
N ARG A 43 3.44 7.09 0.33
CA ARG A 43 3.98 7.70 -0.87
C ARG A 43 4.22 6.64 -1.93
N TRP A 44 3.97 7.02 -3.18
CA TRP A 44 4.23 6.16 -4.31
C TRP A 44 5.65 6.45 -4.79
N LEU A 45 6.54 5.50 -4.61
CA LEU A 45 7.96 5.75 -4.83
C LEU A 45 8.33 5.64 -6.29
N VAL A 46 8.07 4.47 -6.84
CA VAL A 46 8.55 4.14 -8.17
C VAL A 46 7.66 4.73 -9.25
N ASN A 47 6.56 5.35 -8.84
CA ASN A 47 5.78 6.18 -9.74
C ASN A 47 6.11 7.65 -9.52
N GLY A 48 6.13 8.06 -8.25
CA GLY A 48 6.46 9.43 -7.91
C GLY A 48 5.27 10.24 -7.45
N HIS A 49 4.87 10.05 -6.19
CA HIS A 49 3.75 10.79 -5.61
C HIS A 49 3.76 10.69 -4.08
N GLU A 50 3.00 11.56 -3.43
CA GLU A 50 2.86 11.56 -1.98
C GLU A 50 1.39 11.72 -1.61
N THR A 51 0.84 10.74 -0.89
CA THR A 51 -0.58 10.71 -0.59
C THR A 51 -0.87 10.19 0.82
N THR A 52 -2.15 10.15 1.16
CA THR A 52 -2.60 9.45 2.35
C THR A 52 -3.64 8.42 1.93
N VAL A 53 -3.28 7.15 2.03
CA VAL A 53 -4.07 6.10 1.39
C VAL A 53 -4.91 5.32 2.40
N TYR A 54 -6.13 5.03 1.98
CA TYR A 54 -7.01 4.14 2.71
C TYR A 54 -7.09 2.80 1.99
N PRO A 55 -6.34 1.81 2.47
CA PRO A 55 -6.34 0.48 1.87
C PRO A 55 -7.49 -0.37 2.37
N GLY A 56 -7.80 -1.44 1.67
CA GLY A 56 -8.85 -2.34 2.08
C GLY A 56 -8.37 -3.29 3.16
N SER A 57 -9.31 -4.03 3.74
CA SER A 57 -8.97 -4.99 4.79
C SER A 57 -8.02 -6.07 4.28
N ASP A 58 -7.13 -6.53 5.18
CA ASP A 58 -6.05 -7.46 4.84
C ASP A 58 -4.97 -6.77 4.03
N ALA A 59 -4.34 -5.80 4.66
CA ALA A 59 -3.22 -5.10 4.06
C ALA A 59 -1.92 -5.85 4.36
N VAL A 60 -1.18 -6.20 3.32
CA VAL A 60 0.05 -6.98 3.48
C VAL A 60 1.25 -6.04 3.43
N VAL A 61 2.36 -6.49 4.00
CA VAL A 61 3.59 -5.73 4.00
C VAL A 61 4.61 -6.36 3.06
N VAL A 62 5.09 -5.57 2.11
CA VAL A 62 6.08 -6.03 1.17
C VAL A 62 7.33 -5.17 1.22
N THR A 63 8.35 -5.60 0.50
CA THR A 63 9.59 -4.93 0.40
C THR A 63 9.74 -4.37 -1.05
N ALA A 64 10.90 -3.80 -1.37
CA ALA A 64 11.11 -2.99 -2.58
C ALA A 64 10.67 -3.66 -3.89
N THR A 65 11.04 -4.92 -4.10
CA THR A 65 10.85 -5.56 -5.40
C THR A 65 9.39 -5.71 -5.79
N GLU A 66 8.62 -6.45 -4.98
CA GLU A 66 7.22 -6.66 -5.26
C GLU A 66 6.50 -5.32 -5.33
N HIS A 67 7.06 -4.36 -4.62
CA HIS A 67 6.48 -3.04 -4.50
C HIS A 67 6.40 -2.28 -5.82
N ALA A 68 7.40 -2.43 -6.68
CA ALA A 68 7.52 -1.59 -7.87
C ALA A 68 6.37 -1.76 -8.86
N GLU A 69 6.33 -2.92 -9.49
CA GLU A 69 5.36 -3.22 -10.52
C GLU A 69 3.93 -3.13 -9.97
N ALA A 70 3.75 -3.63 -8.76
CA ALA A 70 2.47 -3.56 -8.11
C ALA A 70 2.13 -2.14 -7.65
N GLU A 71 3.13 -1.26 -7.57
CA GLU A 71 2.87 0.13 -7.18
C GLU A 71 2.18 0.86 -8.30
N LYS A 72 2.67 0.71 -9.51
CA LYS A 72 1.96 1.34 -10.63
C LYS A 72 0.55 0.76 -10.75
N ARG A 73 0.44 -0.55 -10.55
CA ARG A 73 -0.86 -1.20 -10.54
C ARG A 73 -1.70 -0.69 -9.35
N ALA A 74 -1.00 -0.17 -8.34
CA ALA A 74 -1.66 0.34 -7.13
C ALA A 74 -2.18 1.74 -7.33
N ALA A 75 -1.39 2.60 -7.96
CA ALA A 75 -1.86 3.95 -8.26
C ALA A 75 -3.04 3.88 -9.20
N ALA A 76 -3.18 2.74 -9.89
CA ALA A 76 -4.36 2.48 -10.69
C ALA A 76 -5.58 2.16 -9.81
N ARG A 77 -5.52 1.05 -9.07
CA ARG A 77 -6.65 0.59 -8.27
C ARG A 77 -6.76 1.31 -6.91
N ALA A 78 -5.76 1.10 -6.07
CA ALA A 78 -5.80 1.54 -4.67
C ALA A 78 -5.92 3.05 -4.54
N GLY A 79 -5.02 3.76 -5.20
CA GLY A 79 -4.99 5.21 -5.08
C GLY A 79 -6.03 5.91 -5.94
N HIS A 80 -7.18 5.27 -6.09
CA HIS A 80 -8.24 5.80 -6.94
C HIS A 80 -9.54 5.97 -6.16
N ALA A 81 -9.68 5.25 -5.05
CA ALA A 81 -10.90 5.27 -4.28
C ALA A 81 -10.63 4.96 -2.80
N ALA A 82 -11.70 4.78 -2.04
CA ALA A 82 -11.59 4.40 -0.64
C ALA A 82 -12.71 3.44 -0.28
N THR A 83 -12.36 2.19 -0.02
CA THR A 83 -13.34 1.16 0.23
C THR A 83 -13.13 0.54 1.62
N MET A 4 -1.13 -8.88 10.88
CA MET A 4 0.17 -8.39 10.35
C MET A 4 0.58 -7.13 11.09
N HIS A 5 1.78 -6.64 10.82
CA HIS A 5 2.24 -5.38 11.39
C HIS A 5 2.84 -4.50 10.31
N ALA A 6 2.43 -3.24 10.31
CA ALA A 6 2.89 -2.28 9.31
C ALA A 6 4.01 -1.42 9.86
N LYS A 7 5.14 -1.42 9.19
CA LYS A 7 6.29 -0.65 9.62
C LYS A 7 6.76 0.27 8.51
N VAL A 8 7.49 1.32 8.89
CA VAL A 8 8.02 2.27 7.93
C VAL A 8 9.23 1.66 7.20
N GLY A 9 9.37 2.00 5.92
CA GLY A 9 10.44 1.44 5.13
C GLY A 9 10.03 0.11 4.56
N ASP A 10 8.74 -0.17 4.67
CA ASP A 10 8.15 -1.42 4.19
C ASP A 10 6.92 -1.03 3.41
N TYR A 11 6.58 -1.80 2.41
CA TYR A 11 5.57 -1.38 1.48
C TYR A 11 4.22 -2.00 1.80
N LEU A 12 3.17 -1.33 1.37
CA LEU A 12 1.82 -1.76 1.61
C LEU A 12 1.29 -2.49 0.39
N VAL A 13 0.61 -3.60 0.64
CA VAL A 13 -0.12 -4.32 -0.38
C VAL A 13 -1.50 -4.65 0.18
N VAL A 14 -2.41 -5.08 -0.67
CA VAL A 14 -3.68 -5.59 -0.17
C VAL A 14 -4.13 -6.79 -1.01
N LYS A 15 -5.15 -7.50 -0.52
CA LYS A 15 -5.89 -8.47 -1.33
C LYS A 15 -5.03 -9.71 -1.67
N GLY A 16 -3.91 -9.86 -0.99
CA GLY A 16 -3.06 -11.02 -1.21
C GLY A 16 -3.53 -12.23 -0.43
N THR A 17 -4.82 -12.50 -0.52
CA THR A 17 -5.44 -13.56 0.26
C THR A 17 -5.40 -14.89 -0.48
N THR A 18 -5.45 -14.85 -1.81
CA THR A 18 -5.59 -16.06 -2.60
C THR A 18 -4.47 -16.18 -3.63
N THR A 19 -3.85 -17.35 -3.67
CA THR A 19 -2.78 -17.67 -4.62
C THR A 19 -1.60 -16.71 -4.49
N GLU A 20 -1.62 -15.64 -5.27
CA GLU A 20 -0.58 -14.62 -5.23
C GLU A 20 -1.05 -13.41 -6.02
N ARG A 21 -1.71 -12.50 -5.34
CA ARG A 21 -2.12 -11.24 -5.93
C ARG A 21 -1.67 -10.08 -5.06
N HIS A 22 -0.51 -9.53 -5.37
CA HIS A 22 -0.02 -8.37 -4.67
C HIS A 22 -0.71 -7.11 -5.20
N ASP A 23 -1.83 -6.77 -4.58
CA ASP A 23 -2.67 -5.65 -5.00
C ASP A 23 -2.17 -4.33 -4.38
N GLN A 24 -3.09 -3.48 -3.93
CA GLN A 24 -2.83 -2.03 -3.70
C GLN A 24 -1.47 -1.78 -3.06
N HIS A 25 -0.62 -1.03 -3.76
CA HIS A 25 0.79 -0.96 -3.41
C HIS A 25 1.30 0.46 -3.25
N ALA A 26 2.23 0.63 -2.30
CA ALA A 26 2.94 1.90 -2.08
C ALA A 26 3.92 1.75 -0.94
N GLU A 27 4.62 2.82 -0.64
CA GLU A 27 5.61 2.82 0.43
C GLU A 27 5.02 3.41 1.70
N ILE A 28 5.17 2.68 2.79
CA ILE A 28 4.70 3.16 4.07
C ILE A 28 5.85 3.85 4.78
N ILE A 29 5.82 5.18 4.74
CA ILE A 29 6.84 6.00 5.40
C ILE A 29 6.29 6.58 6.69
N GLU A 30 4.96 6.69 6.74
CA GLU A 30 4.30 7.25 7.90
C GLU A 30 3.19 6.31 8.37
N VAL A 31 3.47 5.60 9.45
CA VAL A 31 2.54 4.61 9.97
C VAL A 31 1.75 5.19 11.13
N ARG A 32 0.46 5.42 10.93
CA ARG A 32 -0.39 5.99 11.96
C ARG A 32 -0.58 5.00 13.09
N SER A 33 -0.89 3.77 12.70
CA SER A 33 -1.08 2.70 13.66
C SER A 33 -0.16 1.52 13.30
N ALA A 34 0.81 1.27 14.16
CA ALA A 34 1.85 0.28 13.89
C ALA A 34 1.32 -1.15 13.84
N ASP A 35 0.18 -1.37 14.46
CA ASP A 35 -0.41 -2.71 14.48
C ASP A 35 -1.08 -3.01 13.16
N GLY A 36 -2.14 -2.28 12.86
CA GLY A 36 -2.84 -2.47 11.60
C GLY A 36 -4.18 -1.77 11.58
N SER A 37 -4.15 -0.45 11.46
CA SER A 37 -5.37 0.34 11.35
C SER A 37 -5.11 1.60 10.55
N PRO A 38 -5.92 1.83 9.51
CA PRO A 38 -5.85 3.05 8.70
C PRO A 38 -6.25 4.29 9.51
N PRO A 39 -5.98 5.50 8.99
CA PRO A 39 -5.40 5.71 7.67
C PRO A 39 -3.89 5.48 7.64
N TYR A 40 -3.39 5.10 6.49
CA TYR A 40 -1.95 4.96 6.28
C TYR A 40 -1.47 6.12 5.43
N VAL A 41 -0.34 6.70 5.77
CA VAL A 41 0.21 7.76 4.95
C VAL A 41 1.27 7.16 4.07
N VAL A 42 0.91 7.07 2.81
CA VAL A 42 1.65 6.26 1.88
C VAL A 42 2.21 7.14 0.77
N ARG A 43 3.32 6.72 0.21
CA ARG A 43 3.95 7.48 -0.85
C ARG A 43 4.18 6.60 -2.06
N TRP A 44 3.72 7.07 -3.21
CA TRP A 44 4.02 6.41 -4.47
C TRP A 44 5.45 6.75 -4.85
N LEU A 45 6.33 5.77 -4.72
CA LEU A 45 7.75 6.03 -4.94
C LEU A 45 8.09 5.90 -6.42
N VAL A 46 7.75 4.75 -6.98
CA VAL A 46 8.06 4.46 -8.35
C VAL A 46 7.05 5.08 -9.29
N ASN A 47 6.04 5.69 -8.70
CA ASN A 47 5.18 6.59 -9.44
C ASN A 47 5.62 8.03 -9.19
N GLY A 48 5.37 8.53 -7.99
CA GLY A 48 5.92 9.82 -7.60
C GLY A 48 4.90 10.80 -7.02
N HIS A 49 4.46 10.56 -5.78
CA HIS A 49 3.65 11.54 -5.04
C HIS A 49 3.31 11.02 -3.65
N GLU A 50 2.77 11.89 -2.81
CA GLU A 50 2.51 11.57 -1.40
C GLU A 50 1.03 11.72 -1.09
N THR A 51 0.48 10.87 -0.21
CA THR A 51 -0.92 10.95 0.14
C THR A 51 -1.28 10.02 1.30
N THR A 52 -2.54 10.04 1.66
CA THR A 52 -3.08 9.20 2.71
C THR A 52 -4.09 8.23 2.10
N VAL A 53 -3.86 6.92 2.25
CA VAL A 53 -4.65 5.93 1.55
C VAL A 53 -5.42 5.01 2.50
N TYR A 54 -6.45 4.39 1.94
CA TYR A 54 -7.21 3.34 2.61
C TYR A 54 -7.23 2.10 1.71
N PRO A 55 -6.37 1.11 1.99
CA PRO A 55 -6.25 -0.09 1.16
C PRO A 55 -7.39 -1.08 1.38
N GLY A 56 -7.99 -1.03 2.57
CA GLY A 56 -9.03 -1.96 2.92
C GLY A 56 -8.54 -3.04 3.87
N SER A 57 -9.30 -4.11 3.99
CA SER A 57 -8.93 -5.22 4.84
C SER A 57 -8.01 -6.20 4.10
N ASP A 58 -7.37 -7.09 4.85
CA ASP A 58 -6.44 -8.06 4.27
C ASP A 58 -5.25 -7.36 3.63
N ALA A 59 -4.76 -6.34 4.32
CA ALA A 59 -3.59 -5.62 3.88
C ALA A 59 -2.33 -6.32 4.38
N VAL A 60 -1.35 -6.47 3.50
CA VAL A 60 -0.13 -7.18 3.84
C VAL A 60 1.08 -6.28 3.60
N VAL A 61 2.20 -6.59 4.25
CA VAL A 61 3.39 -5.80 4.13
C VAL A 61 4.42 -6.47 3.21
N VAL A 62 4.85 -5.73 2.21
CA VAL A 62 5.75 -6.22 1.18
C VAL A 62 7.05 -5.44 1.17
N THR A 63 7.98 -5.87 0.34
CA THR A 63 9.29 -5.22 0.25
C THR A 63 9.46 -4.51 -1.11
N ALA A 64 10.70 -4.09 -1.39
CA ALA A 64 11.02 -3.26 -2.56
C ALA A 64 10.70 -3.94 -3.89
N THR A 65 11.10 -5.19 -4.05
CA THR A 65 10.90 -5.89 -5.31
C THR A 65 9.45 -6.20 -5.57
N GLU A 66 8.73 -6.53 -4.50
CA GLU A 66 7.30 -6.78 -4.59
C GLU A 66 6.58 -5.47 -4.83
N HIS A 67 7.28 -4.38 -4.56
CA HIS A 67 6.72 -3.04 -4.62
C HIS A 67 6.68 -2.45 -6.03
N ALA A 68 7.75 -2.58 -6.79
CA ALA A 68 7.95 -1.78 -8.00
C ALA A 68 6.80 -1.96 -9.01
N GLU A 69 6.74 -3.15 -9.58
CA GLU A 69 5.77 -3.46 -10.63
C GLU A 69 4.34 -3.31 -10.12
N ALA A 70 4.14 -3.68 -8.88
CA ALA A 70 2.84 -3.63 -8.24
C ALA A 70 2.41 -2.21 -7.90
N GLU A 71 3.35 -1.28 -7.76
CA GLU A 71 2.97 0.09 -7.44
C GLU A 71 2.50 0.76 -8.71
N LYS A 72 3.10 0.44 -9.83
CA LYS A 72 2.58 0.92 -11.09
C LYS A 72 1.10 0.50 -11.22
N ARG A 73 0.88 -0.80 -11.32
CA ARG A 73 -0.46 -1.36 -11.50
C ARG A 73 -1.40 -0.97 -10.36
N ALA A 74 -1.08 -1.47 -9.19
CA ALA A 74 -2.01 -1.48 -8.07
C ALA A 74 -2.12 -0.13 -7.37
N ALA A 75 -1.16 0.79 -7.57
CA ALA A 75 -1.33 2.12 -7.03
C ALA A 75 -2.20 2.96 -7.93
N ALA A 76 -2.08 2.73 -9.25
CA ALA A 76 -3.01 3.35 -10.20
C ALA A 76 -4.45 2.95 -9.86
N ARG A 77 -4.62 1.73 -9.38
CA ARG A 77 -5.93 1.24 -8.96
C ARG A 77 -6.30 1.71 -7.54
N ALA A 78 -5.31 1.69 -6.64
CA ALA A 78 -5.51 2.06 -5.23
C ALA A 78 -6.06 3.47 -5.09
N GLY A 79 -5.33 4.44 -5.63
CA GLY A 79 -5.72 5.82 -5.48
C GLY A 79 -6.72 6.25 -6.54
N HIS A 80 -7.71 5.40 -6.77
CA HIS A 80 -8.79 5.72 -7.71
C HIS A 80 -9.84 6.57 -7.02
N ALA A 81 -10.03 6.34 -5.73
CA ALA A 81 -10.99 7.10 -4.96
C ALA A 81 -10.36 7.63 -3.68
N ALA A 82 -9.90 8.88 -3.74
CA ALA A 82 -9.34 9.54 -2.57
C ALA A 82 -10.00 10.89 -2.39
N THR A 83 -10.99 10.95 -1.51
CA THR A 83 -11.76 12.16 -1.30
C THR A 83 -12.26 12.23 0.14
N MET A 4 -1.91 -8.75 11.51
CA MET A 4 -1.25 -7.80 10.61
C MET A 4 -0.59 -6.68 11.41
N HIS A 5 0.71 -6.50 11.22
CA HIS A 5 1.41 -5.41 11.86
C HIS A 5 2.29 -4.71 10.83
N ALA A 6 2.12 -3.40 10.69
CA ALA A 6 2.86 -2.65 9.69
C ALA A 6 4.04 -1.94 10.34
N LYS A 7 4.95 -1.45 9.50
CA LYS A 7 6.12 -0.73 9.95
C LYS A 7 6.66 0.14 8.83
N VAL A 8 7.46 1.13 9.18
CA VAL A 8 7.96 2.11 8.21
C VAL A 8 9.20 1.58 7.49
N GLY A 9 9.33 1.95 6.22
CA GLY A 9 10.45 1.50 5.42
C GLY A 9 10.07 0.29 4.61
N ASP A 10 8.78 -0.04 4.66
CA ASP A 10 8.25 -1.19 3.93
C ASP A 10 7.01 -0.76 3.21
N TYR A 11 6.54 -1.59 2.32
CA TYR A 11 5.47 -1.21 1.44
C TYR A 11 4.14 -1.81 1.89
N LEU A 12 3.06 -1.17 1.46
CA LEU A 12 1.72 -1.64 1.69
C LEU A 12 1.23 -2.36 0.45
N VAL A 13 0.56 -3.47 0.64
CA VAL A 13 -0.09 -4.18 -0.45
C VAL A 13 -1.48 -4.63 0.00
N VAL A 14 -2.31 -5.02 -0.95
CA VAL A 14 -3.58 -5.63 -0.61
C VAL A 14 -3.61 -7.05 -1.16
N LYS A 15 -4.28 -7.94 -0.45
CA LYS A 15 -4.47 -9.30 -0.93
C LYS A 15 -5.48 -9.32 -2.08
N GLY A 16 -4.96 -9.42 -3.29
CA GLY A 16 -5.81 -9.50 -4.46
C GLY A 16 -6.29 -10.91 -4.70
N THR A 17 -7.51 -11.04 -5.20
CA THR A 17 -8.08 -12.35 -5.49
C THR A 17 -7.40 -12.96 -6.72
N THR A 18 -7.51 -12.26 -7.83
CA THR A 18 -6.93 -12.73 -9.09
C THR A 18 -6.13 -11.63 -9.75
N THR A 19 -5.36 -10.91 -8.96
CA THR A 19 -4.54 -9.82 -9.47
C THR A 19 -3.15 -10.32 -9.88
N GLU A 20 -2.97 -11.64 -9.77
CA GLU A 20 -1.71 -12.31 -10.14
C GLU A 20 -0.59 -12.00 -9.16
N ARG A 21 -0.12 -10.76 -9.18
CA ARG A 21 1.01 -10.35 -8.37
C ARG A 21 0.56 -9.82 -7.01
N HIS A 22 0.20 -8.54 -6.98
CA HIS A 22 -0.15 -7.87 -5.74
C HIS A 22 -1.25 -6.84 -6.00
N ASP A 23 -1.95 -6.44 -4.95
CA ASP A 23 -2.98 -5.41 -5.07
C ASP A 23 -2.43 -4.07 -4.56
N GLN A 24 -3.32 -3.17 -4.11
CA GLN A 24 -2.99 -1.75 -3.81
C GLN A 24 -1.64 -1.62 -3.10
N HIS A 25 -0.79 -0.71 -3.59
CA HIS A 25 0.61 -0.71 -3.19
C HIS A 25 1.22 0.69 -3.09
N ALA A 26 2.08 0.89 -2.08
CA ALA A 26 2.87 2.12 -1.91
C ALA A 26 3.87 1.94 -0.79
N GLU A 27 4.69 2.94 -0.54
CA GLU A 27 5.70 2.86 0.51
C GLU A 27 5.21 3.54 1.79
N ILE A 28 5.25 2.81 2.90
CA ILE A 28 4.76 3.32 4.16
C ILE A 28 5.89 3.92 4.99
N ILE A 29 5.90 5.25 5.06
CA ILE A 29 6.87 5.97 5.86
C ILE A 29 6.24 6.45 7.17
N GLU A 30 4.93 6.67 7.15
CA GLU A 30 4.24 7.11 8.36
C GLU A 30 3.17 6.11 8.76
N VAL A 31 3.50 5.32 9.78
CA VAL A 31 2.57 4.33 10.29
C VAL A 31 1.87 4.86 11.54
N ARG A 32 0.63 5.30 11.39
CA ARG A 32 -0.16 5.76 12.52
C ARG A 32 -0.92 4.58 13.13
N SER A 33 -0.75 3.43 12.51
CA SER A 33 -1.43 2.22 12.91
C SER A 33 -0.73 1.57 14.10
N ALA A 34 -1.49 1.35 15.17
CA ALA A 34 -0.96 0.65 16.34
C ALA A 34 -0.57 -0.77 15.96
N ASP A 35 -1.40 -1.40 15.16
CA ASP A 35 -1.08 -2.71 14.60
C ASP A 35 -0.95 -2.60 13.10
N GLY A 36 -2.06 -2.33 12.44
CA GLY A 36 -2.09 -2.23 10.99
C GLY A 36 -3.45 -1.78 10.49
N SER A 37 -3.93 -0.67 11.02
CA SER A 37 -5.24 -0.15 10.67
C SER A 37 -5.12 1.08 9.77
N PRO A 38 -6.03 1.23 8.80
CA PRO A 38 -6.09 2.42 7.94
C PRO A 38 -6.55 3.65 8.72
N PRO A 39 -6.21 4.85 8.23
CA PRO A 39 -5.41 5.04 7.02
C PRO A 39 -3.91 5.04 7.29
N TYR A 40 -3.15 5.09 6.22
CA TYR A 40 -1.69 5.14 6.30
C TYR A 40 -1.23 6.38 5.56
N VAL A 41 -0.10 6.96 5.98
CA VAL A 41 0.47 8.03 5.20
C VAL A 41 1.59 7.45 4.38
N VAL A 42 1.32 7.38 3.09
CA VAL A 42 2.06 6.55 2.18
C VAL A 42 2.54 7.38 1.00
N ARG A 43 3.47 6.85 0.23
CA ARG A 43 3.91 7.53 -0.97
C ARG A 43 4.19 6.52 -2.09
N TRP A 44 3.68 6.82 -3.26
CA TRP A 44 3.94 6.00 -4.43
C TRP A 44 5.30 6.39 -5.01
N LEU A 45 6.29 5.55 -4.81
CA LEU A 45 7.66 5.90 -5.17
C LEU A 45 7.89 5.79 -6.67
N VAL A 46 7.50 4.65 -7.22
CA VAL A 46 7.73 4.38 -8.62
C VAL A 46 6.68 5.07 -9.48
N ASN A 47 5.70 5.67 -8.83
CA ASN A 47 4.71 6.47 -9.52
C ASN A 47 5.03 7.95 -9.41
N GLY A 48 5.26 8.42 -8.19
CA GLY A 48 5.62 9.82 -7.98
C GLY A 48 4.51 10.63 -7.34
N HIS A 49 4.25 10.37 -6.06
CA HIS A 49 3.26 11.13 -5.28
C HIS A 49 3.28 10.68 -3.82
N GLU A 50 2.74 11.52 -2.94
CA GLU A 50 2.61 11.18 -1.52
C GLU A 50 1.21 11.53 -1.05
N THR A 51 0.62 10.68 -0.20
CA THR A 51 -0.75 10.89 0.25
C THR A 51 -1.17 9.90 1.33
N THR A 52 -2.32 10.15 1.90
CA THR A 52 -2.88 9.30 2.93
C THR A 52 -3.93 8.39 2.29
N VAL A 53 -3.62 7.10 2.23
CA VAL A 53 -4.43 6.17 1.45
C VAL A 53 -5.26 5.24 2.32
N TYR A 54 -6.33 4.74 1.72
CA TYR A 54 -7.17 3.72 2.34
C TYR A 54 -7.17 2.48 1.46
N PRO A 55 -6.45 1.42 1.86
CA PRO A 55 -6.35 0.17 1.10
C PRO A 55 -7.63 -0.66 1.21
N GLY A 56 -8.55 -0.21 2.04
CA GLY A 56 -9.78 -0.93 2.25
C GLY A 56 -9.64 -2.05 3.25
N SER A 57 -9.06 -3.15 2.80
CA SER A 57 -8.91 -4.34 3.63
C SER A 57 -7.84 -5.26 3.04
N ASP A 58 -7.41 -6.24 3.85
CA ASP A 58 -6.44 -7.25 3.41
C ASP A 58 -5.07 -6.65 3.15
N ALA A 59 -4.66 -5.69 3.97
CA ALA A 59 -3.38 -5.04 3.79
C ALA A 59 -2.23 -5.92 4.30
N VAL A 60 -1.19 -6.04 3.47
CA VAL A 60 -0.02 -6.84 3.78
C VAL A 60 1.24 -5.98 3.63
N VAL A 61 2.33 -6.40 4.26
CA VAL A 61 3.58 -5.65 4.21
C VAL A 61 4.53 -6.25 3.17
N VAL A 62 4.86 -5.46 2.16
CA VAL A 62 5.73 -5.90 1.07
C VAL A 62 7.07 -5.17 1.10
N THR A 63 7.99 -5.60 0.23
CA THR A 63 9.34 -5.05 0.21
C THR A 63 9.68 -4.47 -1.17
N ALA A 64 10.98 -4.23 -1.40
CA ALA A 64 11.47 -3.53 -2.59
C ALA A 64 11.08 -4.21 -3.91
N THR A 65 11.21 -5.52 -4.00
CA THR A 65 10.92 -6.21 -5.26
C THR A 65 9.43 -6.42 -5.42
N GLU A 66 8.76 -6.63 -4.30
CA GLU A 66 7.31 -6.69 -4.24
C GLU A 66 6.73 -5.34 -4.65
N HIS A 67 7.58 -4.34 -4.63
CA HIS A 67 7.20 -2.95 -4.82
C HIS A 67 7.03 -2.54 -6.28
N ALA A 68 8.00 -2.82 -7.12
CA ALA A 68 8.08 -2.19 -8.44
C ALA A 68 6.80 -2.38 -9.26
N GLU A 69 6.59 -3.61 -9.69
CA GLU A 69 5.50 -3.97 -10.57
C GLU A 69 4.14 -3.65 -9.94
N ALA A 70 3.98 -4.12 -8.70
CA ALA A 70 2.74 -4.01 -7.99
C ALA A 70 2.37 -2.57 -7.72
N GLU A 71 3.35 -1.74 -7.40
CA GLU A 71 3.06 -0.36 -7.02
C GLU A 71 2.56 0.43 -8.20
N LYS A 72 3.17 0.25 -9.36
CA LYS A 72 2.69 0.96 -10.55
C LYS A 72 1.24 0.62 -10.82
N ARG A 73 0.96 -0.67 -11.00
CA ARG A 73 -0.39 -1.11 -11.35
C ARG A 73 -1.40 -0.78 -10.24
N ALA A 74 -1.01 -1.08 -9.02
CA ALA A 74 -1.89 -0.99 -7.89
C ALA A 74 -2.03 0.43 -7.35
N ALA A 75 -1.14 1.34 -7.70
CA ALA A 75 -1.35 2.73 -7.36
C ALA A 75 -2.40 3.31 -8.28
N ALA A 76 -2.33 2.91 -9.55
CA ALA A 76 -3.35 3.29 -10.53
C ALA A 76 -4.71 2.71 -10.14
N ARG A 77 -4.69 1.61 -9.40
CA ARG A 77 -5.91 1.01 -8.86
C ARG A 77 -6.37 1.70 -7.56
N ALA A 78 -5.50 1.75 -6.56
CA ALA A 78 -5.81 2.27 -5.22
C ALA A 78 -6.34 3.69 -5.26
N GLY A 79 -5.53 4.62 -5.76
CA GLY A 79 -5.91 6.02 -5.72
C GLY A 79 -6.74 6.42 -6.93
N HIS A 80 -7.48 5.47 -7.44
CA HIS A 80 -8.39 5.71 -8.55
C HIS A 80 -9.83 5.59 -8.08
N ALA A 81 -10.02 4.75 -7.07
CA ALA A 81 -11.35 4.53 -6.49
C ALA A 81 -11.52 5.33 -5.20
N ALA A 82 -10.41 5.83 -4.69
CA ALA A 82 -10.41 6.62 -3.47
C ALA A 82 -9.71 7.95 -3.68
N THR A 83 -10.49 9.01 -3.82
CA THR A 83 -9.96 10.34 -4.00
C THR A 83 -11.02 11.40 -3.70
N MET A 4 -2.98 -8.49 11.29
CA MET A 4 -2.35 -7.43 10.47
C MET A 4 -1.41 -6.60 11.35
N HIS A 5 -0.20 -6.38 10.84
CA HIS A 5 0.76 -5.50 11.50
C HIS A 5 1.48 -4.66 10.44
N ALA A 6 1.64 -3.38 10.69
CA ALA A 6 2.29 -2.49 9.74
C ALA A 6 3.75 -2.26 10.12
N LYS A 7 4.57 -1.98 9.12
CA LYS A 7 6.00 -1.79 9.34
C LYS A 7 6.49 -0.64 8.46
N VAL A 8 7.20 0.30 9.09
CA VAL A 8 7.67 1.50 8.38
C VAL A 8 8.93 1.21 7.57
N GLY A 9 9.00 1.80 6.39
CA GLY A 9 10.12 1.53 5.50
C GLY A 9 9.82 0.36 4.60
N ASP A 10 8.59 -0.10 4.69
CA ASP A 10 8.11 -1.25 3.93
C ASP A 10 6.92 -0.84 3.12
N TYR A 11 6.46 -1.73 2.28
CA TYR A 11 5.41 -1.39 1.34
C TYR A 11 4.07 -2.05 1.71
N LEU A 12 3.00 -1.40 1.31
CA LEU A 12 1.65 -1.85 1.58
C LEU A 12 1.05 -2.50 0.34
N VAL A 13 0.29 -3.57 0.58
CA VAL A 13 -0.43 -4.31 -0.48
C VAL A 13 -1.76 -4.82 0.08
N VAL A 14 -2.80 -4.86 -0.73
CA VAL A 14 -4.03 -5.52 -0.34
C VAL A 14 -4.11 -6.89 -0.99
N LYS A 15 -4.75 -7.82 -0.30
CA LYS A 15 -4.83 -9.19 -0.77
C LYS A 15 -6.29 -9.59 -0.92
N GLY A 16 -7.18 -8.64 -0.65
CA GLY A 16 -8.59 -8.85 -0.84
C GLY A 16 -8.95 -9.02 -2.30
N THR A 17 -8.15 -8.41 -3.18
CA THR A 17 -8.30 -8.59 -4.61
C THR A 17 -7.70 -9.93 -5.03
N THR A 18 -8.45 -11.01 -4.82
CA THR A 18 -7.97 -12.36 -4.99
C THR A 18 -7.61 -12.67 -6.44
N THR A 19 -8.27 -11.99 -7.38
CA THR A 19 -8.05 -12.23 -8.80
C THR A 19 -6.67 -11.71 -9.23
N GLU A 20 -6.07 -10.85 -8.42
CA GLU A 20 -4.78 -10.27 -8.75
C GLU A 20 -3.65 -10.92 -7.98
N ARG A 21 -2.43 -10.49 -8.27
CA ARG A 21 -1.24 -10.99 -7.58
C ARG A 21 -1.13 -10.29 -6.22
N HIS A 22 -0.91 -8.99 -6.29
CA HIS A 22 -0.88 -8.14 -5.11
C HIS A 22 -1.28 -6.73 -5.49
N ASP A 23 -2.43 -6.30 -4.98
CA ASP A 23 -3.09 -5.07 -5.41
C ASP A 23 -2.81 -3.94 -4.41
N GLN A 24 -3.24 -2.71 -4.75
CA GLN A 24 -3.10 -1.50 -3.93
C GLN A 24 -1.75 -1.44 -3.20
N HIS A 25 -0.77 -0.78 -3.81
CA HIS A 25 0.60 -0.84 -3.33
C HIS A 25 1.26 0.54 -3.26
N ALA A 26 2.01 0.75 -2.20
CA ALA A 26 2.81 1.98 -2.01
C ALA A 26 3.78 1.79 -0.86
N GLU A 27 4.56 2.80 -0.57
CA GLU A 27 5.52 2.72 0.54
C GLU A 27 4.97 3.39 1.78
N ILE A 28 5.03 2.67 2.90
CA ILE A 28 4.60 3.21 4.17
C ILE A 28 5.79 3.83 4.88
N ILE A 29 5.81 5.15 4.90
CA ILE A 29 6.85 5.89 5.61
C ILE A 29 6.33 6.44 6.93
N GLU A 30 5.02 6.65 7.02
CA GLU A 30 4.42 7.04 8.28
C GLU A 30 3.22 6.15 8.58
N VAL A 31 3.32 5.46 9.70
CA VAL A 31 2.25 4.58 10.13
C VAL A 31 1.40 5.28 11.18
N ARG A 32 0.11 5.42 10.90
CA ARG A 32 -0.81 6.13 11.79
C ARG A 32 -0.93 5.39 13.12
N SER A 33 -0.84 4.07 13.06
CA SER A 33 -0.88 3.24 14.26
C SER A 33 -0.04 1.98 14.02
N ALA A 34 0.88 1.70 14.94
CA ALA A 34 1.78 0.56 14.78
C ALA A 34 1.02 -0.75 14.78
N ASP A 35 -0.17 -0.73 15.37
CA ASP A 35 -1.03 -1.90 15.41
C ASP A 35 -1.53 -2.24 14.01
N GLY A 36 -1.43 -1.27 13.11
CA GLY A 36 -1.86 -1.48 11.74
C GLY A 36 -3.17 -0.78 11.44
N SER A 37 -3.66 0.00 12.40
CA SER A 37 -4.91 0.71 12.25
C SER A 37 -4.80 1.81 11.18
N PRO A 38 -5.65 1.75 10.15
CA PRO A 38 -5.67 2.72 9.05
C PRO A 38 -6.16 4.10 9.52
N PRO A 39 -5.95 5.16 8.72
CA PRO A 39 -5.30 5.08 7.40
C PRO A 39 -3.78 5.02 7.49
N TYR A 40 -3.15 5.04 6.34
CA TYR A 40 -1.70 5.07 6.26
C TYR A 40 -1.27 6.27 5.45
N VAL A 41 -0.12 6.85 5.76
CA VAL A 41 0.41 7.90 4.93
C VAL A 41 1.44 7.28 4.03
N VAL A 42 1.01 7.07 2.82
CA VAL A 42 1.69 6.19 1.90
C VAL A 42 2.17 6.97 0.69
N ARG A 43 3.30 6.59 0.15
CA ARG A 43 3.87 7.34 -0.95
C ARG A 43 4.06 6.44 -2.17
N TRP A 44 3.58 6.92 -3.31
CA TRP A 44 3.82 6.24 -4.57
C TRP A 44 5.23 6.61 -5.03
N LEU A 45 6.19 5.76 -4.73
CA LEU A 45 7.59 6.08 -5.00
C LEU A 45 7.89 6.03 -6.48
N VAL A 46 7.70 4.85 -7.04
CA VAL A 46 8.04 4.60 -8.42
C VAL A 46 7.04 5.25 -9.36
N ASN A 47 5.99 5.81 -8.79
CA ASN A 47 5.04 6.58 -9.55
C ASN A 47 5.33 8.07 -9.42
N GLY A 48 5.23 8.60 -8.19
CA GLY A 48 5.65 9.97 -7.94
C GLY A 48 4.57 10.83 -7.28
N HIS A 49 4.18 10.48 -6.05
CA HIS A 49 3.25 11.31 -5.25
C HIS A 49 3.20 10.86 -3.80
N GLU A 50 2.84 11.79 -2.93
CA GLU A 50 2.65 11.51 -1.51
C GLU A 50 1.18 11.65 -1.17
N THR A 51 0.66 10.78 -0.31
CA THR A 51 -0.77 10.81 0.01
C THR A 51 -1.09 9.98 1.25
N THR A 52 -2.37 9.97 1.59
CA THR A 52 -2.88 9.20 2.71
C THR A 52 -4.01 8.30 2.21
N VAL A 53 -3.71 7.01 2.10
CA VAL A 53 -4.61 6.08 1.43
C VAL A 53 -5.28 5.13 2.41
N TYR A 54 -6.52 4.76 2.08
CA TYR A 54 -7.24 3.71 2.78
C TYR A 54 -7.31 2.46 1.90
N PRO A 55 -6.44 1.48 2.15
CA PRO A 55 -6.41 0.23 1.38
C PRO A 55 -7.46 -0.77 1.90
N GLY A 56 -7.85 -0.58 3.15
CA GLY A 56 -8.72 -1.52 3.81
C GLY A 56 -8.11 -1.94 5.14
N SER A 57 -8.26 -3.19 5.53
CA SER A 57 -7.62 -3.69 6.73
C SER A 57 -6.99 -5.05 6.49
N ASP A 58 -6.83 -5.37 5.22
CA ASP A 58 -6.19 -6.62 4.80
C ASP A 58 -4.80 -6.31 4.27
N ALA A 59 -4.35 -5.11 4.60
CA ALA A 59 -3.06 -4.60 4.17
C ALA A 59 -1.90 -5.45 4.71
N VAL A 60 -1.19 -6.09 3.80
CA VAL A 60 0.01 -6.83 4.14
C VAL A 60 1.22 -5.98 3.83
N VAL A 61 2.36 -6.51 4.17
CA VAL A 61 3.62 -5.78 4.11
C VAL A 61 4.60 -6.45 3.16
N VAL A 62 5.09 -5.67 2.19
CA VAL A 62 6.03 -6.15 1.20
C VAL A 62 7.32 -5.32 1.21
N THR A 63 8.27 -5.73 0.40
CA THR A 63 9.58 -5.08 0.33
C THR A 63 9.84 -4.49 -1.07
N ALA A 64 11.10 -4.11 -1.34
CA ALA A 64 11.46 -3.35 -2.54
C ALA A 64 11.14 -4.04 -3.87
N THR A 65 11.37 -5.34 -3.97
CA THR A 65 11.14 -6.04 -5.24
C THR A 65 9.65 -6.16 -5.54
N GLU A 66 8.90 -6.57 -4.53
CA GLU A 66 7.45 -6.63 -4.64
C GLU A 66 6.88 -5.24 -4.89
N HIS A 67 7.70 -4.24 -4.62
CA HIS A 67 7.31 -2.85 -4.72
C HIS A 67 7.17 -2.37 -6.17
N ALA A 68 8.11 -2.72 -7.04
CA ALA A 68 8.18 -2.11 -8.36
C ALA A 68 6.89 -2.32 -9.17
N GLU A 69 6.70 -3.54 -9.62
CA GLU A 69 5.61 -3.91 -10.51
C GLU A 69 4.25 -3.65 -9.84
N ALA A 70 4.13 -4.09 -8.60
CA ALA A 70 2.93 -3.90 -7.83
C ALA A 70 2.58 -2.43 -7.70
N GLU A 71 3.56 -1.59 -7.38
CA GLU A 71 3.26 -0.20 -7.07
C GLU A 71 2.72 0.55 -8.27
N LYS A 72 3.26 0.30 -9.46
CA LYS A 72 2.72 0.98 -10.64
C LYS A 72 1.26 0.56 -10.91
N ARG A 73 1.02 -0.75 -11.06
CA ARG A 73 -0.34 -1.23 -11.36
C ARG A 73 -1.31 -0.85 -10.25
N ALA A 74 -0.86 -1.05 -9.05
CA ALA A 74 -1.69 -0.91 -7.86
C ALA A 74 -1.84 0.53 -7.43
N ALA A 75 -0.98 1.43 -7.92
CA ALA A 75 -1.21 2.85 -7.70
C ALA A 75 -2.36 3.31 -8.57
N ALA A 76 -2.44 2.73 -9.77
CA ALA A 76 -3.56 2.99 -10.65
C ALA A 76 -4.86 2.42 -10.06
N ARG A 77 -4.73 1.36 -9.28
CA ARG A 77 -5.89 0.75 -8.60
C ARG A 77 -6.28 1.47 -7.30
N ALA A 78 -5.34 1.55 -6.37
CA ALA A 78 -5.60 2.09 -5.02
C ALA A 78 -6.00 3.55 -5.08
N GLY A 79 -5.08 4.39 -5.55
CA GLY A 79 -5.31 5.82 -5.55
C GLY A 79 -6.04 6.27 -6.80
N HIS A 80 -7.03 5.50 -7.21
CA HIS A 80 -7.82 5.83 -8.39
C HIS A 80 -8.81 6.92 -8.04
N ALA A 81 -9.28 6.89 -6.80
CA ALA A 81 -10.17 7.91 -6.29
C ALA A 81 -9.92 8.13 -4.81
N ALA A 82 -8.92 8.94 -4.50
CA ALA A 82 -8.55 9.23 -3.12
C ALA A 82 -8.19 10.69 -2.96
N THR A 83 -7.40 11.20 -3.89
CA THR A 83 -7.04 12.60 -3.93
C THR A 83 -7.84 13.32 -5.01
N MET A 4 -3.18 -7.06 11.08
CA MET A 4 -2.24 -6.44 10.11
C MET A 4 -1.27 -5.55 10.87
N HIS A 5 -0.02 -5.50 10.40
CA HIS A 5 1.03 -4.73 11.06
C HIS A 5 1.87 -4.02 10.01
N ALA A 6 2.26 -2.79 10.31
CA ALA A 6 2.77 -1.89 9.29
C ALA A 6 3.98 -1.10 9.80
N LYS A 7 4.95 -0.93 8.90
CA LYS A 7 6.26 -0.41 9.23
C LYS A 7 6.70 0.58 8.15
N VAL A 8 7.34 1.66 8.54
CA VAL A 8 7.87 2.62 7.58
C VAL A 8 9.07 2.05 6.82
N GLY A 9 9.11 2.27 5.51
CA GLY A 9 10.12 1.65 4.68
C GLY A 9 9.62 0.33 4.16
N ASP A 10 8.32 0.20 4.26
CA ASP A 10 7.56 -1.05 4.11
C ASP A 10 6.32 -0.76 3.31
N TYR A 11 5.89 -1.68 2.48
CA TYR A 11 5.20 -1.45 1.23
C TYR A 11 4.07 -2.43 1.24
N LEU A 12 2.91 -2.04 0.74
CA LEU A 12 1.66 -2.62 1.20
C LEU A 12 0.77 -2.89 0.02
N VAL A 13 0.12 -4.05 0.12
CA VAL A 13 -0.59 -4.72 -0.95
C VAL A 13 -1.89 -5.30 -0.40
N VAL A 14 -2.98 -5.21 -1.15
CA VAL A 14 -4.26 -5.79 -0.74
C VAL A 14 -4.94 -6.47 -1.94
N LYS A 15 -5.56 -7.61 -1.68
CA LYS A 15 -6.34 -8.32 -2.70
C LYS A 15 -7.45 -7.40 -3.23
N GLY A 16 -7.26 -6.90 -4.44
CA GLY A 16 -8.19 -5.95 -5.01
C GLY A 16 -9.41 -6.61 -5.63
N THR A 17 -10.18 -7.32 -4.80
CA THR A 17 -11.42 -7.98 -5.23
C THR A 17 -11.13 -9.08 -6.26
N THR A 18 -9.87 -9.49 -6.32
CA THR A 18 -9.44 -10.55 -7.22
C THR A 18 -8.12 -11.11 -6.74
N THR A 19 -7.96 -12.42 -6.83
CA THR A 19 -6.75 -13.08 -6.37
C THR A 19 -5.83 -13.42 -7.55
N GLU A 20 -5.66 -12.45 -8.44
CA GLU A 20 -4.72 -12.57 -9.54
C GLU A 20 -3.62 -11.54 -9.35
N ARG A 21 -3.96 -10.28 -9.53
CA ARG A 21 -3.01 -9.21 -9.33
C ARG A 21 -3.09 -8.70 -7.92
N HIS A 22 -2.07 -8.99 -7.11
CA HIS A 22 -1.95 -8.40 -5.80
C HIS A 22 -1.80 -6.89 -5.96
N ASP A 23 -2.80 -6.15 -5.53
CA ASP A 23 -2.94 -4.77 -5.97
C ASP A 23 -2.95 -3.80 -4.81
N GLN A 24 -3.31 -2.54 -5.08
CA GLN A 24 -3.23 -1.44 -4.11
C GLN A 24 -1.90 -1.46 -3.36
N HIS A 25 -0.91 -0.73 -3.87
CA HIS A 25 0.46 -0.86 -3.38
C HIS A 25 1.15 0.48 -3.26
N ALA A 26 1.48 0.82 -2.03
CA ALA A 26 2.20 2.05 -1.66
C ALA A 26 3.20 1.71 -0.58
N GLU A 27 3.91 2.70 -0.12
CA GLU A 27 4.95 2.48 0.89
C GLU A 27 4.89 3.56 1.94
N ILE A 28 4.72 3.08 3.16
CA ILE A 28 4.52 3.95 4.29
C ILE A 28 5.83 4.50 4.78
N ILE A 29 5.94 5.82 4.63
CA ILE A 29 7.00 6.59 5.24
C ILE A 29 6.48 7.23 6.51
N GLU A 30 5.18 7.11 6.68
CA GLU A 30 4.49 7.60 7.86
C GLU A 30 3.45 6.57 8.28
N VAL A 31 3.52 6.18 9.54
CA VAL A 31 2.74 5.05 10.04
C VAL A 31 2.19 5.41 11.41
N ARG A 32 0.92 5.79 11.41
CA ARG A 32 0.25 6.26 12.62
C ARG A 32 -0.66 5.17 13.15
N SER A 33 -0.38 3.95 12.73
CA SER A 33 -1.12 2.79 13.18
C SER A 33 -0.23 1.96 14.12
N ALA A 34 -0.58 1.92 15.39
CA ALA A 34 0.21 1.19 16.38
C ALA A 34 0.18 -0.30 16.06
N ASP A 35 -0.98 -0.77 15.65
CA ASP A 35 -1.14 -2.16 15.28
C ASP A 35 -0.96 -2.33 13.78
N GLY A 36 -1.77 -1.61 13.02
CA GLY A 36 -1.78 -1.77 11.59
C GLY A 36 -3.19 -1.71 11.04
N SER A 37 -3.75 -0.51 11.07
CA SER A 37 -5.11 -0.29 10.57
C SER A 37 -5.21 1.14 10.05
N PRO A 38 -5.96 1.34 8.95
CA PRO A 38 -6.13 2.67 8.32
C PRO A 38 -6.54 3.75 9.31
N PRO A 39 -6.17 5.02 9.03
CA PRO A 39 -5.47 5.37 7.81
C PRO A 39 -3.95 5.21 7.88
N TYR A 40 -3.30 5.59 6.80
CA TYR A 40 -1.85 5.59 6.69
C TYR A 40 -1.44 6.85 5.98
N VAL A 41 -0.14 7.09 5.91
CA VAL A 41 0.36 8.18 5.10
C VAL A 41 1.57 7.65 4.41
N VAL A 42 1.40 7.58 3.13
CA VAL A 42 2.04 6.60 2.34
C VAL A 42 2.51 7.28 1.08
N ARG A 43 3.37 6.64 0.35
CA ARG A 43 3.97 7.28 -0.77
C ARG A 43 4.05 6.32 -1.92
N TRP A 44 3.54 6.75 -3.06
CA TRP A 44 3.61 5.95 -4.26
C TRP A 44 4.92 6.25 -4.94
N LEU A 45 5.94 5.56 -4.46
CA LEU A 45 7.33 5.88 -4.76
C LEU A 45 7.61 5.81 -6.24
N VAL A 46 7.49 4.61 -6.80
CA VAL A 46 7.82 4.37 -8.18
C VAL A 46 6.95 5.22 -9.11
N ASN A 47 5.71 5.47 -8.69
CA ASN A 47 4.89 6.47 -9.36
C ASN A 47 5.55 7.85 -9.29
N GLY A 48 5.66 8.38 -8.06
CA GLY A 48 6.24 9.69 -7.85
C GLY A 48 5.28 10.65 -7.16
N HIS A 49 4.51 10.15 -6.20
CA HIS A 49 3.55 10.99 -5.47
C HIS A 49 3.56 10.65 -3.97
N GLU A 50 2.86 11.46 -3.16
CA GLU A 50 2.81 11.26 -1.71
C GLU A 50 1.39 11.49 -1.24
N THR A 51 0.85 10.52 -0.51
CA THR A 51 -0.58 10.44 -0.26
C THR A 51 -0.93 10.02 1.17
N THR A 52 -2.22 9.94 1.42
CA THR A 52 -2.78 9.45 2.67
C THR A 52 -3.97 8.58 2.28
N VAL A 53 -3.94 7.31 2.67
CA VAL A 53 -4.78 6.32 2.01
C VAL A 53 -5.42 5.33 2.99
N TYR A 54 -6.31 4.51 2.47
CA TYR A 54 -7.02 3.50 3.24
C TYR A 54 -7.09 2.22 2.39
N PRO A 55 -6.20 1.25 2.66
CA PRO A 55 -6.12 -0.02 1.90
C PRO A 55 -7.41 -0.83 1.98
N GLY A 56 -7.55 -1.79 1.08
CA GLY A 56 -8.73 -2.63 1.04
C GLY A 56 -8.64 -3.82 1.97
N SER A 57 -9.01 -4.99 1.46
CA SER A 57 -9.00 -6.21 2.24
C SER A 57 -7.74 -7.02 1.92
N ASP A 58 -7.39 -7.94 2.81
CA ASP A 58 -6.23 -8.82 2.61
C ASP A 58 -4.95 -8.00 2.56
N ALA A 59 -4.81 -7.11 3.53
CA ALA A 59 -3.68 -6.21 3.60
C ALA A 59 -2.41 -6.96 4.03
N VAL A 60 -1.34 -6.76 3.28
CA VAL A 60 -0.08 -7.43 3.54
C VAL A 60 1.08 -6.46 3.35
N VAL A 61 2.27 -6.96 3.55
CA VAL A 61 3.47 -6.14 3.54
C VAL A 61 4.61 -6.84 2.80
N VAL A 62 5.28 -6.06 1.98
CA VAL A 62 6.33 -6.47 1.13
C VAL A 62 7.46 -5.44 1.17
N THR A 63 8.55 -5.75 0.49
CA THR A 63 9.73 -4.90 0.45
C THR A 63 9.90 -4.23 -0.93
N ALA A 64 11.09 -3.68 -1.17
CA ALA A 64 11.39 -2.92 -2.38
C ALA A 64 11.16 -3.71 -3.68
N THR A 65 11.63 -4.93 -3.77
CA THR A 65 11.47 -5.70 -5.01
C THR A 65 10.01 -5.83 -5.39
N GLU A 66 9.26 -6.43 -4.47
CA GLU A 66 7.84 -6.69 -4.64
C GLU A 66 7.12 -5.37 -4.92
N HIS A 67 7.71 -4.30 -4.40
CA HIS A 67 7.23 -2.95 -4.60
C HIS A 67 7.11 -2.53 -6.06
N ALA A 68 8.14 -2.74 -6.87
CA ALA A 68 8.25 -2.04 -8.16
C ALA A 68 7.03 -2.27 -9.06
N GLU A 69 6.94 -3.47 -9.59
CA GLU A 69 5.89 -3.87 -10.53
C GLU A 69 4.47 -3.66 -9.96
N ALA A 70 4.27 -4.27 -8.80
CA ALA A 70 3.00 -4.25 -8.14
C ALA A 70 2.58 -2.81 -7.89
N GLU A 71 3.46 -2.02 -7.31
CA GLU A 71 3.16 -0.63 -6.99
C GLU A 71 2.74 0.16 -8.22
N LYS A 72 3.25 -0.17 -9.39
CA LYS A 72 2.76 0.46 -10.61
C LYS A 72 1.24 0.23 -10.72
N ARG A 73 0.90 -1.02 -11.01
CA ARG A 73 -0.52 -1.36 -11.27
C ARG A 73 -1.41 -0.96 -10.08
N ALA A 74 -0.98 -1.45 -8.94
CA ALA A 74 -1.63 -1.24 -7.68
C ALA A 74 -1.77 0.23 -7.29
N ALA A 75 -0.74 1.05 -7.50
CA ALA A 75 -0.83 2.48 -7.16
C ALA A 75 -1.98 3.11 -7.89
N ALA A 76 -2.17 2.67 -9.12
CA ALA A 76 -3.33 3.13 -9.87
C ALA A 76 -4.62 2.82 -9.11
N ARG A 77 -4.90 1.53 -8.91
CA ARG A 77 -6.13 1.09 -8.24
C ARG A 77 -6.32 1.65 -6.80
N ALA A 78 -5.26 1.59 -5.97
CA ALA A 78 -5.33 1.99 -4.55
C ALA A 78 -5.86 3.41 -4.39
N GLY A 79 -5.52 4.29 -5.32
CA GLY A 79 -6.00 5.63 -5.25
C GLY A 79 -6.16 6.23 -6.63
N HIS A 80 -5.37 7.28 -6.87
CA HIS A 80 -5.42 8.05 -8.12
C HIS A 80 -6.85 8.45 -8.51
N ALA A 81 -7.77 8.44 -7.54
CA ALA A 81 -9.16 8.75 -7.80
C ALA A 81 -9.90 9.16 -6.52
N ALA A 82 -9.14 9.51 -5.49
CA ALA A 82 -9.73 9.96 -4.24
C ALA A 82 -10.12 11.42 -4.34
N THR A 83 -10.95 11.86 -3.41
CA THR A 83 -11.42 13.24 -3.40
C THR A 83 -11.38 13.80 -1.98
N MET A 4 0.39 -9.85 10.69
CA MET A 4 0.24 -8.60 9.91
C MET A 4 0.92 -7.46 10.66
N HIS A 5 1.74 -6.69 9.95
CA HIS A 5 2.39 -5.53 10.55
C HIS A 5 2.37 -4.39 9.54
N ALA A 6 2.39 -3.17 10.03
CA ALA A 6 2.49 -2.01 9.17
C ALA A 6 3.44 -0.99 9.78
N LYS A 7 4.63 -0.91 9.23
CA LYS A 7 5.65 -0.01 9.72
C LYS A 7 6.37 0.65 8.56
N VAL A 8 7.10 1.71 8.86
CA VAL A 8 7.84 2.43 7.84
C VAL A 8 9.03 1.61 7.35
N GLY A 9 9.42 1.83 6.10
CA GLY A 9 10.49 1.06 5.51
C GLY A 9 9.94 -0.17 4.83
N ASP A 10 8.64 -0.16 4.63
CA ASP A 10 7.90 -1.29 4.04
C ASP A 10 6.88 -0.76 3.08
N TYR A 11 6.15 -1.66 2.50
CA TYR A 11 5.19 -1.33 1.46
C TYR A 11 3.93 -2.11 1.73
N LEU A 12 2.93 -1.82 0.96
CA LEU A 12 1.58 -2.28 1.26
C LEU A 12 0.90 -2.74 0.00
N VAL A 13 0.21 -3.89 0.15
CA VAL A 13 -0.61 -4.51 -0.88
C VAL A 13 -1.89 -5.05 -0.23
N VAL A 14 -3.00 -4.95 -0.94
CA VAL A 14 -4.27 -5.48 -0.45
C VAL A 14 -4.85 -6.49 -1.44
N LYS A 15 -5.23 -7.65 -0.93
CA LYS A 15 -5.87 -8.68 -1.74
C LYS A 15 -7.37 -8.42 -1.80
N GLY A 16 -7.82 -7.70 -2.82
CA GLY A 16 -9.21 -7.30 -2.87
C GLY A 16 -9.86 -7.55 -4.22
N THR A 17 -9.38 -6.87 -5.25
CA THR A 17 -10.00 -6.88 -6.56
C THR A 17 -10.11 -8.30 -7.13
N THR A 18 -11.26 -8.61 -7.72
CA THR A 18 -11.52 -9.90 -8.37
C THR A 18 -11.13 -11.09 -7.49
N THR A 19 -9.96 -11.68 -7.74
CA THR A 19 -9.50 -12.83 -6.99
C THR A 19 -7.97 -12.91 -6.97
N GLU A 20 -7.41 -12.98 -5.76
CA GLU A 20 -5.96 -13.11 -5.56
C GLU A 20 -5.18 -11.94 -6.17
N ARG A 21 -5.87 -10.86 -6.46
CA ARG A 21 -5.26 -9.74 -7.14
C ARG A 21 -4.55 -8.84 -6.14
N HIS A 22 -3.29 -8.58 -6.42
CA HIS A 22 -2.48 -7.75 -5.55
C HIS A 22 -2.57 -6.29 -5.97
N ASP A 23 -3.57 -5.59 -5.43
CA ASP A 23 -3.75 -4.18 -5.74
C ASP A 23 -3.50 -3.33 -4.51
N GLN A 24 -3.73 -2.02 -4.61
CA GLN A 24 -3.43 -1.08 -3.52
C GLN A 24 -1.99 -1.23 -3.05
N HIS A 25 -1.07 -0.56 -3.72
CA HIS A 25 0.35 -0.73 -3.42
C HIS A 25 1.08 0.60 -3.33
N ALA A 26 1.89 0.74 -2.28
CA ALA A 26 2.76 1.91 -2.08
C ALA A 26 3.57 1.72 -0.82
N GLU A 27 4.44 2.67 -0.53
CA GLU A 27 5.37 2.55 0.61
C GLU A 27 4.86 3.28 1.83
N ILE A 28 4.88 2.60 2.95
CA ILE A 28 4.48 3.20 4.20
C ILE A 28 5.67 3.90 4.83
N ILE A 29 5.63 5.24 4.82
CA ILE A 29 6.66 6.05 5.46
C ILE A 29 6.11 6.73 6.71
N GLU A 30 4.81 6.98 6.73
CA GLU A 30 4.15 7.51 7.90
C GLU A 30 3.08 6.55 8.36
N VAL A 31 3.31 5.94 9.50
CA VAL A 31 2.41 4.92 10.00
C VAL A 31 1.46 5.53 11.04
N ARG A 32 0.17 5.55 10.74
CA ARG A 32 -0.82 6.14 11.64
C ARG A 32 -0.89 5.34 12.93
N SER A 33 -1.07 4.05 12.79
CA SER A 33 -1.04 3.14 13.94
C SER A 33 0.12 2.16 13.76
N ALA A 34 1.14 2.30 14.60
CA ALA A 34 2.41 1.58 14.45
C ALA A 34 2.24 0.07 14.58
N ASP A 35 1.13 -0.35 15.18
CA ASP A 35 0.82 -1.76 15.34
C ASP A 35 0.60 -2.41 13.97
N GLY A 36 -0.05 -1.66 13.10
CA GLY A 36 -0.42 -2.18 11.79
C GLY A 36 -1.87 -1.95 11.51
N SER A 37 -2.30 -0.71 11.62
CA SER A 37 -3.71 -0.36 11.45
C SER A 37 -3.87 0.87 10.55
N PRO A 38 -4.89 0.89 9.69
CA PRO A 38 -5.19 2.04 8.82
C PRO A 38 -5.73 3.22 9.61
N PRO A 39 -5.76 4.43 9.01
CA PRO A 39 -5.28 4.68 7.65
C PRO A 39 -3.75 4.72 7.55
N TYR A 40 -3.25 4.94 6.35
CA TYR A 40 -1.81 5.03 6.13
C TYR A 40 -1.48 6.27 5.34
N VAL A 41 -0.37 6.90 5.67
CA VAL A 41 0.15 7.97 4.85
C VAL A 41 1.23 7.38 3.99
N VAL A 42 0.89 7.16 2.74
CA VAL A 42 1.66 6.29 1.89
C VAL A 42 2.33 7.09 0.77
N ARG A 43 3.57 6.74 0.49
CA ARG A 43 4.34 7.41 -0.54
C ARG A 43 4.40 6.52 -1.76
N TRP A 44 4.08 7.10 -2.89
CA TRP A 44 4.03 6.35 -4.14
C TRP A 44 5.36 6.54 -4.85
N LEU A 45 6.30 5.66 -4.56
CA LEU A 45 7.69 5.89 -4.92
C LEU A 45 7.89 5.78 -6.42
N VAL A 46 7.59 4.60 -6.94
CA VAL A 46 7.77 4.30 -8.35
C VAL A 46 6.67 4.93 -9.18
N ASN A 47 5.71 5.51 -8.49
CA ASN A 47 4.62 6.21 -9.15
C ASN A 47 4.92 7.70 -9.30
N GLY A 48 5.08 8.40 -8.17
CA GLY A 48 5.35 9.83 -8.23
C GLY A 48 5.21 10.54 -6.90
N HIS A 49 3.97 10.84 -6.51
CA HIS A 49 3.70 11.68 -5.34
C HIS A 49 3.35 10.84 -4.11
N GLU A 50 3.17 11.51 -2.99
CA GLU A 50 2.75 10.85 -1.75
C GLU A 50 1.42 11.42 -1.26
N THR A 51 0.65 10.60 -0.55
CA THR A 51 -0.67 11.02 -0.09
C THR A 51 -1.21 10.04 0.96
N THR A 52 -2.39 10.35 1.46
CA THR A 52 -3.03 9.57 2.49
C THR A 52 -4.06 8.62 1.88
N VAL A 53 -3.84 7.33 2.05
CA VAL A 53 -4.64 6.31 1.38
C VAL A 53 -5.33 5.39 2.39
N TYR A 54 -6.52 4.94 2.03
CA TYR A 54 -7.23 3.92 2.78
C TYR A 54 -7.26 2.63 1.98
N PRO A 55 -6.39 1.67 2.33
CA PRO A 55 -6.27 0.39 1.59
C PRO A 55 -7.41 -0.57 1.89
N GLY A 56 -8.20 -0.24 2.90
CA GLY A 56 -9.28 -1.11 3.31
C GLY A 56 -8.88 -2.01 4.45
N SER A 57 -8.60 -3.27 4.13
CA SER A 57 -8.17 -4.24 5.12
C SER A 57 -7.33 -5.34 4.46
N ASP A 58 -6.71 -6.19 5.28
CA ASP A 58 -5.83 -7.26 4.79
C ASP A 58 -4.63 -6.68 4.06
N ALA A 59 -4.09 -5.60 4.63
CA ALA A 59 -2.91 -4.96 4.08
C ALA A 59 -1.65 -5.73 4.44
N VAL A 60 -1.00 -6.30 3.43
CA VAL A 60 0.20 -7.08 3.62
C VAL A 60 1.42 -6.22 3.31
N VAL A 61 2.54 -6.54 3.93
CA VAL A 61 3.75 -5.76 3.79
C VAL A 61 4.73 -6.41 2.83
N VAL A 62 4.94 -5.74 1.71
CA VAL A 62 5.90 -6.16 0.73
C VAL A 62 7.17 -5.32 0.84
N THR A 63 8.20 -5.75 0.15
CA THR A 63 9.52 -5.10 0.23
C THR A 63 9.90 -4.50 -1.13
N ALA A 64 11.19 -4.17 -1.30
CA ALA A 64 11.70 -3.43 -2.46
C ALA A 64 11.31 -4.04 -3.81
N THR A 65 11.46 -5.34 -3.97
CA THR A 65 11.21 -5.97 -5.27
C THR A 65 9.73 -6.06 -5.56
N GLU A 66 9.01 -6.55 -4.57
CA GLU A 66 7.56 -6.65 -4.60
C GLU A 66 6.95 -5.26 -4.79
N HIS A 67 7.76 -4.25 -4.54
CA HIS A 67 7.32 -2.87 -4.62
C HIS A 67 7.20 -2.38 -6.07
N ALA A 68 8.21 -2.58 -6.89
CA ALA A 68 8.32 -1.84 -8.15
C ALA A 68 7.09 -2.01 -9.05
N GLU A 69 6.98 -3.19 -9.61
CA GLU A 69 5.97 -3.48 -10.61
C GLU A 69 4.55 -3.41 -10.04
N ALA A 70 4.37 -4.04 -8.90
CA ALA A 70 3.07 -4.08 -8.26
C ALA A 70 2.64 -2.70 -7.77
N GLU A 71 3.58 -1.83 -7.48
CA GLU A 71 3.22 -0.52 -6.96
C GLU A 71 2.67 0.34 -8.06
N LYS A 72 3.30 0.35 -9.23
CA LYS A 72 2.78 1.16 -10.31
C LYS A 72 1.35 0.72 -10.68
N ARG A 73 1.15 -0.59 -10.84
CA ARG A 73 -0.18 -1.09 -11.20
C ARG A 73 -1.19 -0.91 -10.06
N ALA A 74 -0.82 -1.38 -8.88
CA ALA A 74 -1.74 -1.46 -7.76
C ALA A 74 -1.96 -0.12 -7.10
N ALA A 75 -1.08 0.84 -7.32
CA ALA A 75 -1.32 2.19 -6.82
C ALA A 75 -2.27 2.91 -7.75
N ALA A 76 -2.14 2.67 -9.05
CA ALA A 76 -3.10 3.17 -10.02
C ALA A 76 -4.51 2.70 -9.62
N ARG A 77 -4.58 1.51 -9.04
CA ARG A 77 -5.85 0.99 -8.53
C ARG A 77 -6.18 1.55 -7.13
N ALA A 78 -5.13 1.72 -6.31
CA ALA A 78 -5.28 2.11 -4.90
C ALA A 78 -6.00 3.44 -4.73
N GLY A 79 -5.57 4.44 -5.48
CA GLY A 79 -6.16 5.75 -5.32
C GLY A 79 -7.47 5.85 -6.06
N HIS A 80 -7.48 6.59 -7.16
CA HIS A 80 -8.69 6.79 -7.97
C HIS A 80 -9.77 7.53 -7.18
N ALA A 81 -10.41 6.81 -6.26
CA ALA A 81 -11.46 7.36 -5.43
C ALA A 81 -11.49 6.63 -4.10
N ALA A 82 -10.31 6.52 -3.48
CA ALA A 82 -10.18 5.80 -2.21
C ALA A 82 -10.80 6.58 -1.07
N THR A 83 -12.09 6.36 -0.85
CA THR A 83 -12.84 7.01 0.20
C THR A 83 -14.23 6.38 0.29
N MET A 4 -1.58 -6.18 11.58
CA MET A 4 -0.24 -6.77 11.39
C MET A 4 0.83 -5.77 11.79
N HIS A 5 2.06 -6.23 11.90
CA HIS A 5 3.16 -5.36 12.29
C HIS A 5 3.93 -4.91 11.06
N ALA A 6 3.88 -3.62 10.79
CA ALA A 6 4.56 -3.05 9.64
C ALA A 6 5.41 -1.87 10.07
N LYS A 7 6.47 -1.59 9.32
CA LYS A 7 7.37 -0.49 9.63
C LYS A 7 7.45 0.48 8.47
N VAL A 8 8.14 1.59 8.70
CA VAL A 8 8.38 2.55 7.65
C VAL A 8 9.43 2.02 6.67
N GLY A 9 9.16 2.20 5.39
CA GLY A 9 10.03 1.66 4.38
C GLY A 9 9.52 0.31 3.92
N ASP A 10 8.32 -0.04 4.38
CA ASP A 10 7.67 -1.27 3.97
C ASP A 10 6.53 -0.94 3.04
N TYR A 11 6.06 -1.90 2.28
CA TYR A 11 5.01 -1.66 1.29
C TYR A 11 3.66 -2.16 1.77
N LEU A 12 2.63 -1.45 1.36
CA LEU A 12 1.27 -1.81 1.63
C LEU A 12 0.66 -2.50 0.41
N VAL A 13 0.00 -3.62 0.68
CA VAL A 13 -0.75 -4.38 -0.31
C VAL A 13 -2.16 -4.64 0.21
N VAL A 14 -3.13 -4.69 -0.69
CA VAL A 14 -4.48 -5.09 -0.32
C VAL A 14 -4.74 -6.51 -0.82
N LYS A 15 -4.65 -7.46 0.10
CA LYS A 15 -4.94 -8.85 -0.22
C LYS A 15 -6.42 -8.98 -0.53
N GLY A 16 -7.23 -8.23 0.20
CA GLY A 16 -8.66 -8.19 -0.06
C GLY A 16 -9.39 -9.40 0.47
N THR A 17 -10.66 -9.22 0.76
CA THR A 17 -11.47 -10.28 1.28
C THR A 17 -12.24 -10.98 0.16
N THR A 18 -12.61 -10.22 -0.87
CA THR A 18 -13.39 -10.78 -1.97
C THR A 18 -12.85 -10.34 -3.34
N THR A 19 -11.74 -9.61 -3.34
CA THR A 19 -11.23 -9.03 -4.56
C THR A 19 -10.43 -10.03 -5.40
N GLU A 20 -9.83 -11.03 -4.71
CA GLU A 20 -8.96 -12.06 -5.30
C GLU A 20 -7.66 -11.46 -5.89
N ARG A 21 -7.79 -10.34 -6.60
CA ARG A 21 -6.63 -9.58 -7.03
C ARG A 21 -6.01 -8.89 -5.83
N HIS A 22 -4.89 -9.42 -5.37
CA HIS A 22 -4.17 -8.81 -4.25
C HIS A 22 -3.41 -7.61 -4.78
N ASP A 23 -4.11 -6.49 -4.81
CA ASP A 23 -3.68 -5.33 -5.56
C ASP A 23 -3.55 -4.13 -4.64
N GLN A 24 -3.51 -2.93 -5.21
CA GLN A 24 -3.34 -1.68 -4.46
C GLN A 24 -2.03 -1.69 -3.67
N HIS A 25 -0.97 -1.13 -4.26
CA HIS A 25 0.37 -1.19 -3.67
C HIS A 25 1.04 0.18 -3.66
N ALA A 26 1.84 0.42 -2.61
CA ALA A 26 2.71 1.61 -2.50
C ALA A 26 3.46 1.50 -1.20
N GLU A 27 4.35 2.42 -0.93
CA GLU A 27 5.21 2.31 0.26
C GLU A 27 4.66 3.15 1.41
N ILE A 28 4.84 2.65 2.61
CA ILE A 28 4.40 3.35 3.80
C ILE A 28 5.60 3.99 4.48
N ILE A 29 5.64 5.32 4.49
CA ILE A 29 6.76 6.04 5.09
C ILE A 29 6.37 6.66 6.43
N GLU A 30 5.07 6.73 6.68
CA GLU A 30 4.58 7.18 7.97
C GLU A 30 3.52 6.23 8.48
N VAL A 31 3.92 5.41 9.44
CA VAL A 31 3.06 4.37 9.99
C VAL A 31 2.77 4.68 11.45
N ARG A 32 1.60 5.24 11.72
CA ARG A 32 1.22 5.56 13.08
C ARG A 32 0.20 4.55 13.58
N SER A 33 0.58 3.29 13.48
CA SER A 33 -0.27 2.20 13.97
C SER A 33 0.62 1.01 14.35
N ALA A 34 0.50 0.57 15.59
CA ALA A 34 1.28 -0.55 16.08
C ALA A 34 0.55 -1.86 15.83
N ASP A 35 -0.76 -1.80 15.76
CA ASP A 35 -1.57 -2.99 15.54
C ASP A 35 -1.78 -3.23 14.04
N GLY A 36 -1.70 -2.16 13.26
CA GLY A 36 -1.84 -2.27 11.83
C GLY A 36 -3.23 -1.91 11.34
N SER A 37 -3.54 -0.62 11.37
CA SER A 37 -4.83 -0.13 10.91
C SER A 37 -4.68 1.24 10.26
N PRO A 38 -5.56 1.55 9.29
CA PRO A 38 -5.59 2.85 8.60
C PRO A 38 -5.99 3.99 9.53
N PRO A 39 -5.81 5.25 9.11
CA PRO A 39 -5.26 5.60 7.79
C PRO A 39 -3.75 5.45 7.74
N TYR A 40 -3.22 5.22 6.55
CA TYR A 40 -1.78 5.09 6.37
C TYR A 40 -1.24 6.29 5.62
N VAL A 41 -0.03 6.70 5.92
CA VAL A 41 0.60 7.75 5.14
C VAL A 41 1.54 7.09 4.15
N VAL A 42 1.08 7.06 2.91
CA VAL A 42 1.70 6.23 1.90
C VAL A 42 2.31 7.05 0.77
N ARG A 43 3.59 6.86 0.59
CA ARG A 43 4.35 7.49 -0.46
C ARG A 43 4.58 6.48 -1.58
N TRP A 44 4.35 6.91 -2.80
CA TRP A 44 4.41 6.04 -3.96
C TRP A 44 5.78 6.22 -4.61
N LEU A 45 6.59 5.19 -4.57
CA LEU A 45 8.00 5.32 -4.91
C LEU A 45 8.21 5.43 -6.40
N VAL A 46 7.60 4.54 -7.16
CA VAL A 46 7.79 4.50 -8.58
C VAL A 46 6.71 5.29 -9.30
N ASN A 47 5.63 5.60 -8.60
CA ASN A 47 4.58 6.44 -9.15
C ASN A 47 4.92 7.92 -8.99
N GLY A 48 5.55 8.25 -7.86
CA GLY A 48 5.95 9.62 -7.62
C GLY A 48 4.87 10.46 -6.97
N HIS A 49 4.08 9.84 -6.11
CA HIS A 49 3.02 10.54 -5.40
C HIS A 49 3.19 10.40 -3.91
N GLU A 50 2.46 11.20 -3.16
CA GLU A 50 2.49 11.12 -1.70
C GLU A 50 1.06 11.34 -1.17
N THR A 51 0.53 10.32 -0.54
CA THR A 51 -0.90 10.29 -0.22
C THR A 51 -1.16 9.81 1.20
N THR A 52 -2.41 9.94 1.62
CA THR A 52 -2.91 9.27 2.81
C THR A 52 -4.03 8.33 2.39
N VAL A 53 -3.72 7.05 2.27
CA VAL A 53 -4.64 6.11 1.63
C VAL A 53 -5.45 5.29 2.63
N TYR A 54 -6.59 4.82 2.14
CA TYR A 54 -7.38 3.82 2.82
C TYR A 54 -7.48 2.59 1.93
N PRO A 55 -6.67 1.56 2.20
CA PRO A 55 -6.58 0.37 1.36
C PRO A 55 -7.87 -0.43 1.30
N GLY A 56 -8.43 -0.73 2.46
CA GLY A 56 -9.61 -1.56 2.54
C GLY A 56 -9.50 -2.59 3.64
N SER A 57 -9.49 -3.85 3.26
CA SER A 57 -9.36 -4.93 4.23
C SER A 57 -8.28 -5.90 3.79
N ASP A 58 -7.69 -6.60 4.77
CA ASP A 58 -6.64 -7.57 4.51
C ASP A 58 -5.41 -6.90 3.89
N ALA A 59 -4.86 -5.93 4.60
CA ALA A 59 -3.69 -5.23 4.12
C ALA A 59 -2.41 -5.96 4.53
N VAL A 60 -1.64 -6.38 3.53
CA VAL A 60 -0.41 -7.13 3.75
C VAL A 60 0.79 -6.19 3.60
N VAL A 61 1.92 -6.57 4.15
CA VAL A 61 3.11 -5.75 4.10
C VAL A 61 4.28 -6.47 3.41
N VAL A 62 4.74 -5.91 2.31
CA VAL A 62 5.81 -6.47 1.51
C VAL A 62 7.03 -5.55 1.50
N THR A 63 8.05 -5.99 0.80
CA THR A 63 9.25 -5.18 0.58
C THR A 63 9.05 -4.18 -0.55
N ALA A 64 9.97 -3.22 -0.62
CA ALA A 64 9.83 -2.06 -1.49
C ALA A 64 9.91 -2.41 -2.96
N THR A 65 11.07 -2.85 -3.40
CA THR A 65 11.34 -2.95 -4.81
C THR A 65 10.76 -4.22 -5.40
N GLU A 66 10.58 -5.23 -4.56
CA GLU A 66 9.94 -6.46 -4.99
C GLU A 66 8.60 -6.16 -5.62
N HIS A 67 7.74 -5.53 -4.84
CA HIS A 67 6.39 -5.18 -5.27
C HIS A 67 6.33 -3.89 -6.09
N ALA A 68 7.38 -3.06 -6.05
CA ALA A 68 7.39 -1.71 -6.66
C ALA A 68 6.80 -1.67 -8.08
N GLU A 69 7.09 -2.67 -8.90
CA GLU A 69 6.53 -2.72 -10.25
C GLU A 69 5.00 -2.82 -10.17
N ALA A 70 4.60 -3.70 -9.27
CA ALA A 70 3.21 -3.84 -8.92
C ALA A 70 2.69 -2.59 -8.23
N GLU A 71 3.57 -1.71 -7.75
CA GLU A 71 3.13 -0.41 -7.26
C GLU A 71 2.67 0.44 -8.42
N LYS A 72 3.38 0.38 -9.55
CA LYS A 72 2.93 1.07 -10.76
C LYS A 72 1.49 0.69 -11.03
N ARG A 73 1.29 -0.61 -11.25
CA ARG A 73 -0.03 -1.16 -11.55
C ARG A 73 -1.06 -0.84 -10.43
N ALA A 74 -0.76 -1.36 -9.27
CA ALA A 74 -1.71 -1.43 -8.18
C ALA A 74 -1.90 -0.11 -7.45
N ALA A 75 -0.99 0.84 -7.62
CA ALA A 75 -1.20 2.17 -7.05
C ALA A 75 -2.10 2.97 -7.98
N ALA A 76 -1.94 2.75 -9.28
CA ALA A 76 -2.89 3.29 -10.23
C ALA A 76 -4.31 2.88 -9.86
N ARG A 77 -4.44 1.65 -9.35
CA ARG A 77 -5.71 1.16 -8.83
C ARG A 77 -6.04 1.77 -7.45
N ALA A 78 -5.12 1.62 -6.50
CA ALA A 78 -5.30 2.07 -5.10
C ALA A 78 -5.80 3.51 -5.03
N GLY A 79 -5.04 4.41 -5.63
CA GLY A 79 -5.39 5.81 -5.57
C GLY A 79 -6.13 6.27 -6.80
N HIS A 80 -7.11 5.47 -7.21
CA HIS A 80 -7.99 5.85 -8.32
C HIS A 80 -9.08 6.78 -7.80
N ALA A 81 -9.31 6.70 -6.50
CA ALA A 81 -10.30 7.53 -5.82
C ALA A 81 -10.10 7.43 -4.32
N ALA A 82 -10.68 8.36 -3.59
CA ALA A 82 -10.62 8.35 -2.13
C ALA A 82 -12.00 8.59 -1.55
N THR A 83 -12.65 9.66 -2.01
CA THR A 83 -13.98 10.02 -1.54
C THR A 83 -14.66 10.87 -2.61
N MET A 4 -1.67 -7.76 12.56
CA MET A 4 -0.41 -8.10 11.87
C MET A 4 0.72 -7.21 12.39
N HIS A 5 1.82 -7.13 11.64
CA HIS A 5 2.96 -6.29 12.01
C HIS A 5 3.51 -5.59 10.78
N ALA A 6 3.43 -4.27 10.78
CA ALA A 6 3.89 -3.47 9.66
C ALA A 6 4.61 -2.22 10.17
N LYS A 7 5.70 -1.85 9.50
CA LYS A 7 6.50 -0.71 9.93
C LYS A 7 6.96 0.12 8.74
N VAL A 8 7.40 1.34 9.04
CA VAL A 8 7.88 2.27 8.02
C VAL A 8 9.16 1.73 7.36
N GLY A 9 9.31 2.03 6.07
CA GLY A 9 10.41 1.47 5.31
C GLY A 9 9.98 0.20 4.62
N ASP A 10 8.68 0.05 4.53
CA ASP A 10 8.03 -1.17 4.01
C ASP A 10 6.87 -0.76 3.15
N TYR A 11 6.20 -1.72 2.63
CA TYR A 11 5.22 -1.49 1.60
C TYR A 11 3.98 -2.31 1.87
N LEU A 12 2.91 -1.97 1.19
CA LEU A 12 1.58 -2.45 1.53
C LEU A 12 0.83 -2.82 0.27
N VAL A 13 0.05 -3.89 0.36
CA VAL A 13 -0.77 -4.35 -0.74
C VAL A 13 -2.12 -4.79 -0.19
N VAL A 14 -2.99 -5.25 -1.07
CA VAL A 14 -4.29 -5.77 -0.71
C VAL A 14 -4.58 -7.02 -1.52
N LYS A 15 -4.97 -8.06 -0.80
CA LYS A 15 -5.16 -9.40 -1.36
C LYS A 15 -6.46 -9.51 -2.14
N GLY A 16 -6.94 -10.74 -2.28
CA GLY A 16 -8.13 -11.03 -3.04
C GLY A 16 -7.99 -12.33 -3.78
N THR A 17 -7.46 -12.24 -5.01
CA THR A 17 -7.15 -13.41 -5.84
C THR A 17 -8.43 -14.05 -6.42
N THR A 18 -9.48 -14.09 -5.63
CA THR A 18 -10.76 -14.65 -6.06
C THR A 18 -11.52 -13.65 -6.95
N THR A 19 -10.91 -12.50 -7.17
CA THR A 19 -11.44 -11.49 -8.07
C THR A 19 -10.28 -10.68 -8.65
N GLU A 20 -9.74 -9.77 -7.84
CA GLU A 20 -8.53 -9.06 -8.18
C GLU A 20 -7.38 -9.63 -7.37
N ARG A 21 -6.26 -9.89 -8.04
CA ARG A 21 -5.19 -10.72 -7.48
C ARG A 21 -4.46 -10.04 -6.32
N HIS A 22 -3.59 -9.11 -6.65
CA HIS A 22 -2.82 -8.38 -5.65
C HIS A 22 -2.66 -6.94 -6.09
N ASP A 23 -3.48 -6.07 -5.53
CA ASP A 23 -3.50 -4.68 -5.95
C ASP A 23 -3.46 -3.76 -4.75
N GLN A 24 -3.42 -2.45 -5.03
CA GLN A 24 -3.19 -1.42 -4.02
C GLN A 24 -1.79 -1.59 -3.41
N HIS A 25 -0.80 -0.81 -3.89
CA HIS A 25 0.58 -0.96 -3.45
C HIS A 25 1.26 0.40 -3.25
N ALA A 26 1.72 0.60 -2.02
CA ALA A 26 2.36 1.84 -1.56
C ALA A 26 3.53 1.51 -0.66
N GLU A 27 4.17 2.54 -0.15
CA GLU A 27 5.24 2.37 0.84
C GLU A 27 5.06 3.39 1.93
N ILE A 28 4.96 2.84 3.13
CA ILE A 28 4.67 3.62 4.30
C ILE A 28 5.93 4.26 4.84
N ILE A 29 5.92 5.59 4.79
CA ILE A 29 6.93 6.41 5.44
C ILE A 29 6.30 7.08 6.65
N GLU A 30 4.98 6.93 6.75
CA GLU A 30 4.21 7.41 7.88
C GLU A 30 3.17 6.36 8.23
N VAL A 31 3.24 5.90 9.48
CA VAL A 31 2.54 4.70 9.89
C VAL A 31 1.91 4.90 11.26
N ARG A 32 0.58 4.78 11.32
CA ARG A 32 -0.18 5.06 12.54
C ARG A 32 0.11 4.05 13.65
N SER A 33 0.29 2.79 13.27
CA SER A 33 0.49 1.73 14.23
C SER A 33 1.42 0.65 13.68
N ALA A 34 2.16 0.01 14.57
CA ALA A 34 3.10 -1.03 14.17
C ALA A 34 2.38 -2.33 13.89
N ASP A 35 1.12 -2.42 14.33
CA ASP A 35 0.30 -3.58 14.04
C ASP A 35 -0.25 -3.49 12.62
N GLY A 36 -1.20 -2.60 12.42
CA GLY A 36 -1.82 -2.46 11.12
C GLY A 36 -3.20 -1.87 11.24
N SER A 37 -3.28 -0.55 11.22
CA SER A 37 -4.54 0.14 11.34
C SER A 37 -4.53 1.39 10.46
N PRO A 38 -5.52 1.51 9.56
CA PRO A 38 -5.68 2.69 8.72
C PRO A 38 -6.26 3.87 9.52
N PRO A 39 -6.10 5.11 9.01
CA PRO A 39 -5.47 5.39 7.72
C PRO A 39 -3.95 5.27 7.75
N TYR A 40 -3.35 5.62 6.63
CA TYR A 40 -1.89 5.62 6.47
C TYR A 40 -1.50 6.86 5.70
N VAL A 41 -0.20 7.12 5.64
CA VAL A 41 0.31 8.21 4.84
C VAL A 41 1.54 7.72 4.16
N VAL A 42 1.43 7.69 2.87
CA VAL A 42 2.17 6.77 2.09
C VAL A 42 2.67 7.47 0.84
N ARG A 43 3.47 6.78 0.06
CA ARG A 43 3.92 7.34 -1.19
C ARG A 43 3.88 6.27 -2.26
N TRP A 44 3.35 6.64 -3.41
CA TRP A 44 3.50 5.82 -4.58
C TRP A 44 4.88 6.11 -5.13
N LEU A 45 5.88 5.43 -4.60
CA LEU A 45 7.27 5.81 -4.84
C LEU A 45 7.62 5.75 -6.32
N VAL A 46 7.55 4.55 -6.87
CA VAL A 46 7.92 4.31 -8.24
C VAL A 46 7.05 5.13 -9.20
N ASN A 47 5.79 5.29 -8.82
CA ASN A 47 4.89 6.20 -9.53
C ASN A 47 5.43 7.63 -9.47
N GLY A 48 5.55 8.16 -8.26
CA GLY A 48 6.06 9.51 -8.08
C GLY A 48 5.06 10.44 -7.40
N HIS A 49 4.35 9.92 -6.40
CA HIS A 49 3.37 10.73 -5.64
C HIS A 49 3.44 10.42 -4.15
N GLU A 50 2.81 11.27 -3.34
CA GLU A 50 2.68 11.01 -1.89
C GLU A 50 1.29 11.37 -1.41
N THR A 51 0.67 10.44 -0.71
CA THR A 51 -0.75 10.45 -0.46
C THR A 51 -1.10 10.01 0.96
N THR A 52 -2.40 10.01 1.22
CA THR A 52 -2.97 9.54 2.47
C THR A 52 -4.21 8.72 2.12
N VAL A 53 -4.19 7.43 2.44
CA VAL A 53 -5.14 6.49 1.84
C VAL A 53 -5.67 5.51 2.87
N TYR A 54 -6.60 4.66 2.43
CA TYR A 54 -7.24 3.67 3.28
C TYR A 54 -7.37 2.36 2.50
N PRO A 55 -6.56 1.35 2.85
CA PRO A 55 -6.61 0.03 2.18
C PRO A 55 -7.96 -0.65 2.36
N GLY A 56 -8.43 -1.32 1.31
CA GLY A 56 -9.75 -1.92 1.34
C GLY A 56 -9.71 -3.36 1.82
N SER A 57 -9.36 -3.54 3.09
CA SER A 57 -9.30 -4.87 3.71
C SER A 57 -8.17 -5.71 3.09
N ASP A 58 -7.92 -6.89 3.68
CA ASP A 58 -6.96 -7.85 3.15
C ASP A 58 -5.57 -7.22 3.00
N ALA A 59 -5.22 -6.39 3.96
CA ALA A 59 -3.96 -5.66 3.93
C ALA A 59 -2.77 -6.59 4.12
N VAL A 60 -1.72 -6.34 3.36
CA VAL A 60 -0.49 -7.11 3.46
C VAL A 60 0.71 -6.18 3.37
N VAL A 61 1.86 -6.78 3.45
CA VAL A 61 3.12 -6.04 3.55
C VAL A 61 4.20 -6.66 2.67
N VAL A 62 4.94 -5.81 1.97
CA VAL A 62 5.91 -6.23 1.00
C VAL A 62 7.18 -5.39 1.09
N THR A 63 8.14 -5.71 0.23
CA THR A 63 9.44 -5.05 0.21
C THR A 63 9.74 -4.37 -1.14
N ALA A 64 10.98 -3.89 -1.27
CA ALA A 64 11.42 -3.07 -2.41
C ALA A 64 11.22 -3.74 -3.78
N THR A 65 11.65 -4.98 -3.94
CA THR A 65 11.52 -5.65 -5.24
C THR A 65 10.08 -5.68 -5.72
N GLU A 66 9.25 -6.24 -4.86
CA GLU A 66 7.81 -6.36 -5.11
C GLU A 66 7.21 -4.98 -5.37
N HIS A 67 7.83 -3.98 -4.76
CA HIS A 67 7.41 -2.60 -4.87
C HIS A 67 7.38 -2.09 -6.30
N ALA A 68 8.38 -2.36 -7.10
CA ALA A 68 8.52 -1.69 -8.39
C ALA A 68 7.29 -1.89 -9.26
N GLU A 69 7.17 -3.10 -9.78
CA GLU A 69 6.12 -3.50 -10.68
C GLU A 69 4.71 -3.29 -10.06
N ALA A 70 4.52 -4.00 -8.96
CA ALA A 70 3.25 -4.01 -8.26
C ALA A 70 2.81 -2.62 -7.86
N GLU A 71 3.69 -1.85 -7.22
CA GLU A 71 3.32 -0.53 -6.76
C GLU A 71 2.83 0.35 -7.89
N LYS A 72 3.43 0.24 -9.06
CA LYS A 72 2.93 1.01 -10.21
C LYS A 72 1.45 0.69 -10.46
N ARG A 73 1.19 -0.54 -10.91
CA ARG A 73 -0.19 -0.93 -11.24
C ARG A 73 -1.14 -0.74 -10.04
N ALA A 74 -0.80 -1.42 -8.98
CA ALA A 74 -1.56 -1.40 -7.74
C ALA A 74 -1.76 -0.01 -7.16
N ALA A 75 -0.87 0.95 -7.45
CA ALA A 75 -1.07 2.32 -6.98
C ALA A 75 -2.23 2.95 -7.73
N ALA A 76 -2.29 2.69 -9.03
CA ALA A 76 -3.44 3.11 -9.82
C ALA A 76 -4.73 2.55 -9.22
N ARG A 77 -4.63 1.37 -8.60
CA ARG A 77 -5.76 0.76 -7.90
C ARG A 77 -6.07 1.43 -6.56
N ALA A 78 -5.07 1.47 -5.67
CA ALA A 78 -5.25 1.88 -4.27
C ALA A 78 -5.97 3.20 -4.11
N GLY A 79 -5.61 4.19 -4.90
CA GLY A 79 -6.18 5.52 -4.72
C GLY A 79 -7.47 5.72 -5.48
N HIS A 80 -8.16 4.61 -5.75
CA HIS A 80 -9.44 4.64 -6.47
C HIS A 80 -10.52 5.34 -5.64
N ALA A 81 -10.39 5.27 -4.32
CA ALA A 81 -11.41 5.81 -3.43
C ALA A 81 -10.84 6.90 -2.54
N ALA A 82 -9.79 7.56 -3.02
CA ALA A 82 -9.19 8.65 -2.27
C ALA A 82 -9.96 9.95 -2.48
N THR A 83 -11.12 10.04 -1.83
CA THR A 83 -11.97 11.21 -1.93
C THR A 83 -11.98 11.98 -0.61
N MET A 4 -2.81 -7.18 12.45
CA MET A 4 -2.02 -6.69 11.31
C MET A 4 -0.79 -5.93 11.81
N HIS A 5 0.18 -5.71 10.92
CA HIS A 5 1.38 -4.96 11.26
C HIS A 5 1.75 -4.04 10.11
N ALA A 6 2.19 -2.84 10.43
CA ALA A 6 2.58 -1.87 9.43
C ALA A 6 3.85 -1.15 9.87
N LYS A 7 4.75 -0.93 8.93
CA LYS A 7 6.06 -0.38 9.23
C LYS A 7 6.48 0.64 8.17
N VAL A 8 7.11 1.71 8.61
CA VAL A 8 7.74 2.64 7.69
C VAL A 8 9.01 1.97 7.06
N GLY A 9 9.24 2.17 5.76
CA GLY A 9 10.31 1.45 5.05
C GLY A 9 9.79 0.11 4.55
N ASP A 10 8.50 0.04 4.61
CA ASP A 10 7.68 -1.17 4.44
C ASP A 10 6.49 -0.80 3.61
N TYR A 11 6.06 -1.71 2.77
CA TYR A 11 5.43 -1.47 1.50
C TYR A 11 4.27 -2.43 1.47
N LEU A 12 3.13 -2.06 0.93
CA LEU A 12 1.87 -2.70 1.31
C LEU A 12 1.03 -2.97 0.07
N VAL A 13 0.40 -4.15 0.11
CA VAL A 13 -0.29 -4.78 -1.02
C VAL A 13 -1.59 -5.40 -0.52
N VAL A 14 -2.64 -5.28 -1.32
CA VAL A 14 -3.95 -5.77 -0.95
C VAL A 14 -4.60 -6.46 -2.15
N LYS A 15 -5.31 -7.56 -1.90
CA LYS A 15 -5.93 -8.32 -2.98
C LYS A 15 -7.45 -8.14 -2.95
N GLY A 16 -7.92 -7.31 -2.03
CA GLY A 16 -9.34 -7.14 -1.83
C GLY A 16 -9.98 -6.14 -2.78
N THR A 17 -9.63 -6.25 -4.06
CA THR A 17 -10.21 -5.40 -5.08
C THR A 17 -11.07 -6.23 -6.03
N THR A 18 -10.44 -6.86 -6.99
CA THR A 18 -11.12 -7.74 -7.93
C THR A 18 -10.50 -9.14 -7.91
N THR A 19 -9.36 -9.29 -8.59
CA THR A 19 -8.66 -10.57 -8.59
C THR A 19 -7.15 -10.34 -8.69
N GLU A 20 -6.76 -9.07 -8.62
CA GLU A 20 -5.37 -8.69 -8.63
C GLU A 20 -4.70 -9.15 -7.34
N ARG A 21 -3.91 -10.21 -7.44
CA ARG A 21 -3.28 -10.82 -6.28
C ARG A 21 -2.22 -9.91 -5.67
N HIS A 22 -1.85 -8.87 -6.40
CA HIS A 22 -0.90 -7.88 -5.92
C HIS A 22 -1.42 -6.49 -6.26
N ASP A 23 -2.53 -6.10 -5.64
CA ASP A 23 -3.14 -4.81 -5.96
C ASP A 23 -2.89 -3.84 -4.82
N GLN A 24 -3.37 -2.61 -4.97
CA GLN A 24 -3.23 -1.54 -3.96
C GLN A 24 -1.85 -1.54 -3.30
N HIS A 25 -0.88 -0.78 -3.83
CA HIS A 25 0.45 -0.83 -3.25
C HIS A 25 1.11 0.55 -3.14
N ALA A 26 1.77 0.70 -2.00
CA ALA A 26 2.40 1.92 -1.52
C ALA A 26 3.73 1.62 -0.84
N GLU A 27 4.36 2.67 -0.34
CA GLU A 27 5.47 2.52 0.58
C GLU A 27 5.29 3.51 1.68
N ILE A 28 5.25 2.92 2.85
CA ILE A 28 4.89 3.59 4.04
C ILE A 28 6.08 4.35 4.61
N ILE A 29 6.03 5.67 4.51
CA ILE A 29 7.04 6.52 5.12
C ILE A 29 6.47 7.12 6.40
N GLU A 30 5.16 7.02 6.53
CA GLU A 30 4.46 7.44 7.72
C GLU A 30 3.38 6.43 8.06
N VAL A 31 3.08 6.30 9.33
CA VAL A 31 2.22 5.24 9.82
C VAL A 31 1.28 5.84 10.86
N ARG A 32 0.06 6.13 10.43
CA ARG A 32 -0.83 7.02 11.16
C ARG A 32 -1.68 6.27 12.19
N SER A 33 -1.98 5.02 11.94
CA SER A 33 -2.86 4.26 12.83
C SER A 33 -2.18 3.99 14.18
N ALA A 34 -1.44 2.89 14.25
CA ALA A 34 -0.73 2.49 15.46
C ALA A 34 0.08 1.23 15.21
N ASP A 35 -0.63 0.16 14.90
CA ASP A 35 0.00 -1.12 14.61
C ASP A 35 -0.90 -1.90 13.66
N GLY A 36 -0.70 -1.67 12.37
CA GLY A 36 -1.59 -2.24 11.38
C GLY A 36 -2.86 -1.43 11.26
N SER A 37 -3.71 -1.77 10.28
CA SER A 37 -4.99 -1.09 10.06
C SER A 37 -4.79 0.35 9.56
N PRO A 38 -5.80 0.91 8.88
CA PRO A 38 -5.74 2.29 8.38
C PRO A 38 -5.88 3.32 9.51
N PRO A 39 -5.53 4.59 9.24
CA PRO A 39 -5.00 5.02 7.96
C PRO A 39 -3.47 5.03 7.93
N TYR A 40 -2.93 5.46 6.80
CA TYR A 40 -1.49 5.58 6.63
C TYR A 40 -1.19 6.87 5.88
N VAL A 41 0.08 7.17 5.75
CA VAL A 41 0.52 8.30 4.96
C VAL A 41 1.72 7.84 4.20
N VAL A 42 1.53 7.80 2.92
CA VAL A 42 2.26 6.91 2.08
C VAL A 42 2.65 7.63 0.81
N ARG A 43 3.43 6.96 -0.01
CA ARG A 43 3.78 7.50 -1.30
C ARG A 43 3.71 6.40 -2.33
N TRP A 44 3.11 6.71 -3.46
CA TRP A 44 3.24 5.84 -4.61
C TRP A 44 4.58 6.19 -5.22
N LEU A 45 5.64 5.62 -4.65
CA LEU A 45 7.00 6.15 -4.87
C LEU A 45 7.38 6.11 -6.34
N VAL A 46 7.54 4.91 -6.86
CA VAL A 46 7.98 4.72 -8.21
C VAL A 46 7.03 5.37 -9.20
N ASN A 47 5.75 5.41 -8.84
CA ASN A 47 4.79 6.20 -9.59
C ASN A 47 5.17 7.67 -9.57
N GLY A 48 5.17 8.26 -8.38
CA GLY A 48 5.57 9.65 -8.21
C GLY A 48 4.51 10.51 -7.52
N HIS A 49 3.89 9.99 -6.46
CA HIS A 49 2.88 10.75 -5.71
C HIS A 49 3.04 10.54 -4.20
N GLU A 50 2.42 11.42 -3.40
CA GLU A 50 2.47 11.31 -1.93
C GLU A 50 1.09 11.61 -1.33
N THR A 51 0.57 10.65 -0.58
CA THR A 51 -0.82 10.63 -0.19
C THR A 51 -1.04 10.18 1.27
N THR A 52 -2.32 10.14 1.63
CA THR A 52 -2.79 9.61 2.91
C THR A 52 -4.04 8.80 2.63
N VAL A 53 -3.93 7.47 2.78
CA VAL A 53 -4.88 6.54 2.15
C VAL A 53 -5.29 5.40 3.06
N TYR A 54 -6.14 4.53 2.53
CA TYR A 54 -6.67 3.38 3.26
C TYR A 54 -6.71 2.17 2.33
N PRO A 55 -6.09 1.05 2.72
CA PRO A 55 -6.04 -0.17 1.91
C PRO A 55 -7.38 -0.92 1.87
N GLY A 56 -7.67 -1.68 2.93
CA GLY A 56 -8.89 -2.46 2.97
C GLY A 56 -8.66 -3.83 3.58
N SER A 57 -9.50 -4.79 3.22
CA SER A 57 -9.36 -6.15 3.72
C SER A 57 -8.41 -6.95 2.83
N ASP A 58 -7.87 -8.04 3.38
CA ASP A 58 -6.86 -8.85 2.69
C ASP A 58 -5.60 -8.02 2.52
N ALA A 59 -5.29 -7.26 3.56
CA ALA A 59 -4.12 -6.40 3.57
C ALA A 59 -2.87 -7.21 3.89
N VAL A 60 -1.80 -6.92 3.16
CA VAL A 60 -0.55 -7.69 3.25
C VAL A 60 0.61 -6.73 3.22
N VAL A 61 1.81 -7.27 3.38
CA VAL A 61 3.02 -6.45 3.48
C VAL A 61 4.15 -7.07 2.67
N VAL A 62 4.87 -6.20 1.99
CA VAL A 62 5.91 -6.52 1.08
C VAL A 62 7.07 -5.55 1.26
N THR A 63 8.09 -5.77 0.46
CA THR A 63 9.34 -5.03 0.56
C THR A 63 9.66 -4.31 -0.77
N ALA A 64 10.94 -3.97 -0.94
CA ALA A 64 11.43 -3.28 -2.14
C ALA A 64 11.13 -4.03 -3.43
N THR A 65 11.41 -5.33 -3.49
CA THR A 65 11.15 -6.11 -4.70
C THR A 65 9.71 -6.05 -5.12
N GLU A 66 8.81 -6.48 -4.23
CA GLU A 66 7.39 -6.49 -4.55
C GLU A 66 6.92 -5.09 -4.95
N HIS A 67 7.61 -4.11 -4.40
CA HIS A 67 7.29 -2.71 -4.60
C HIS A 67 7.27 -2.28 -6.06
N ALA A 68 8.23 -2.73 -6.84
CA ALA A 68 8.41 -2.20 -8.20
C ALA A 68 7.14 -2.38 -9.04
N GLU A 69 6.94 -3.61 -9.46
CA GLU A 69 5.84 -3.98 -10.32
C GLU A 69 4.47 -3.62 -9.71
N ALA A 70 4.30 -4.06 -8.46
CA ALA A 70 3.08 -3.84 -7.74
C ALA A 70 2.77 -2.36 -7.65
N GLU A 71 3.73 -1.55 -7.24
CA GLU A 71 3.47 -0.12 -7.07
C GLU A 71 2.97 0.51 -8.36
N LYS A 72 3.45 0.06 -9.49
CA LYS A 72 2.86 0.54 -10.74
C LYS A 72 1.35 0.25 -10.78
N ARG A 73 1.00 -1.02 -10.99
CA ARG A 73 -0.42 -1.39 -11.17
C ARG A 73 -1.27 -0.95 -9.97
N ALA A 74 -0.90 -1.52 -8.85
CA ALA A 74 -1.57 -1.37 -7.59
C ALA A 74 -1.71 0.08 -7.12
N ALA A 75 -0.61 0.84 -7.10
CA ALA A 75 -0.69 2.24 -6.65
C ALA A 75 -1.69 3.03 -7.46
N ALA A 76 -1.77 2.73 -8.76
CA ALA A 76 -2.81 3.37 -9.58
C ALA A 76 -4.19 3.08 -8.98
N ARG A 77 -4.44 1.82 -8.67
CA ARG A 77 -5.68 1.39 -8.02
C ARG A 77 -5.91 2.11 -6.67
N ALA A 78 -5.02 1.80 -5.71
CA ALA A 78 -5.21 2.14 -4.29
C ALA A 78 -5.58 3.59 -4.05
N GLY A 79 -5.02 4.50 -4.84
CA GLY A 79 -5.21 5.90 -4.53
C GLY A 79 -6.02 6.64 -5.58
N HIS A 80 -6.70 5.88 -6.45
CA HIS A 80 -7.55 6.50 -7.46
C HIS A 80 -9.01 6.45 -7.02
N ALA A 81 -9.45 5.30 -6.55
CA ALA A 81 -10.84 5.12 -6.15
C ALA A 81 -10.99 5.26 -4.64
N ALA A 82 -11.13 6.49 -4.17
CA ALA A 82 -11.33 6.74 -2.75
C ALA A 82 -12.81 6.87 -2.42
N THR A 83 -13.49 5.73 -2.36
CA THR A 83 -14.90 5.69 -2.03
C THR A 83 -15.25 4.33 -1.43
N MET A 4 -1.66 -8.02 11.02
CA MET A 4 -0.22 -8.16 10.73
C MET A 4 0.58 -7.15 11.52
N HIS A 5 1.87 -7.04 11.24
CA HIS A 5 2.70 -6.02 11.88
C HIS A 5 3.65 -5.40 10.85
N ALA A 6 3.34 -4.18 10.45
CA ALA A 6 4.15 -3.48 9.45
C ALA A 6 5.05 -2.45 10.10
N LYS A 7 6.01 -1.96 9.33
CA LYS A 7 6.92 -0.92 9.80
C LYS A 7 7.07 0.15 8.72
N VAL A 8 7.76 1.21 9.05
CA VAL A 8 8.02 2.28 8.09
C VAL A 8 9.18 1.92 7.18
N GLY A 9 9.06 2.32 5.92
CA GLY A 9 10.07 2.00 4.95
C GLY A 9 9.77 0.68 4.29
N ASP A 10 8.59 0.17 4.55
CA ASP A 10 8.15 -1.09 3.95
C ASP A 10 7.08 -0.82 2.91
N TYR A 11 6.68 -1.85 2.20
CA TYR A 11 5.65 -1.74 1.19
C TYR A 11 4.34 -2.31 1.69
N LEU A 12 3.27 -1.61 1.39
CA LEU A 12 1.93 -2.01 1.76
C LEU A 12 1.25 -2.69 0.60
N VAL A 13 0.56 -3.77 0.90
CA VAL A 13 -0.26 -4.52 -0.03
C VAL A 13 -1.60 -4.80 0.66
N VAL A 14 -2.64 -5.10 -0.09
CA VAL A 14 -3.92 -5.50 0.47
C VAL A 14 -4.45 -6.75 -0.21
N LYS A 15 -4.86 -7.74 0.57
CA LYS A 15 -5.45 -8.95 0.01
C LYS A 15 -6.91 -8.69 -0.34
N GLY A 16 -7.09 -7.85 -1.34
CA GLY A 16 -8.41 -7.56 -1.86
C GLY A 16 -8.45 -7.80 -3.35
N THR A 17 -8.79 -9.02 -3.72
CA THR A 17 -8.70 -9.47 -5.11
C THR A 17 -9.47 -8.57 -6.07
N THR A 18 -8.74 -7.69 -6.74
CA THR A 18 -9.32 -6.81 -7.74
C THR A 18 -8.54 -6.93 -9.04
N THR A 19 -7.36 -6.31 -9.09
CA THR A 19 -6.47 -6.46 -10.23
C THR A 19 -5.61 -7.70 -10.03
N GLU A 20 -5.43 -8.03 -8.77
CA GLU A 20 -4.61 -9.16 -8.35
C GLU A 20 -5.12 -9.61 -6.98
N ARG A 21 -4.74 -10.81 -6.54
CA ARG A 21 -5.10 -11.28 -5.21
C ARG A 21 -4.53 -10.35 -4.15
N HIS A 22 -3.47 -9.66 -4.55
CA HIS A 22 -2.81 -8.69 -3.70
C HIS A 22 -2.75 -7.35 -4.42
N ASP A 23 -3.67 -6.46 -4.09
CA ASP A 23 -3.76 -5.16 -4.72
C ASP A 23 -3.26 -4.09 -3.77
N GLN A 24 -3.57 -2.81 -4.03
CA GLN A 24 -3.14 -1.68 -3.18
C GLN A 24 -1.67 -1.76 -2.80
N HIS A 25 -0.81 -1.11 -3.56
CA HIS A 25 0.62 -1.18 -3.32
C HIS A 25 1.23 0.20 -3.17
N ALA A 26 2.18 0.34 -2.23
CA ALA A 26 2.95 1.58 -2.06
C ALA A 26 3.98 1.42 -0.98
N GLU A 27 4.74 2.47 -0.72
CA GLU A 27 5.66 2.47 0.41
C GLU A 27 5.02 3.22 1.58
N ILE A 28 5.05 2.62 2.75
CA ILE A 28 4.50 3.25 3.93
C ILE A 28 5.58 3.95 4.73
N ILE A 29 5.52 5.27 4.74
CA ILE A 29 6.45 6.09 5.51
C ILE A 29 5.78 6.62 6.77
N GLU A 30 4.46 6.69 6.78
CA GLU A 30 3.74 7.03 7.99
C GLU A 30 2.75 5.94 8.33
N VAL A 31 3.16 5.09 9.28
CA VAL A 31 2.38 3.96 9.73
C VAL A 31 1.93 4.19 11.15
N ARG A 32 0.68 4.60 11.33
CA ARG A 32 0.16 4.92 12.64
C ARG A 32 -0.57 3.72 13.24
N SER A 33 -0.40 2.56 12.62
CA SER A 33 -1.05 1.35 13.09
C SER A 33 -0.09 0.17 13.06
N ALA A 34 0.05 -0.50 14.19
CA ALA A 34 0.95 -1.63 14.31
C ALA A 34 0.24 -2.92 13.92
N ASP A 35 -1.09 -2.88 13.98
CA ASP A 35 -1.90 -4.05 13.61
C ASP A 35 -2.17 -4.05 12.11
N GLY A 36 -2.21 -2.87 11.53
CA GLY A 36 -2.46 -2.76 10.11
C GLY A 36 -3.86 -2.28 9.83
N SER A 37 -4.10 -1.01 10.09
CA SER A 37 -5.42 -0.42 9.91
C SER A 37 -5.28 0.99 9.37
N PRO A 38 -5.99 1.31 8.28
CA PRO A 38 -6.01 2.66 7.69
C PRO A 38 -6.59 3.70 8.65
N PRO A 39 -6.39 5.00 8.36
CA PRO A 39 -5.71 5.48 7.16
C PRO A 39 -4.19 5.43 7.26
N TYR A 40 -3.55 5.38 6.10
CA TYR A 40 -2.09 5.37 6.02
C TYR A 40 -1.61 6.58 5.24
N VAL A 41 -0.45 7.10 5.58
CA VAL A 41 0.17 8.12 4.76
C VAL A 41 1.20 7.45 3.90
N VAL A 42 0.88 7.32 2.64
CA VAL A 42 1.58 6.42 1.76
C VAL A 42 2.33 7.18 0.67
N ARG A 43 3.37 6.55 0.15
CA ARG A 43 4.23 7.15 -0.84
C ARG A 43 4.38 6.22 -2.03
N TRP A 44 3.89 6.64 -3.19
CA TRP A 44 4.10 5.89 -4.41
C TRP A 44 5.52 6.10 -4.87
N LEU A 45 6.29 5.03 -4.98
CA LEU A 45 7.69 5.16 -5.33
C LEU A 45 7.87 5.15 -6.85
N VAL A 46 7.21 4.21 -7.50
CA VAL A 46 7.29 4.11 -8.94
C VAL A 46 6.22 4.94 -9.62
N ASN A 47 5.32 5.51 -8.84
CA ASN A 47 4.39 6.51 -9.34
C ASN A 47 4.95 7.90 -9.05
N GLY A 48 5.53 8.06 -7.86
CA GLY A 48 6.23 9.29 -7.52
C GLY A 48 5.33 10.36 -6.95
N HIS A 49 4.74 10.10 -5.78
CA HIS A 49 3.92 11.09 -5.10
C HIS A 49 3.51 10.59 -3.72
N GLU A 50 3.24 11.52 -2.82
CA GLU A 50 2.82 11.18 -1.46
C GLU A 50 1.38 11.61 -1.24
N THR A 51 0.64 10.84 -0.44
CA THR A 51 -0.74 11.19 -0.13
C THR A 51 -1.30 10.26 0.95
N THR A 52 -2.53 10.54 1.34
CA THR A 52 -3.20 9.77 2.37
C THR A 52 -4.31 8.93 1.74
N VAL A 53 -4.17 7.62 1.80
CA VAL A 53 -5.12 6.72 1.16
C VAL A 53 -5.66 5.68 2.13
N TYR A 54 -6.64 4.92 1.67
CA TYR A 54 -7.23 3.85 2.46
C TYR A 54 -7.04 2.52 1.74
N PRO A 55 -6.04 1.74 2.16
CA PRO A 55 -5.76 0.42 1.55
C PRO A 55 -6.88 -0.59 1.79
N GLY A 56 -7.44 -0.57 2.99
CA GLY A 56 -8.49 -1.50 3.34
C GLY A 56 -8.02 -2.51 4.36
N SER A 57 -8.73 -3.64 4.44
CA SER A 57 -8.36 -4.71 5.36
C SER A 57 -7.50 -5.74 4.65
N ASP A 58 -6.91 -6.66 5.42
CA ASP A 58 -6.07 -7.74 4.87
C ASP A 58 -4.80 -7.16 4.24
N ALA A 59 -4.31 -6.07 4.81
CA ALA A 59 -3.11 -5.43 4.28
C ALA A 59 -1.85 -6.20 4.67
N VAL A 60 -1.18 -6.75 3.67
CA VAL A 60 0.03 -7.54 3.86
C VAL A 60 1.26 -6.67 3.57
N VAL A 61 2.43 -7.09 4.03
CA VAL A 61 3.64 -6.30 3.87
C VAL A 61 4.61 -6.96 2.87
N VAL A 62 5.41 -6.14 2.22
CA VAL A 62 6.46 -6.60 1.31
C VAL A 62 7.58 -5.57 1.30
N THR A 63 8.68 -5.87 0.64
CA THR A 63 9.77 -4.93 0.47
C THR A 63 9.56 -4.11 -0.78
N ALA A 64 10.37 -3.06 -0.91
CA ALA A 64 10.22 -2.08 -1.97
C ALA A 64 10.13 -2.69 -3.36
N THR A 65 11.20 -3.32 -3.80
CA THR A 65 11.37 -3.63 -5.21
C THR A 65 10.51 -4.79 -5.69
N GLU A 66 10.19 -5.74 -4.80
CA GLU A 66 9.43 -6.92 -5.21
C GLU A 66 8.10 -6.53 -5.81
N HIS A 67 7.26 -5.89 -5.01
CA HIS A 67 5.95 -5.47 -5.47
C HIS A 67 5.96 -4.15 -6.27
N ALA A 68 7.05 -3.37 -6.18
CA ALA A 68 7.10 -1.99 -6.72
C ALA A 68 6.49 -1.86 -8.11
N GLU A 69 6.82 -2.76 -9.01
CA GLU A 69 6.29 -2.69 -10.37
C GLU A 69 4.75 -2.75 -10.34
N ALA A 70 4.27 -3.73 -9.58
CA ALA A 70 2.87 -3.88 -9.31
C ALA A 70 2.35 -2.70 -8.50
N GLU A 71 3.24 -1.93 -7.88
CA GLU A 71 2.86 -0.71 -7.18
C GLU A 71 2.50 0.35 -8.20
N LYS A 72 3.27 0.45 -9.27
CA LYS A 72 2.92 1.39 -10.32
C LYS A 72 1.48 1.12 -10.75
N ARG A 73 1.19 -0.14 -11.04
CA ARG A 73 -0.19 -0.53 -11.43
C ARG A 73 -1.22 -0.32 -10.31
N ALA A 74 -1.06 -1.08 -9.24
CA ALA A 74 -2.07 -1.16 -8.19
C ALA A 74 -2.17 0.11 -7.35
N ALA A 75 -1.16 0.96 -7.40
CA ALA A 75 -1.24 2.26 -6.74
C ALA A 75 -2.01 3.22 -7.60
N ALA A 76 -1.87 3.09 -8.93
CA ALA A 76 -2.75 3.81 -9.84
C ALA A 76 -4.21 3.50 -9.50
N ARG A 77 -4.46 2.27 -9.03
CA ARG A 77 -5.79 1.92 -8.51
C ARG A 77 -6.02 2.49 -7.10
N ALA A 78 -5.13 2.14 -6.17
CA ALA A 78 -5.23 2.53 -4.74
C ALA A 78 -5.45 4.03 -4.57
N GLY A 79 -4.61 4.84 -5.21
CA GLY A 79 -4.69 6.28 -5.01
C GLY A 79 -5.80 6.93 -5.83
N HIS A 80 -6.59 6.11 -6.49
CA HIS A 80 -7.70 6.60 -7.28
C HIS A 80 -8.98 6.63 -6.44
N ALA A 81 -8.99 5.85 -5.37
CA ALA A 81 -10.16 5.72 -4.53
C ALA A 81 -9.78 5.28 -3.12
N ALA A 82 -10.73 4.69 -2.41
CA ALA A 82 -10.48 4.17 -1.07
C ALA A 82 -11.24 2.87 -0.87
N THR A 83 -11.73 2.31 -1.97
CA THR A 83 -12.57 1.14 -1.91
C THR A 83 -12.31 0.22 -3.12
N MET A 4 -3.11 -7.04 8.78
CA MET A 4 -1.69 -7.48 8.83
C MET A 4 -0.92 -6.69 9.90
N HIS A 5 0.40 -6.74 9.82
CA HIS A 5 1.26 -6.02 10.74
C HIS A 5 2.44 -5.43 9.94
N ALA A 6 2.60 -4.11 9.98
CA ALA A 6 3.59 -3.46 9.13
C ALA A 6 4.34 -2.36 9.87
N LYS A 7 5.39 -1.86 9.23
CA LYS A 7 6.24 -0.83 9.82
C LYS A 7 6.62 0.19 8.73
N VAL A 8 7.14 1.33 9.13
CA VAL A 8 7.66 2.31 8.17
C VAL A 8 8.97 1.80 7.55
N GLY A 9 9.16 2.07 6.27
CA GLY A 9 10.29 1.52 5.55
C GLY A 9 9.89 0.24 4.85
N ASP A 10 8.59 0.08 4.74
CA ASP A 10 7.96 -1.15 4.21
C ASP A 10 6.82 -0.73 3.34
N TYR A 11 6.13 -1.70 2.80
CA TYR A 11 5.16 -1.45 1.76
C TYR A 11 3.91 -2.26 2.03
N LEU A 12 2.88 -1.96 1.25
CA LEU A 12 1.53 -2.43 1.55
C LEU A 12 0.86 -2.87 0.26
N VAL A 13 0.03 -3.90 0.37
CA VAL A 13 -0.69 -4.44 -0.77
C VAL A 13 -2.13 -4.79 -0.33
N VAL A 14 -2.96 -5.15 -1.28
CA VAL A 14 -4.32 -5.61 -1.02
C VAL A 14 -4.61 -6.80 -1.93
N LYS A 15 -5.17 -7.87 -1.35
CA LYS A 15 -5.43 -9.12 -2.07
C LYS A 15 -4.12 -9.84 -2.41
N GLY A 16 -4.25 -11.09 -2.80
CA GLY A 16 -3.11 -11.86 -3.21
C GLY A 16 -2.83 -13.03 -2.28
N THR A 17 -3.79 -13.33 -1.42
CA THR A 17 -3.61 -14.40 -0.45
C THR A 17 -4.12 -15.73 -1.02
N THR A 18 -5.25 -15.69 -1.72
CA THR A 18 -5.80 -16.88 -2.34
C THR A 18 -5.36 -16.96 -3.79
N THR A 19 -4.04 -16.95 -4.00
CA THR A 19 -3.42 -16.94 -5.33
C THR A 19 -4.03 -15.86 -6.22
N GLU A 20 -4.04 -14.64 -5.72
CA GLU A 20 -4.64 -13.50 -6.42
C GLU A 20 -3.55 -12.59 -6.96
N ARG A 21 -3.98 -11.58 -7.71
CA ARG A 21 -3.09 -10.50 -8.14
C ARG A 21 -2.85 -9.56 -6.96
N HIS A 22 -1.61 -9.18 -6.73
CA HIS A 22 -1.29 -8.25 -5.66
C HIS A 22 -1.50 -6.82 -6.12
N ASP A 23 -2.62 -6.24 -5.74
CA ASP A 23 -2.99 -4.91 -6.21
C ASP A 23 -3.00 -3.93 -5.04
N GLN A 24 -3.32 -2.65 -5.32
CA GLN A 24 -3.24 -1.55 -4.33
C GLN A 24 -1.95 -1.61 -3.49
N HIS A 25 -0.92 -0.86 -3.92
CA HIS A 25 0.42 -0.99 -3.34
C HIS A 25 1.08 0.38 -3.14
N ALA A 26 1.56 0.57 -1.93
CA ALA A 26 2.17 1.81 -1.45
C ALA A 26 3.38 1.49 -0.60
N GLU A 27 4.00 2.54 -0.08
CA GLU A 27 5.10 2.36 0.87
C GLU A 27 4.93 3.34 1.99
N ILE A 28 4.95 2.75 3.18
CA ILE A 28 4.61 3.44 4.39
C ILE A 28 5.83 4.19 4.90
N ILE A 29 5.76 5.52 4.77
CA ILE A 29 6.77 6.42 5.29
C ILE A 29 6.25 7.14 6.51
N GLU A 30 4.95 7.05 6.72
CA GLU A 30 4.32 7.59 7.90
C GLU A 30 3.27 6.59 8.38
N VAL A 31 3.23 6.37 9.68
CA VAL A 31 2.51 5.24 10.24
C VAL A 31 1.77 5.69 11.49
N ARG A 32 0.44 5.78 11.38
CA ARG A 32 -0.38 6.27 12.50
C ARG A 32 -0.44 5.26 13.64
N SER A 33 -0.12 4.01 13.33
CA SER A 33 -0.06 2.97 14.35
C SER A 33 0.93 1.89 13.90
N ALA A 34 2.01 1.75 14.67
CA ALA A 34 3.10 0.84 14.31
C ALA A 34 2.69 -0.62 14.51
N ASP A 35 1.47 -0.84 14.96
CA ASP A 35 0.95 -2.20 15.10
C ASP A 35 0.17 -2.60 13.85
N GLY A 36 -0.10 -1.63 13.00
CA GLY A 36 -0.83 -1.90 11.77
C GLY A 36 -2.30 -1.54 11.89
N SER A 37 -2.58 -0.26 11.93
CA SER A 37 -3.96 0.22 12.04
C SER A 37 -4.18 1.39 11.08
N PRO A 38 -5.21 1.29 10.21
CA PRO A 38 -5.54 2.35 9.26
C PRO A 38 -6.10 3.59 9.95
N PRO A 39 -5.94 4.77 9.32
CA PRO A 39 -5.32 4.94 8.01
C PRO A 39 -3.80 4.92 8.06
N TYR A 40 -3.22 5.26 6.93
CA TYR A 40 -1.78 5.34 6.79
C TYR A 40 -1.42 6.58 5.99
N VAL A 41 -0.14 6.87 5.91
CA VAL A 41 0.33 8.04 5.21
C VAL A 41 1.54 7.60 4.43
N VAL A 42 1.40 7.70 3.13
CA VAL A 42 2.08 6.80 2.25
C VAL A 42 2.63 7.54 1.04
N ARG A 43 3.34 6.82 0.20
CA ARG A 43 3.82 7.37 -1.04
C ARG A 43 3.66 6.35 -2.15
N TRP A 44 3.21 6.81 -3.31
CA TRP A 44 3.25 5.97 -4.50
C TRP A 44 4.62 6.16 -5.12
N LEU A 45 5.60 5.42 -4.62
CA LEU A 45 7.00 5.72 -4.92
C LEU A 45 7.30 5.63 -6.40
N VAL A 46 7.25 4.41 -6.91
CA VAL A 46 7.60 4.14 -8.29
C VAL A 46 6.68 4.90 -9.25
N ASN A 47 5.43 5.06 -8.83
CA ASN A 47 4.49 5.90 -9.55
C ASN A 47 4.96 7.36 -9.62
N GLY A 48 5.43 7.86 -8.49
CA GLY A 48 5.93 9.22 -8.43
C GLY A 48 4.98 10.18 -7.70
N HIS A 49 4.37 9.71 -6.62
CA HIS A 49 3.43 10.54 -5.86
C HIS A 49 3.60 10.36 -4.36
N GLU A 50 2.89 11.19 -3.58
CA GLU A 50 2.89 11.12 -2.13
C GLU A 50 1.47 11.33 -1.63
N THR A 51 0.99 10.41 -0.78
CA THR A 51 -0.43 10.24 -0.56
C THR A 51 -0.80 9.99 0.91
N THR A 52 -2.09 9.84 1.14
CA THR A 52 -2.64 9.33 2.39
C THR A 52 -3.78 8.40 2.01
N VAL A 53 -3.74 7.16 2.49
CA VAL A 53 -4.56 6.13 1.88
C VAL A 53 -5.20 5.20 2.91
N TYR A 54 -6.19 4.44 2.44
CA TYR A 54 -6.92 3.47 3.24
C TYR A 54 -7.13 2.21 2.40
N PRO A 55 -6.29 1.19 2.61
CA PRO A 55 -6.38 -0.07 1.85
C PRO A 55 -7.62 -0.88 2.25
N GLY A 56 -8.55 -1.04 1.32
CA GLY A 56 -9.76 -1.81 1.59
C GLY A 56 -9.50 -3.32 1.56
N SER A 57 -8.98 -3.85 2.67
CA SER A 57 -8.60 -5.25 2.76
C SER A 57 -7.99 -5.51 4.14
N ASP A 58 -7.57 -6.75 4.39
CA ASP A 58 -6.79 -7.05 5.58
C ASP A 58 -5.39 -6.45 5.42
N ALA A 59 -5.07 -6.09 4.17
CA ALA A 59 -3.84 -5.37 3.86
C ALA A 59 -2.67 -6.36 3.78
N VAL A 60 -1.59 -5.95 3.17
CA VAL A 60 -0.42 -6.82 2.98
C VAL A 60 0.84 -6.01 3.23
N VAL A 61 1.99 -6.68 3.30
CA VAL A 61 3.25 -6.03 3.59
C VAL A 61 4.33 -6.61 2.69
N VAL A 62 5.04 -5.73 2.01
CA VAL A 62 6.02 -6.13 1.03
C VAL A 62 7.26 -5.26 1.15
N THR A 63 8.25 -5.58 0.33
CA THR A 63 9.53 -4.90 0.35
C THR A 63 9.84 -4.23 -1.00
N ALA A 64 11.10 -3.83 -1.17
CA ALA A 64 11.53 -3.06 -2.34
C ALA A 64 11.25 -3.75 -3.67
N THR A 65 11.60 -5.02 -3.82
CA THR A 65 11.42 -5.70 -5.10
C THR A 65 9.98 -5.64 -5.58
N GLU A 66 9.10 -6.14 -4.73
CA GLU A 66 7.68 -6.25 -5.05
C GLU A 66 7.14 -4.88 -5.43
N HIS A 67 7.73 -3.87 -4.82
CA HIS A 67 7.31 -2.48 -4.98
C HIS A 67 7.33 -2.00 -6.43
N ALA A 68 8.34 -2.36 -7.21
CA ALA A 68 8.49 -1.76 -8.53
C ALA A 68 7.25 -1.97 -9.39
N GLU A 69 7.15 -3.18 -9.89
CA GLU A 69 6.05 -3.61 -10.77
C GLU A 69 4.68 -3.43 -10.11
N ALA A 70 4.53 -4.12 -8.99
CA ALA A 70 3.26 -4.18 -8.28
C ALA A 70 2.78 -2.79 -7.92
N GLU A 71 3.60 -2.02 -7.21
CA GLU A 71 3.18 -0.71 -6.73
C GLU A 71 2.76 0.19 -7.88
N LYS A 72 3.40 0.09 -9.04
CA LYS A 72 2.95 0.87 -10.18
C LYS A 72 1.49 0.59 -10.49
N ARG A 73 1.19 -0.64 -10.91
CA ARG A 73 -0.21 -0.99 -11.25
C ARG A 73 -1.15 -0.74 -10.05
N ALA A 74 -0.76 -1.35 -8.96
CA ALA A 74 -1.51 -1.40 -7.74
C ALA A 74 -1.85 -0.01 -7.19
N ALA A 75 -0.89 0.91 -7.17
CA ALA A 75 -1.15 2.24 -6.64
C ALA A 75 -2.10 3.01 -7.54
N ALA A 76 -1.99 2.74 -8.84
CA ALA A 76 -2.92 3.32 -9.80
C ALA A 76 -4.36 3.00 -9.39
N ARG A 77 -4.58 1.79 -8.87
CA ARG A 77 -5.89 1.45 -8.30
C ARG A 77 -6.12 1.97 -6.87
N ALA A 78 -5.14 1.76 -5.98
CA ALA A 78 -5.23 2.17 -4.57
C ALA A 78 -5.72 3.60 -4.41
N GLY A 79 -5.07 4.52 -5.12
CA GLY A 79 -5.46 5.92 -5.06
C GLY A 79 -6.45 6.28 -6.15
N HIS A 80 -7.31 5.34 -6.48
CA HIS A 80 -8.32 5.54 -7.51
C HIS A 80 -9.70 5.17 -6.97
N ALA A 81 -9.78 4.02 -6.32
CA ALA A 81 -11.03 3.55 -5.76
C ALA A 81 -11.23 4.06 -4.34
N ALA A 82 -10.24 4.77 -3.83
CA ALA A 82 -10.28 5.31 -2.48
C ALA A 82 -11.23 6.49 -2.39
N THR A 83 -12.12 6.43 -1.41
CA THR A 83 -13.05 7.52 -1.16
C THR A 83 -12.62 8.27 0.10
#